data_1IJT
# 
_entry.id   1IJT 
# 
_audit_conform.dict_name       mmcif_pdbx.dic 
_audit_conform.dict_version    5.376 
_audit_conform.dict_location   http://mmcif.pdb.org/dictionaries/ascii/mmcif_pdbx.dic 
# 
loop_
_database_2.database_id 
_database_2.database_code 
_database_2.pdbx_database_accession 
_database_2.pdbx_DOI 
PDB   1IJT         pdb_00001ijt 10.2210/pdb1ijt/pdb 
RCSB  RCSB013344   ?            ?                   
WWPDB D_1000013344 ?            ?                   
# 
_pdbx_database_related.db_name        PDB 
_pdbx_database_related.db_id          1IHK 
_pdbx_database_related.details        '1IHK is the Crystal Structure of Fibroblast Growth Factor 9 (FGF9)' 
_pdbx_database_related.content_type   unspecified 
# 
_pdbx_database_status.status_code                     REL 
_pdbx_database_status.entry_id                        1IJT 
_pdbx_database_status.recvd_initial_deposition_date   2001-04-29 
_pdbx_database_status.deposit_site                    RCSB 
_pdbx_database_status.process_site                    RCSB 
_pdbx_database_status.SG_entry                        . 
_pdbx_database_status.pdb_format_compatible           Y 
_pdbx_database_status.status_code_mr                  ? 
_pdbx_database_status.status_code_sf                  ? 
_pdbx_database_status.status_code_cs                  ? 
_pdbx_database_status.status_code_nmr_data            ? 
_pdbx_database_status.methods_development_category    ? 
# 
loop_
_audit_author.name 
_audit_author.pdbx_ordinal 
'Bellosta, P.'      1 
'Plotnikov, A.N.'   2 
'Eliseenkova, A.V.' 3 
'Basilico, C.'      4 
'Mohammadi, M.'     5 
# 
_citation.id                        primary 
_citation.title                     
'Identification of receptor and heparin binding sites in fibroblast growth factor 4 by structure-based mutagenesis.' 
_citation.journal_abbrev            Mol.Cell.Biol. 
_citation.journal_volume            21 
_citation.page_first                5946 
_citation.page_last                 5957 
_citation.year                      2001 
_citation.journal_id_ASTM           MCEBD4 
_citation.country                   US 
_citation.journal_id_ISSN           0270-7306 
_citation.journal_id_CSD            2044 
_citation.book_publisher            ? 
_citation.pdbx_database_id_PubMed   11486033 
_citation.pdbx_database_id_DOI      10.1128/MCB.21.17.5946-5957.2001 
# 
loop_
_citation_author.citation_id 
_citation_author.name 
_citation_author.ordinal 
_citation_author.identifier_ORCID 
primary 'Bellosta, P.'      1 ? 
primary 'Iwahori, A.'       2 ? 
primary 'Plotnikov, A.N.'   3 ? 
primary 'Eliseenkova, A.V.' 4 ? 
primary 'Basilico, C.'      5 ? 
primary 'Mohammadi, M.'     6 ? 
# 
_cell.entry_id           1IJT 
_cell.length_a           40.367 
_cell.length_b           53.295 
_cell.length_c           56.231 
_cell.angle_alpha        90.00 
_cell.angle_beta         90.00 
_cell.angle_gamma        90.00 
_cell.Z_PDB              4 
_cell.pdbx_unique_axis   ? 
# 
_symmetry.entry_id                         1IJT 
_symmetry.space_group_name_H-M             'P 21 21 21' 
_symmetry.pdbx_full_space_group_name_H-M   ? 
_symmetry.cell_setting                     ? 
_symmetry.Int_Tables_number                19 
# 
loop_
_entity.id 
_entity.type 
_entity.src_method 
_entity.pdbx_description 
_entity.formula_weight 
_entity.pdbx_number_of_molecules 
_entity.pdbx_ec 
_entity.pdbx_mutation 
_entity.pdbx_fragment 
_entity.details 
1 polymer     man 'fibroblast growth factor 4' 14270.591 1  ? S182G 'b-trefoil domain' ? 
2 non-polymer syn 'SULFATE ION'                96.063    3  ? ?     ?                  ? 
3 water       nat water                        18.015    96 ? ?     ?                  ? 
# 
_entity_name_com.entity_id   1 
_entity_name_com.name        FGF4 
# 
_entity_poly.entity_id                      1 
_entity_poly.type                           'polypeptide(L)' 
_entity_poly.nstd_linkage                   no 
_entity_poly.nstd_monomer                   no 
_entity_poly.pdbx_seq_one_letter_code       
;GIKRLRRLYCNVGIGFHLQALPDGRIGGAHADTRDSLLELSPVERGVVSIFGVASRFFVAMSSKGKLYGSPFFTDECTFK
EILLPNNYNAYESYKYPGMFIALGKNGKTKKGNRVSPTMKVTHFLPRL
;
_entity_poly.pdbx_seq_one_letter_code_can   
;GIKRLRRLYCNVGIGFHLQALPDGRIGGAHADTRDSLLELSPVERGVVSIFGVASRFFVAMSSKGKLYGSPFFTDECTFK
EILLPNNYNAYESYKYPGMFIALGKNGKTKKGNRVSPTMKVTHFLPRL
;
_entity_poly.pdbx_strand_id                 A 
_entity_poly.pdbx_target_identifier         ? 
# 
loop_
_entity_poly_seq.entity_id 
_entity_poly_seq.num 
_entity_poly_seq.mon_id 
_entity_poly_seq.hetero 
1 1   GLY n 
1 2   ILE n 
1 3   LYS n 
1 4   ARG n 
1 5   LEU n 
1 6   ARG n 
1 7   ARG n 
1 8   LEU n 
1 9   TYR n 
1 10  CYS n 
1 11  ASN n 
1 12  VAL n 
1 13  GLY n 
1 14  ILE n 
1 15  GLY n 
1 16  PHE n 
1 17  HIS n 
1 18  LEU n 
1 19  GLN n 
1 20  ALA n 
1 21  LEU n 
1 22  PRO n 
1 23  ASP n 
1 24  GLY n 
1 25  ARG n 
1 26  ILE n 
1 27  GLY n 
1 28  GLY n 
1 29  ALA n 
1 30  HIS n 
1 31  ALA n 
1 32  ASP n 
1 33  THR n 
1 34  ARG n 
1 35  ASP n 
1 36  SER n 
1 37  LEU n 
1 38  LEU n 
1 39  GLU n 
1 40  LEU n 
1 41  SER n 
1 42  PRO n 
1 43  VAL n 
1 44  GLU n 
1 45  ARG n 
1 46  GLY n 
1 47  VAL n 
1 48  VAL n 
1 49  SER n 
1 50  ILE n 
1 51  PHE n 
1 52  GLY n 
1 53  VAL n 
1 54  ALA n 
1 55  SER n 
1 56  ARG n 
1 57  PHE n 
1 58  PHE n 
1 59  VAL n 
1 60  ALA n 
1 61  MET n 
1 62  SER n 
1 63  SER n 
1 64  LYS n 
1 65  GLY n 
1 66  LYS n 
1 67  LEU n 
1 68  TYR n 
1 69  GLY n 
1 70  SER n 
1 71  PRO n 
1 72  PHE n 
1 73  PHE n 
1 74  THR n 
1 75  ASP n 
1 76  GLU n 
1 77  CYS n 
1 78  THR n 
1 79  PHE n 
1 80  LYS n 
1 81  GLU n 
1 82  ILE n 
1 83  LEU n 
1 84  LEU n 
1 85  PRO n 
1 86  ASN n 
1 87  ASN n 
1 88  TYR n 
1 89  ASN n 
1 90  ALA n 
1 91  TYR n 
1 92  GLU n 
1 93  SER n 
1 94  TYR n 
1 95  LYS n 
1 96  TYR n 
1 97  PRO n 
1 98  GLY n 
1 99  MET n 
1 100 PHE n 
1 101 ILE n 
1 102 ALA n 
1 103 LEU n 
1 104 GLY n 
1 105 LYS n 
1 106 ASN n 
1 107 GLY n 
1 108 LYS n 
1 109 THR n 
1 110 LYS n 
1 111 LYS n 
1 112 GLY n 
1 113 ASN n 
1 114 ARG n 
1 115 VAL n 
1 116 SER n 
1 117 PRO n 
1 118 THR n 
1 119 MET n 
1 120 LYS n 
1 121 VAL n 
1 122 THR n 
1 123 HIS n 
1 124 PHE n 
1 125 LEU n 
1 126 PRO n 
1 127 ARG n 
1 128 LEU n 
# 
_entity_src_gen.entity_id                          1 
_entity_src_gen.pdbx_src_id                        1 
_entity_src_gen.pdbx_alt_source_flag               sample 
_entity_src_gen.pdbx_seq_type                      ? 
_entity_src_gen.pdbx_beg_seq_num                   ? 
_entity_src_gen.pdbx_end_seq_num                   ? 
_entity_src_gen.gene_src_common_name               human 
_entity_src_gen.gene_src_genus                     Homo 
_entity_src_gen.pdbx_gene_src_gene                 ? 
_entity_src_gen.gene_src_species                   ? 
_entity_src_gen.gene_src_strain                    ? 
_entity_src_gen.gene_src_tissue                    ? 
_entity_src_gen.gene_src_tissue_fraction           ? 
_entity_src_gen.gene_src_details                   ? 
_entity_src_gen.pdbx_gene_src_fragment             ? 
_entity_src_gen.pdbx_gene_src_scientific_name      'Homo sapiens' 
_entity_src_gen.pdbx_gene_src_ncbi_taxonomy_id     9606 
_entity_src_gen.pdbx_gene_src_variant              ? 
_entity_src_gen.pdbx_gene_src_cell_line            ? 
_entity_src_gen.pdbx_gene_src_atcc                 ? 
_entity_src_gen.pdbx_gene_src_organ                ? 
_entity_src_gen.pdbx_gene_src_organelle            ? 
_entity_src_gen.pdbx_gene_src_cell                 ? 
_entity_src_gen.pdbx_gene_src_cellular_location    ? 
_entity_src_gen.host_org_common_name               ? 
_entity_src_gen.pdbx_host_org_scientific_name      'Escherichia coli BL21(DE3)' 
_entity_src_gen.pdbx_host_org_ncbi_taxonomy_id     469008 
_entity_src_gen.host_org_genus                     Escherichia 
_entity_src_gen.pdbx_host_org_gene                 ? 
_entity_src_gen.pdbx_host_org_organ                ? 
_entity_src_gen.host_org_species                   'Escherichia coli' 
_entity_src_gen.pdbx_host_org_tissue               ? 
_entity_src_gen.pdbx_host_org_tissue_fraction      ? 
_entity_src_gen.pdbx_host_org_strain               'BL21(DE3)' 
_entity_src_gen.pdbx_host_org_variant              ? 
_entity_src_gen.pdbx_host_org_cell_line            ? 
_entity_src_gen.pdbx_host_org_atcc                 ? 
_entity_src_gen.pdbx_host_org_culture_collection   ? 
_entity_src_gen.pdbx_host_org_cell                 ? 
_entity_src_gen.pdbx_host_org_organelle            ? 
_entity_src_gen.pdbx_host_org_cellular_location    ? 
_entity_src_gen.pdbx_host_org_vector_type          PLASMID 
_entity_src_gen.pdbx_host_org_vector               ? 
_entity_src_gen.host_org_details                   ? 
_entity_src_gen.expression_system_id               ? 
_entity_src_gen.plasmid_name                       pET-15b 
_entity_src_gen.plasmid_details                    ? 
_entity_src_gen.pdbx_description                   ? 
# 
_struct_ref.id                         1 
_struct_ref.db_name                    UNP 
_struct_ref.db_code                    FGF4_HUMAN 
_struct_ref.entity_id                  1 
_struct_ref.pdbx_seq_one_letter_code   
;GIKRLRRLYCNVGIGFHLQALPDGRIGGAHADTRDSLLELSPVERGVVSIFGVASRFFVAMSSKGKLYGSPFFTDECTFK
EILLPNNYNAYESYKYPGMFIALSKNGKTKKGNRVSPTMKVTHFLPRL
;
_struct_ref.pdbx_align_begin           79 
_struct_ref.pdbx_db_accession          P08620 
_struct_ref.pdbx_db_isoform            ? 
# 
_struct_ref_seq.align_id                      1 
_struct_ref_seq.ref_id                        1 
_struct_ref_seq.pdbx_PDB_id_code              1IJT 
_struct_ref_seq.pdbx_strand_id                A 
_struct_ref_seq.seq_align_beg                 1 
_struct_ref_seq.pdbx_seq_align_beg_ins_code   ? 
_struct_ref_seq.seq_align_end                 128 
_struct_ref_seq.pdbx_seq_align_end_ins_code   ? 
_struct_ref_seq.pdbx_db_accession             P08620 
_struct_ref_seq.db_align_beg                  79 
_struct_ref_seq.pdbx_db_align_beg_ins_code    ? 
_struct_ref_seq.db_align_end                  206 
_struct_ref_seq.pdbx_db_align_end_ins_code    ? 
_struct_ref_seq.pdbx_auth_seq_align_beg       79 
_struct_ref_seq.pdbx_auth_seq_align_end       206 
# 
_struct_ref_seq_dif.align_id                     1 
_struct_ref_seq_dif.pdbx_pdb_id_code             1IJT 
_struct_ref_seq_dif.mon_id                       GLY 
_struct_ref_seq_dif.pdbx_pdb_strand_id           A 
_struct_ref_seq_dif.seq_num                      104 
_struct_ref_seq_dif.pdbx_pdb_ins_code            ? 
_struct_ref_seq_dif.pdbx_seq_db_name             UNP 
_struct_ref_seq_dif.pdbx_seq_db_accession_code   P08620 
_struct_ref_seq_dif.db_mon_id                    SER 
_struct_ref_seq_dif.pdbx_seq_db_seq_num          182 
_struct_ref_seq_dif.details                      'engineered mutation' 
_struct_ref_seq_dif.pdbx_auth_seq_num            182 
_struct_ref_seq_dif.pdbx_ordinal                 1 
# 
loop_
_chem_comp.id 
_chem_comp.type 
_chem_comp.mon_nstd_flag 
_chem_comp.name 
_chem_comp.pdbx_synonyms 
_chem_comp.formula 
_chem_comp.formula_weight 
ALA 'L-peptide linking' y ALANINE         ? 'C3 H7 N O2'     89.093  
ARG 'L-peptide linking' y ARGININE        ? 'C6 H15 N4 O2 1' 175.209 
ASN 'L-peptide linking' y ASPARAGINE      ? 'C4 H8 N2 O3'    132.118 
ASP 'L-peptide linking' y 'ASPARTIC ACID' ? 'C4 H7 N O4'     133.103 
CYS 'L-peptide linking' y CYSTEINE        ? 'C3 H7 N O2 S'   121.158 
GLN 'L-peptide linking' y GLUTAMINE       ? 'C5 H10 N2 O3'   146.144 
GLU 'L-peptide linking' y 'GLUTAMIC ACID' ? 'C5 H9 N O4'     147.129 
GLY 'peptide linking'   y GLYCINE         ? 'C2 H5 N O2'     75.067  
HIS 'L-peptide linking' y HISTIDINE       ? 'C6 H10 N3 O2 1' 156.162 
HOH non-polymer         . WATER           ? 'H2 O'           18.015  
ILE 'L-peptide linking' y ISOLEUCINE      ? 'C6 H13 N O2'    131.173 
LEU 'L-peptide linking' y LEUCINE         ? 'C6 H13 N O2'    131.173 
LYS 'L-peptide linking' y LYSINE          ? 'C6 H15 N2 O2 1' 147.195 
MET 'L-peptide linking' y METHIONINE      ? 'C5 H11 N O2 S'  149.211 
PHE 'L-peptide linking' y PHENYLALANINE   ? 'C9 H11 N O2'    165.189 
PRO 'L-peptide linking' y PROLINE         ? 'C5 H9 N O2'     115.130 
SER 'L-peptide linking' y SERINE          ? 'C3 H7 N O3'     105.093 
SO4 non-polymer         . 'SULFATE ION'   ? 'O4 S -2'        96.063  
THR 'L-peptide linking' y THREONINE       ? 'C4 H9 N O3'     119.119 
TYR 'L-peptide linking' y TYROSINE        ? 'C9 H11 N O3'    181.189 
VAL 'L-peptide linking' y VALINE          ? 'C5 H11 N O2'    117.146 
# 
_exptl.entry_id          1IJT 
_exptl.method            'X-RAY DIFFRACTION' 
_exptl.crystals_number   1 
# 
_exptl_crystal.id                    1 
_exptl_crystal.density_meas          ? 
_exptl_crystal.density_Matthews      2.12 
_exptl_crystal.density_percent_sol   41.93 
_exptl_crystal.description           ? 
# 
_exptl_crystal_grow.crystal_id      1 
_exptl_crystal_grow.method          'VAPOR DIFFUSION, HANGING DROP' 
_exptl_crystal_grow.temp            298.0 
_exptl_crystal_grow.temp_details    ? 
_exptl_crystal_grow.pH              7.5 
_exptl_crystal_grow.pdbx_details    'PEG 8000, ammonium sulfate, pH 7.5, VAPOR DIFFUSION, HANGING DROP, temperature 298.0K' 
_exptl_crystal_grow.pdbx_pH_range   . 
# 
_diffrn.id                     1 
_diffrn.ambient_temp           100.0 
_diffrn.ambient_temp_details   ? 
_diffrn.crystal_id             1 
# 
_diffrn_detector.diffrn_id              1 
_diffrn_detector.detector               'IMAGE PLATE' 
_diffrn_detector.type                   'RIGAKU RAXIS IV' 
_diffrn_detector.pdbx_collection_date   1998-11-15 
_diffrn_detector.details                ? 
# 
_diffrn_radiation.diffrn_id                        1 
_diffrn_radiation.wavelength_id                    1 
_diffrn_radiation.pdbx_monochromatic_or_laue_m_l   M 
_diffrn_radiation.monochromator                    'Ni FILTER' 
_diffrn_radiation.pdbx_diffrn_protocol             'SINGLE WAVELENGTH' 
_diffrn_radiation.pdbx_scattering_type             x-ray 
# 
_diffrn_radiation_wavelength.id           1 
_diffrn_radiation_wavelength.wavelength   0.97940 
_diffrn_radiation_wavelength.wt           1.0 
# 
_diffrn_source.diffrn_id                   1 
_diffrn_source.source                      SYNCHROTRON 
_diffrn_source.type                        'NSLS BEAMLINE X4A' 
_diffrn_source.pdbx_synchrotron_site       NSLS 
_diffrn_source.pdbx_synchrotron_beamline   X4A 
_diffrn_source.pdbx_wavelength             ? 
_diffrn_source.pdbx_wavelength_list        0.97940 
# 
_reflns.entry_id                     1IJT 
_reflns.observed_criterion_sigma_I   0.00 
_reflns.observed_criterion_sigma_F   ? 
_reflns.d_resolution_low             25.0 
_reflns.d_resolution_high            1.8 
_reflns.number_obs                   40562 
_reflns.number_all                   40562 
_reflns.percent_possible_obs         99.6 
_reflns.pdbx_Rmerge_I_obs            0.0510000 
_reflns.pdbx_Rsym_value              ? 
_reflns.pdbx_netI_over_sigmaI        16.5 
_reflns.B_iso_Wilson_estimate        ? 
_reflns.pdbx_redundancy              3.5 
_reflns.R_free_details               ? 
_reflns.limit_h_max                  ? 
_reflns.limit_h_min                  ? 
_reflns.limit_k_max                  ? 
_reflns.limit_k_min                  ? 
_reflns.limit_l_max                  ? 
_reflns.limit_l_min                  ? 
_reflns.observed_criterion_F_max     ? 
_reflns.observed_criterion_F_min     ? 
_reflns.pdbx_diffrn_id               1 
_reflns.pdbx_ordinal                 1 
# 
_reflns_shell.d_res_high             1.80 
_reflns_shell.d_res_low              1.86 
_reflns_shell.percent_possible_all   99.5 
_reflns_shell.Rmerge_I_obs           0.1090000 
_reflns_shell.pdbx_Rsym_value        ? 
_reflns_shell.meanI_over_sigI_obs    ? 
_reflns_shell.pdbx_redundancy        ? 
_reflns_shell.percent_possible_obs   ? 
_reflns_shell.number_unique_all      ? 
_reflns_shell.pdbx_diffrn_id         ? 
_reflns_shell.pdbx_ordinal           1 
# 
_refine.entry_id                                 1IJT 
_refine.ls_number_reflns_obs                     11488 
_refine.ls_number_reflns_all                     11488 
_refine.pdbx_ls_sigma_I                          ? 
_refine.pdbx_ls_sigma_F                          0.00 
_refine.pdbx_data_cutoff_high_absF               ? 
_refine.pdbx_data_cutoff_low_absF                ? 
_refine.ls_d_res_low                             25.0 
_refine.ls_d_res_high                            1.80 
_refine.ls_percent_reflns_obs                    97.9 
_refine.ls_R_factor_obs                          ? 
_refine.ls_R_factor_all                          ? 
_refine.ls_R_factor_R_work                       0.1943000 
_refine.ls_R_factor_R_free                       0.2067000 
_refine.ls_R_factor_R_free_error                 ? 
_refine.ls_R_factor_R_free_error_details         ? 
_refine.ls_percent_reflns_R_free                 5.1 
_refine.ls_number_reflns_R_free                  594 
_refine.ls_number_parameters                     ? 
_refine.ls_number_restraints                     ? 
_refine.occupancy_min                            ? 
_refine.occupancy_max                            ? 
_refine.B_iso_mean                               ? 
_refine.aniso_B[1][1]                            -3.650 
_refine.aniso_B[2][2]                            0.683 
_refine.aniso_B[3][3]                            2.967 
_refine.aniso_B[1][2]                            0.000 
_refine.aniso_B[1][3]                            0.000 
_refine.aniso_B[2][3]                            0.000 
_refine.solvent_model_details                    CNS 
_refine.solvent_model_param_ksol                 0.571 
_refine.solvent_model_param_bsol                 74.852 
_refine.pdbx_ls_cross_valid_method               ? 
_refine.details                                  ? 
_refine.pdbx_starting_model                      'PDB ENTRY 2FGF' 
_refine.pdbx_method_to_determine_struct          'MOLECULAR REPLACEMENT' 
_refine.pdbx_isotropic_thermal_model             ? 
_refine.pdbx_stereochemistry_target_values       'Engh & Huber' 
_refine.pdbx_stereochem_target_val_spec_case     ? 
_refine.pdbx_R_Free_selection_details            RANDOM 
_refine.pdbx_overall_ESU_R_Free                  ? 
_refine.overall_SU_B                             ? 
_refine.ls_redundancy_reflns_obs                 ? 
_refine.B_iso_min                                ? 
_refine.B_iso_max                                ? 
_refine.correlation_coeff_Fo_to_Fc               ? 
_refine.correlation_coeff_Fo_to_Fc_free          ? 
_refine.overall_SU_R_Cruickshank_DPI             ? 
_refine.overall_SU_R_free                        ? 
_refine.overall_SU_ML                            ? 
_refine.pdbx_overall_ESU_R                       ? 
_refine.pdbx_data_cutoff_high_rms_absF           ? 
_refine.pdbx_refine_id                           'X-RAY DIFFRACTION' 
_refine.pdbx_diffrn_id                           1 
_refine.pdbx_TLS_residual_ADP_flag               ? 
_refine.pdbx_solvent_vdw_probe_radii             ? 
_refine.pdbx_solvent_ion_probe_radii             ? 
_refine.pdbx_solvent_shrinkage_radii             ? 
_refine.pdbx_overall_phase_error                 ? 
_refine.pdbx_overall_SU_R_free_Cruickshank_DPI   ? 
_refine.pdbx_overall_SU_R_Blow_DPI               ? 
_refine.pdbx_overall_SU_R_free_Blow_DPI          ? 
# 
_refine_hist.pdbx_refine_id                   'X-RAY DIFFRACTION' 
_refine_hist.cycle_id                         LAST 
_refine_hist.pdbx_number_atoms_protein        993 
_refine_hist.pdbx_number_atoms_nucleic_acid   0 
_refine_hist.pdbx_number_atoms_ligand         15 
_refine_hist.number_atoms_solvent             96 
_refine_hist.number_atoms_total               1104 
_refine_hist.d_res_high                       1.80 
_refine_hist.d_res_low                        25.0 
# 
loop_
_refine_ls_restr.type 
_refine_ls_restr.dev_ideal 
_refine_ls_restr.dev_ideal_target 
_refine_ls_restr.weight 
_refine_ls_restr.number 
_refine_ls_restr.pdbx_refine_id 
_refine_ls_restr.pdbx_restraint_function 
c_bond_d           0.004596 ?   ? ? 'X-RAY DIFFRACTION' ? 
c_angle_d          1.31288  ?   ? ? 'X-RAY DIFFRACTION' ? 
c_angle_deg        1.3      ?   ? ? 'X-RAY DIFFRACTION' ? 
c_improper_angle_d 0.72077  ?   ? ? 'X-RAY DIFFRACTION' ? 
c_mcbond_it        0.695    1.5 ? ? 'X-RAY DIFFRACTION' ? 
c_mcangle_it       1.094    2.0 ? ? 'X-RAY DIFFRACTION' ? 
c_scbond_it        1.228    2.0 ? ? 'X-RAY DIFFRACTION' ? 
c_scangle_it       1.939    2.5 ? ? 'X-RAY DIFFRACTION' ? 
# 
_struct.entry_id                  1IJT 
_struct.title                     'Crystal Structure of Fibroblast Growth Factor 4 (FGF4)' 
_struct.pdbx_model_details        ? 
_struct.pdbx_CASP_flag            ? 
_struct.pdbx_model_type_details   ? 
# 
_struct_keywords.entry_id        1IJT 
_struct_keywords.pdbx_keywords   'HORMONE/GROWTH FACTOR' 
_struct_keywords.text            'b-trefoil fold, HORMONE-GROWTH FACTOR COMPLEX' 
# 
loop_
_struct_asym.id 
_struct_asym.pdbx_blank_PDB_chainid_flag 
_struct_asym.pdbx_modified 
_struct_asym.entity_id 
_struct_asym.details 
A N N 1 ? 
B N N 2 ? 
C N N 2 ? 
D N N 2 ? 
E N N 3 ? 
# 
_struct_biol.id                    1 
_struct_biol.pdbx_parent_biol_id   ? 
_struct_biol.details               ? 
# 
loop_
_struct_conf.conf_type_id 
_struct_conf.id 
_struct_conf.pdbx_PDB_helix_id 
_struct_conf.beg_label_comp_id 
_struct_conf.beg_label_asym_id 
_struct_conf.beg_label_seq_id 
_struct_conf.pdbx_beg_PDB_ins_code 
_struct_conf.end_label_comp_id 
_struct_conf.end_label_asym_id 
_struct_conf.end_label_seq_id 
_struct_conf.pdbx_end_PDB_ins_code 
_struct_conf.beg_auth_comp_id 
_struct_conf.beg_auth_asym_id 
_struct_conf.beg_auth_seq_id 
_struct_conf.end_auth_comp_id 
_struct_conf.end_auth_asym_id 
_struct_conf.end_auth_seq_id 
_struct_conf.pdbx_PDB_helix_class 
_struct_conf.details 
_struct_conf.pdbx_PDB_helix_length 
HELX_P HELX_P1 1 THR A 33  ? SER A 36  ? THR A 111 SER A 114 5 ? 4 
HELX_P HELX_P2 2 PRO A 85  ? ASN A 87  ? PRO A 163 ASN A 165 5 ? 3 
HELX_P HELX_P3 3 LYS A 111 ? VAL A 115 ? LYS A 189 VAL A 193 5 ? 5 
HELX_P HELX_P4 4 MET A 119 ? THR A 122 ? MET A 197 THR A 200 5 ? 4 
# 
_struct_conf_type.id          HELX_P 
_struct_conf_type.criteria    ? 
_struct_conf_type.reference   ? 
# 
_struct_sheet.id               A 
_struct_sheet.type             ? 
_struct_sheet.number_strands   13 
_struct_sheet.details          ? 
# 
loop_
_struct_sheet_order.sheet_id 
_struct_sheet_order.range_id_1 
_struct_sheet_order.range_id_2 
_struct_sheet_order.offset 
_struct_sheet_order.sense 
A 1  2  ? anti-parallel 
A 2  3  ? anti-parallel 
A 3  4  ? anti-parallel 
A 4  5  ? anti-parallel 
A 5  6  ? anti-parallel 
A 6  7  ? anti-parallel 
A 7  8  ? anti-parallel 
A 8  9  ? anti-parallel 
A 9  10 ? anti-parallel 
A 10 11 ? anti-parallel 
A 11 12 ? anti-parallel 
A 12 13 ? anti-parallel 
# 
loop_
_struct_sheet_range.sheet_id 
_struct_sheet_range.id 
_struct_sheet_range.beg_label_comp_id 
_struct_sheet_range.beg_label_asym_id 
_struct_sheet_range.beg_label_seq_id 
_struct_sheet_range.pdbx_beg_PDB_ins_code 
_struct_sheet_range.end_label_comp_id 
_struct_sheet_range.end_label_asym_id 
_struct_sheet_range.end_label_seq_id 
_struct_sheet_range.pdbx_end_PDB_ins_code 
_struct_sheet_range.beg_auth_comp_id 
_struct_sheet_range.beg_auth_asym_id 
_struct_sheet_range.beg_auth_seq_id 
_struct_sheet_range.end_auth_comp_id 
_struct_sheet_range.end_auth_asym_id 
_struct_sheet_range.end_auth_seq_id 
A 1  LEU A 67  ? SER A 70  ? LEU A 145 SER A 148 
A 2  PHE A 57  ? MET A 61  ? PHE A 135 MET A 139 
A 3  VAL A 47  ? GLY A 52  ? VAL A 125 GLY A 130 
A 4  THR A 78  ? LEU A 83  ? THR A 156 LEU A 161 
A 5  ASN A 89  ? SER A 93  ? ASN A 167 SER A 171 
A 6  PHE A 124 ? ARG A 127 ? PHE A 202 ARG A 205 
A 7  ARG A 4   ? CYS A 10  ? ARG A 82  CYS A 88  
A 8  PHE A 16  ? ALA A 20  ? PHE A 94  ALA A 98  
A 9  ILE A 26  ? ALA A 29  ? ILE A 104 ALA A 107 
A 10 PHE A 16  ? ALA A 20  ? PHE A 94  ALA A 98  
A 11 ARG A 4   ? CYS A 10  ? ARG A 82  CYS A 88  
A 12 LEU A 38  ? GLU A 44  ? LEU A 116 GLU A 122 
A 13 VAL A 47  ? GLY A 52  ? VAL A 125 GLY A 130 
# 
loop_
_pdbx_struct_sheet_hbond.sheet_id 
_pdbx_struct_sheet_hbond.range_id_1 
_pdbx_struct_sheet_hbond.range_id_2 
_pdbx_struct_sheet_hbond.range_1_label_atom_id 
_pdbx_struct_sheet_hbond.range_1_label_comp_id 
_pdbx_struct_sheet_hbond.range_1_label_asym_id 
_pdbx_struct_sheet_hbond.range_1_label_seq_id 
_pdbx_struct_sheet_hbond.range_1_PDB_ins_code 
_pdbx_struct_sheet_hbond.range_1_auth_atom_id 
_pdbx_struct_sheet_hbond.range_1_auth_comp_id 
_pdbx_struct_sheet_hbond.range_1_auth_asym_id 
_pdbx_struct_sheet_hbond.range_1_auth_seq_id 
_pdbx_struct_sheet_hbond.range_2_label_atom_id 
_pdbx_struct_sheet_hbond.range_2_label_comp_id 
_pdbx_struct_sheet_hbond.range_2_label_asym_id 
_pdbx_struct_sheet_hbond.range_2_label_seq_id 
_pdbx_struct_sheet_hbond.range_2_PDB_ins_code 
_pdbx_struct_sheet_hbond.range_2_auth_atom_id 
_pdbx_struct_sheet_hbond.range_2_auth_comp_id 
_pdbx_struct_sheet_hbond.range_2_auth_asym_id 
_pdbx_struct_sheet_hbond.range_2_auth_seq_id 
A 1  2  O SER A 70  ? O SER A 148 N PHE A 58  ? N PHE A 136 
A 2  3  N VAL A 59  ? N VAL A 137 O ILE A 50  ? O ILE A 128 
A 3  4  N VAL A 48  ? N VAL A 126 O PHE A 79  ? O PHE A 157 
A 4  5  N ILE A 82  ? N ILE A 160 O ALA A 90  ? O ALA A 168 
A 5  6  O ASN A 89  ? O ASN A 167 N PHE A 124 ? N PHE A 202 
A 6  7  N ARG A 127 ? N ARG A 205 O ARG A 7   ? O ARG A 85  
A 7  8  N CYS A 10  ? N CYS A 88  O PHE A 16  ? O PHE A 94  
A 8  9  N GLN A 19  ? N GLN A 97  O GLY A 27  ? O GLY A 105 
A 9  10 O ALA A 29  ? O ALA A 107 N HIS A 17  ? N HIS A 95  
A 10 11 N LEU A 18  ? N LEU A 96  O LEU A 8   ? O LEU A 86  
A 11 12 O ARG A 6   ? O ARG A 84  N LEU A 38  ? N LEU A 116 
A 12 13 N VAL A 43  ? N VAL A 121 O VAL A 47  ? O VAL A 125 
# 
loop_
_struct_site.id 
_struct_site.pdbx_evidence_code 
_struct_site.pdbx_auth_asym_id 
_struct_site.pdbx_auth_comp_id 
_struct_site.pdbx_auth_seq_id 
_struct_site.pdbx_auth_ins_code 
_struct_site.pdbx_num_residues 
_struct_site.details 
AC1 Software A SO4 300 ? 6 'BINDING SITE FOR RESIDUE SO4 A 300' 
AC2 Software A SO4 301 ? 9 'BINDING SITE FOR RESIDUE SO4 A 301' 
AC3 Software A SO4 302 ? 4 'BINDING SITE FOR RESIDUE SO4 A 302' 
# 
loop_
_struct_site_gen.id 
_struct_site_gen.site_id 
_struct_site_gen.pdbx_num_res 
_struct_site_gen.label_comp_id 
_struct_site_gen.label_asym_id 
_struct_site_gen.label_seq_id 
_struct_site_gen.pdbx_auth_ins_code 
_struct_site_gen.auth_comp_id 
_struct_site_gen.auth_asym_id 
_struct_site_gen.auth_seq_id 
_struct_site_gen.label_atom_id 
_struct_site_gen.label_alt_id 
_struct_site_gen.symmetry 
_struct_site_gen.details 
1  AC1 6 GLY A 104 ? GLY A 182  . ? 1_555 ? 
2  AC1 6 LYS A 105 ? LYS A 183  . ? 1_555 ? 
3  AC1 6 LYS A 110 ? LYS A 188  . ? 1_555 ? 
4  AC1 6 HOH E .   ? HOH A 1029 . ? 1_555 ? 
5  AC1 6 HOH E .   ? HOH A 1065 . ? 1_555 ? 
6  AC1 6 HOH E .   ? HOH A 1066 . ? 4_546 ? 
7  AC2 9 ARG A 25  ? ARG A 103  . ? 1_555 ? 
8  AC2 9 ARG A 45  ? ARG A 123  . ? 2_554 ? 
9  AC2 9 GLY A 46  ? GLY A 124  . ? 2_554 ? 
10 AC2 9 LYS A 66  ? LYS A 144  . ? 1_555 ? 
11 AC2 9 THR A 109 ? THR A 187  . ? 1_555 ? 
12 AC2 9 HOH E .   ? HOH A 1000 . ? 1_555 ? 
13 AC2 9 HOH E .   ? HOH A 1033 . ? 1_555 ? 
14 AC2 9 HOH E .   ? HOH A 1035 . ? 2_554 ? 
15 AC2 9 HOH E .   ? HOH A 1049 . ? 1_555 ? 
16 AC3 4 GLY A 1   ? GLY A 79   . ? 1_555 ? 
17 AC3 4 LYS A 3   ? LYS A 81   . ? 1_555 ? 
18 AC3 4 ASP A 32  ? ASP A 110  . ? 4_456 ? 
19 AC3 4 LYS A 95  ? LYS A 173  . ? 4_556 ? 
# 
_atom_sites.entry_id                    1IJT 
_atom_sites.fract_transf_matrix[1][1]   -0.02209141 
_atom_sites.fract_transf_matrix[1][2]   0.01091467 
_atom_sites.fract_transf_matrix[1][3]   -0.00255757 
_atom_sites.fract_transf_matrix[2][1]   0.00111687 
_atom_sites.fract_transf_matrix[2][2]   -0.00210059 
_atom_sites.fract_transf_matrix[2][3]   -0.01861156 
_atom_sites.fract_transf_matrix[3][1]   -0.00797771 
_atom_sites.fract_transf_matrix[3][2]   -0.01584024 
_atom_sites.fract_transf_matrix[3][3]   0.00130907 
_atom_sites.fract_transf_vector[1]      0.348217 
_atom_sites.fract_transf_vector[2]      0.028253 
_atom_sites.fract_transf_vector[3]      0.502536 
# 
loop_
_atom_type.symbol 
C 
N 
O 
S 
# 
loop_
_atom_site.group_PDB 
_atom_site.id 
_atom_site.type_symbol 
_atom_site.label_atom_id 
_atom_site.label_alt_id 
_atom_site.label_comp_id 
_atom_site.label_asym_id 
_atom_site.label_entity_id 
_atom_site.label_seq_id 
_atom_site.pdbx_PDB_ins_code 
_atom_site.Cartn_x 
_atom_site.Cartn_y 
_atom_site.Cartn_z 
_atom_site.occupancy 
_atom_site.B_iso_or_equiv 
_atom_site.pdbx_formal_charge 
_atom_site.auth_seq_id 
_atom_site.auth_comp_id 
_atom_site.auth_asym_id 
_atom_site.auth_atom_id 
_atom_site.pdbx_PDB_model_num 
ATOM   1    N N   . GLY A 1 1   ? -2.241  -9.670  -19.504 1.00 15.71 ? 79   GLY A N   1 
ATOM   2    C CA  . GLY A 1 1   ? -3.697  -9.404  -19.384 1.00 14.54 ? 79   GLY A CA  1 
ATOM   3    C C   . GLY A 1 1   ? -3.960  -8.045  -18.769 1.00 14.10 ? 79   GLY A C   1 
ATOM   4    O O   . GLY A 1 1   ? -3.045  -7.231  -18.635 1.00 15.42 ? 79   GLY A O   1 
ATOM   5    N N   . ILE A 1 2   ? -5.206  -7.790  -18.388 1.00 12.57 ? 80   ILE A N   1 
ATOM   6    C CA  . ILE A 1 2   ? -5.546  -6.509  -17.791 1.00 11.35 ? 80   ILE A CA  1 
ATOM   7    C C   . ILE A 1 2   ? -5.012  -6.407  -16.370 1.00 10.56 ? 80   ILE A C   1 
ATOM   8    O O   . ILE A 1 2   ? -4.775  -7.420  -15.712 1.00 9.79  ? 80   ILE A O   1 
ATOM   9    C CB  . ILE A 1 2   ? -7.089  -6.286  -17.772 1.00 11.22 ? 80   ILE A CB  1 
ATOM   10   C CG1 . ILE A 1 2   ? -7.791  -7.403  -16.995 1.00 11.55 ? 80   ILE A CG1 1 
ATOM   11   C CG2 . ILE A 1 2   ? -7.623  -6.235  -19.195 1.00 10.86 ? 80   ILE A CG2 1 
ATOM   12   C CD1 . ILE A 1 2   ? -7.807  -7.208  -15.487 1.00 12.63 ? 80   ILE A CD1 1 
ATOM   13   N N   . LYS A 1 3   ? -4.800  -5.175  -15.918 1.00 9.65  ? 81   LYS A N   1 
ATOM   14   C CA  . LYS A 1 3   ? -4.341  -4.909  -14.560 1.00 9.81  ? 81   LYS A CA  1 
ATOM   15   C C   . LYS A 1 3   ? -5.439  -4.076  -13.920 1.00 9.37  ? 81   LYS A C   1 
ATOM   16   O O   . LYS A 1 3   ? -5.913  -3.111  -14.511 1.00 9.66  ? 81   LYS A O   1 
ATOM   17   C CB  . LYS A 1 3   ? -3.032  -4.120  -14.558 1.00 10.72 ? 81   LYS A CB  1 
ATOM   18   C CG  . LYS A 1 3   ? -1.781  -4.974  -14.685 1.00 12.85 ? 81   LYS A CG  1 
ATOM   19   C CD  . LYS A 1 3   ? -1.696  -5.645  -16.033 1.00 14.94 ? 81   LYS A CD  1 
ATOM   20   C CE  . LYS A 1 3   ? -0.435  -6.486  -16.151 1.00 15.71 ? 81   LYS A CE  1 
ATOM   21   N NZ  . LYS A 1 3   ? -0.286  -7.026  -17.528 1.00 17.00 ? 81   LYS A NZ  1 
ATOM   22   N N   . ARG A 1 4   ? -5.857  -4.451  -12.718 1.00 9.22  ? 82   ARG A N   1 
ATOM   23   C CA  . ARG A 1 4   ? -6.916  -3.718  -12.049 1.00 9.59  ? 82   ARG A CA  1 
ATOM   24   C C   . ARG A 1 4   ? -6.425  -2.413  -11.440 1.00 9.37  ? 82   ARG A C   1 
ATOM   25   O O   . ARG A 1 4   ? -5.313  -2.338  -10.916 1.00 8.91  ? 82   ARG A O   1 
ATOM   26   C CB  . ARG A 1 4   ? -7.549  -4.598  -10.970 1.00 11.59 ? 82   ARG A CB  1 
ATOM   27   C CG  . ARG A 1 4   ? -8.056  -5.926  -11.514 1.00 14.57 ? 82   ARG A CG  1 
ATOM   28   C CD  . ARG A 1 4   ? -8.848  -6.700  -10.485 1.00 17.30 ? 82   ARG A CD  1 
ATOM   29   N NE  . ARG A 1 4   ? -10.120 -6.054  -10.183 1.00 18.57 ? 82   ARG A NE  1 
ATOM   30   C CZ  . ARG A 1 4   ? -11.051 -6.580  -9.396  1.00 20.23 ? 82   ARG A CZ  1 
ATOM   31   N NH1 . ARG A 1 4   ? -10.850 -7.766  -8.833  1.00 21.72 ? 82   ARG A NH1 1 
ATOM   32   N NH2 . ARG A 1 4   ? -12.184 -5.925  -9.175  1.00 20.18 ? 82   ARG A NH2 1 
ATOM   33   N N   . LEU A 1 5   ? -7.259  -1.381  -11.539 1.00 8.33  ? 83   LEU A N   1 
ATOM   34   C CA  . LEU A 1 5   ? -6.961  -0.069  -10.976 1.00 9.07  ? 83   LEU A CA  1 
ATOM   35   C C   . LEU A 1 5   ? -7.907  0.032   -9.795  1.00 10.07 ? 83   LEU A C   1 
ATOM   36   O O   . LEU A 1 5   ? -9.126  0.012   -9.966  1.00 9.78  ? 83   LEU A O   1 
ATOM   37   C CB  . LEU A 1 5   ? -7.271  1.043   -11.984 1.00 9.05  ? 83   LEU A CB  1 
ATOM   38   C CG  . LEU A 1 5   ? -6.538  0.987   -13.321 1.00 9.81  ? 83   LEU A CG  1 
ATOM   39   C CD1 . LEU A 1 5   ? -6.880  2.229   -14.133 1.00 9.99  ? 83   LEU A CD1 1 
ATOM   40   C CD2 . LEU A 1 5   ? -5.041  0.904   -13.089 1.00 9.81  ? 83   LEU A CD2 1 
ATOM   41   N N   . ARG A 1 6   ? -7.358  0.128   -8.592  1.00 9.78  ? 84   ARG A N   1 
ATOM   42   C CA  . ARG A 1 6   ? -8.207  0.179   -7.417  1.00 11.27 ? 84   ARG A CA  1 
ATOM   43   C C   . ARG A 1 6   ? -7.727  1.127   -6.344  1.00 9.55  ? 84   ARG A C   1 
ATOM   44   O O   . ARG A 1 6   ? -6.703  1.783   -6.480  1.00 8.79  ? 84   ARG A O   1 
ATOM   45   C CB  . ARG A 1 6   ? -8.313  -1.221  -6.814  1.00 13.30 ? 84   ARG A CB  1 
ATOM   46   C CG  . ARG A 1 6   ? -8.706  -2.278  -7.823  1.00 16.93 ? 84   ARG A CG  1 
ATOM   47   C CD  . ARG A 1 6   ? -9.908  -3.053  -7.344  1.00 18.68 ? 84   ARG A CD  1 
ATOM   48   N NE  . ARG A 1 6   ? -9.532  -4.330  -6.758  1.00 21.27 ? 84   ARG A NE  1 
ATOM   49   C CZ  . ARG A 1 6   ? -10.401 -5.192  -6.248  1.00 21.80 ? 84   ARG A CZ  1 
ATOM   50   N NH1 . ARG A 1 6   ? -11.697 -4.906  -6.250  1.00 23.39 ? 84   ARG A NH1 1 
ATOM   51   N NH2 . ARG A 1 6   ? -9.977  -6.342  -5.746  1.00 23.50 ? 84   ARG A NH2 1 
ATOM   52   N N   . ARG A 1 7   ? -8.504  1.198   -5.272  1.00 9.72  ? 85   ARG A N   1 
ATOM   53   C CA  . ARG A 1 7   ? -8.148  2.006   -4.123  1.00 9.53  ? 85   ARG A CA  1 
ATOM   54   C C   . ARG A 1 7   ? -8.044  1.006   -2.983  1.00 9.35  ? 85   ARG A C   1 
ATOM   55   O O   . ARG A 1 7   ? -8.796  0.029   -2.936  1.00 9.90  ? 85   ARG A O   1 
ATOM   56   C CB  . ARG A 1 7   ? -9.227  3.056   -3.826  1.00 11.00 ? 85   ARG A CB  1 
ATOM   57   C CG  . ARG A 1 7   ? -9.314  4.138   -4.887  1.00 13.65 ? 85   ARG A CG  1 
ATOM   58   C CD  . ARG A 1 7   ? -10.029 5.382   -4.383  1.00 15.37 ? 85   ARG A CD  1 
ATOM   59   N NE  . ARG A 1 7   ? -9.874  6.487   -5.323  1.00 18.74 ? 85   ARG A NE  1 
ATOM   60   C CZ  . ARG A 1 7   ? -10.428 6.531   -6.529  1.00 19.28 ? 85   ARG A CZ  1 
ATOM   61   N NH1 . ARG A 1 7   ? -11.192 5.535   -6.949  1.00 20.48 ? 85   ARG A NH1 1 
ATOM   62   N NH2 . ARG A 1 7   ? -10.194 7.567   -7.320  1.00 21.17 ? 85   ARG A NH2 1 
ATOM   63   N N   . LEU A 1 8   ? -7.084  1.221   -2.094  1.00 8.17  ? 86   LEU A N   1 
ATOM   64   C CA  . LEU A 1 8   ? -6.894  0.340   -0.950  1.00 7.93  ? 86   LEU A CA  1 
ATOM   65   C C   . LEU A 1 8   ? -7.325  1.136   0.272   1.00 8.05  ? 86   LEU A C   1 
ATOM   66   O O   . LEU A 1 8   ? -6.661  2.087   0.682   1.00 7.14  ? 86   LEU A O   1 
ATOM   67   C CB  . LEU A 1 8   ? -5.428  -0.092  -0.859  1.00 7.25  ? 86   LEU A CB  1 
ATOM   68   C CG  . LEU A 1 8   ? -4.987  -0.927  -2.069  1.00 7.91  ? 86   LEU A CG  1 
ATOM   69   C CD1 . LEU A 1 8   ? -3.494  -1.224  -1.995  1.00 7.67  ? 86   LEU A CD1 1 
ATOM   70   C CD2 . LEU A 1 8   ? -5.782  -2.228  -2.102  1.00 7.54  ? 86   LEU A CD2 1 
ATOM   71   N N   . TYR A 1 9   ? -8.461  0.734   0.834   1.00 8.27  ? 87   TYR A N   1 
ATOM   72   C CA  . TYR A 1 9   ? -9.068  1.407   1.974   1.00 9.30  ? 87   TYR A CA  1 
ATOM   73   C C   . TYR A 1 9   ? -8.722  0.816   3.334   1.00 8.55  ? 87   TYR A C   1 
ATOM   74   O O   . TYR A 1 9   ? -8.972  -0.357  3.593   1.00 7.71  ? 87   TYR A O   1 
ATOM   75   C CB  . TYR A 1 9   ? -10.586 1.415   1.778   1.00 10.81 ? 87   TYR A CB  1 
ATOM   76   C CG  . TYR A 1 9   ? -11.382 2.038   2.901   1.00 13.81 ? 87   TYR A CG  1 
ATOM   77   C CD1 . TYR A 1 9   ? -11.979 1.245   3.885   1.00 14.83 ? 87   TYR A CD1 1 
ATOM   78   C CD2 . TYR A 1 9   ? -11.571 3.419   2.961   1.00 15.00 ? 87   TYR A CD2 1 
ATOM   79   C CE1 . TYR A 1 9   ? -12.750 1.817   4.900   1.00 16.91 ? 87   TYR A CE1 1 
ATOM   80   C CE2 . TYR A 1 9   ? -12.339 4.000   3.971   1.00 16.14 ? 87   TYR A CE2 1 
ATOM   81   C CZ  . TYR A 1 9   ? -12.926 3.193   4.933   1.00 16.64 ? 87   TYR A CZ  1 
ATOM   82   O OH  . TYR A 1 9   ? -13.697 3.766   5.918   1.00 19.14 ? 87   TYR A OH  1 
ATOM   83   N N   . CYS A 1 10  ? -8.146  1.647   4.197   1.00 8.66  ? 88   CYS A N   1 
ATOM   84   C CA  . CYS A 1 10  ? -7.784  1.235   5.547   1.00 8.99  ? 88   CYS A CA  1 
ATOM   85   C C   . CYS A 1 10  ? -8.868  1.807   6.458   1.00 9.81  ? 88   CYS A C   1 
ATOM   86   O O   . CYS A 1 10  ? -9.048  3.023   6.532   1.00 9.57  ? 88   CYS A O   1 
ATOM   87   C CB  . CYS A 1 10  ? -6.416  1.805   5.926   1.00 9.37  ? 88   CYS A CB  1 
ATOM   88   S SG  . CYS A 1 10  ? -5.710  1.105   7.434   1.00 10.25 ? 88   CYS A SG  1 
ATOM   89   N N   . ASN A 1 11  ? -9.588  0.931   7.151   1.00 10.42 ? 89   ASN A N   1 
ATOM   90   C CA  . ASN A 1 11  ? -10.676 1.370   8.010   1.00 11.44 ? 89   ASN A CA  1 
ATOM   91   C C   . ASN A 1 11  ? -10.248 1.810   9.408   1.00 11.60 ? 89   ASN A C   1 
ATOM   92   O O   . ASN A 1 11  ? -10.662 1.223   10.407  1.00 12.87 ? 89   ASN A O   1 
ATOM   93   C CB  . ASN A 1 11  ? -11.734 0.265   8.102   1.00 12.56 ? 89   ASN A CB  1 
ATOM   94   C CG  . ASN A 1 11  ? -13.024 0.747   8.740   1.00 14.22 ? 89   ASN A CG  1 
ATOM   95   O OD1 . ASN A 1 11  ? -13.419 1.898   8.561   1.00 14.10 ? 89   ASN A OD1 1 
ATOM   96   N ND2 . ASN A 1 11  ? -13.693 -0.136  9.475   1.00 14.82 ? 89   ASN A ND2 1 
ATOM   97   N N   . VAL A 1 12  ? -9.411  2.843   9.466   1.00 11.13 ? 90   VAL A N   1 
ATOM   98   C CA  . VAL A 1 12  ? -8.936  3.398   10.732  1.00 11.34 ? 90   VAL A CA  1 
ATOM   99   C C   . VAL A 1 12  ? -9.237  4.894   10.708  1.00 10.91 ? 90   VAL A C   1 
ATOM   100  O O   . VAL A 1 12  ? -9.257  5.508   9.643   1.00 10.94 ? 90   VAL A O   1 
ATOM   101  C CB  . VAL A 1 12  ? -7.409  3.180   10.927  1.00 11.83 ? 90   VAL A CB  1 
ATOM   102  C CG1 . VAL A 1 12  ? -7.106  1.691   11.041  1.00 12.67 ? 90   VAL A CG1 1 
ATOM   103  C CG2 . VAL A 1 12  ? -6.632  3.801   9.772   1.00 11.70 ? 90   VAL A CG2 1 
ATOM   104  N N   . GLY A 1 13  ? -9.465  5.488   11.875  1.00 11.30 ? 91   GLY A N   1 
ATOM   105  C CA  . GLY A 1 13  ? -9.787  6.902   11.902  1.00 11.22 ? 91   GLY A CA  1 
ATOM   106  C C   . GLY A 1 13  ? -11.062 7.104   11.102  1.00 11.54 ? 91   GLY A C   1 
ATOM   107  O O   . GLY A 1 13  ? -11.982 6.294   11.199  1.00 11.96 ? 91   GLY A O   1 
ATOM   108  N N   . ILE A 1 14  ? -11.129 8.167   10.307  1.00 11.95 ? 92   ILE A N   1 
ATOM   109  C CA  . ILE A 1 14  ? -12.318 8.420   9.497   1.00 12.07 ? 92   ILE A CA  1 
ATOM   110  C C   . ILE A 1 14  ? -12.324 7.557   8.234   1.00 11.76 ? 92   ILE A C   1 
ATOM   111  O O   . ILE A 1 14  ? -13.263 7.613   7.440   1.00 12.10 ? 92   ILE A O   1 
ATOM   112  C CB  . ILE A 1 14  ? -12.413 9.903   9.064   1.00 12.90 ? 92   ILE A CB  1 
ATOM   113  C CG1 . ILE A 1 14  ? -11.144 10.312  8.312   1.00 12.69 ? 92   ILE A CG1 1 
ATOM   114  C CG2 . ILE A 1 14  ? -12.642 10.790  10.281  1.00 13.76 ? 92   ILE A CG2 1 
ATOM   115  C CD1 . ILE A 1 14  ? -11.186 11.726  7.765   1.00 13.90 ? 92   ILE A CD1 1 
ATOM   116  N N   . GLY A 1 15  ? -11.276 6.760   8.055   1.00 11.33 ? 93   GLY A N   1 
ATOM   117  C CA  . GLY A 1 15  ? -11.180 5.912   6.877   1.00 10.40 ? 93   GLY A CA  1 
ATOM   118  C C   . GLY A 1 15  ? -10.285 6.565   5.840   1.00 10.14 ? 93   GLY A C   1 
ATOM   119  O O   . GLY A 1 15  ? -10.528 7.710   5.446   1.00 9.39  ? 93   GLY A O   1 
ATOM   120  N N   . PHE A 1 16  ? -9.251  5.858   5.391   1.00 9.60  ? 94   PHE A N   1 
ATOM   121  C CA  . PHE A 1 16  ? -8.334  6.433   4.406   1.00 9.48  ? 94   PHE A CA  1 
ATOM   122  C C   . PHE A 1 16  ? -7.917  5.489   3.283   1.00 9.07  ? 94   PHE A C   1 
ATOM   123  O O   . PHE A 1 16  ? -7.790  4.283   3.489   1.00 9.31  ? 94   PHE A O   1 
ATOM   124  C CB  . PHE A 1 16  ? -7.058  6.937   5.088   1.00 10.07 ? 94   PHE A CB  1 
ATOM   125  C CG  . PHE A 1 16  ? -7.299  7.922   6.193   1.00 11.72 ? 94   PHE A CG  1 
ATOM   126  C CD1 . PHE A 1 16  ? -7.514  7.486   7.496   1.00 11.80 ? 94   PHE A CD1 1 
ATOM   127  C CD2 . PHE A 1 16  ? -7.307  9.288   5.930   1.00 12.37 ? 94   PHE A CD2 1 
ATOM   128  C CE1 . PHE A 1 16  ? -7.728  8.398   8.524   1.00 12.80 ? 94   PHE A CE1 1 
ATOM   129  C CE2 . PHE A 1 16  ? -7.522  10.207  6.948   1.00 13.09 ? 94   PHE A CE2 1 
ATOM   130  C CZ  . PHE A 1 16  ? -7.732  9.764   8.248   1.00 13.50 ? 94   PHE A CZ  1 
ATOM   131  N N   . HIS A 1 17  ? -7.698  6.054   2.099   1.00 9.61  ? 95   HIS A N   1 
ATOM   132  C CA  . HIS A 1 17  ? -7.236  5.283   0.945   1.00 8.83  ? 95   HIS A CA  1 
ATOM   133  C C   . HIS A 1 17  ? -5.743  5.562   0.818   1.00 8.68  ? 95   HIS A C   1 
ATOM   134  O O   . HIS A 1 17  ? -5.316  6.714   0.894   1.00 8.37  ? 95   HIS A O   1 
ATOM   135  C CB  . HIS A 1 17  ? -7.903  5.733   -0.364  1.00 9.80  ? 95   HIS A CB  1 
ATOM   136  C CG  . HIS A 1 17  ? -9.398  5.718   -0.333  1.00 11.64 ? 95   HIS A CG  1 
ATOM   137  N ND1 . HIS A 1 17  ? -10.142 6.831   -0.014  1.00 12.48 ? 95   HIS A ND1 1 
ATOM   138  C CD2 . HIS A 1 17  ? -10.285 4.731   -0.591  1.00 11.84 ? 95   HIS A CD2 1 
ATOM   139  C CE1 . HIS A 1 17  ? -11.427 6.533   -0.076  1.00 12.86 ? 95   HIS A CE1 1 
ATOM   140  N NE2 . HIS A 1 17  ? -11.543 5.263   -0.424  1.00 13.05 ? 95   HIS A NE2 1 
ATOM   141  N N   . LEU A 1 18  ? -4.953  4.514   0.625   1.00 7.77  ? 96   LEU A N   1 
ATOM   142  C CA  . LEU A 1 18  ? -3.514  4.667   0.466   1.00 7.43  ? 96   LEU A CA  1 
ATOM   143  C C   . LEU A 1 18  ? -3.275  5.508   -0.791  1.00 7.66  ? 96   LEU A C   1 
ATOM   144  O O   . LEU A 1 18  ? -3.902  5.273   -1.824  1.00 6.82  ? 96   LEU A O   1 
ATOM   145  C CB  . LEU A 1 18  ? -2.864  3.291   0.308   1.00 7.74  ? 96   LEU A CB  1 
ATOM   146  C CG  . LEU A 1 18  ? -1.343  3.224   0.155   1.00 7.64  ? 96   LEU A CG  1 
ATOM   147  C CD1 . LEU A 1 18  ? -0.662  3.735   1.423   1.00 8.64  ? 96   LEU A CD1 1 
ATOM   148  C CD2 . LEU A 1 18  ? -0.937  1.781   -0.119  1.00 7.70  ? 96   LEU A CD2 1 
ATOM   149  N N   . GLN A 1 19  ? -2.388  6.493   -0.710  1.00 7.35  ? 97   GLN A N   1 
ATOM   150  C CA  . GLN A 1 19  ? -2.125  7.316   -1.885  1.00 8.13  ? 97   GLN A CA  1 
ATOM   151  C C   . GLN A 1 19  ? -0.655  7.667   -2.058  1.00 7.87  ? 97   GLN A C   1 
ATOM   152  O O   . GLN A 1 19  ? 0.109   7.705   -1.094  1.00 6.47  ? 97   GLN A O   1 
ATOM   153  C CB  . GLN A 1 19  ? -2.959  8.603   -1.838  1.00 9.41  ? 97   GLN A CB  1 
ATOM   154  C CG  . GLN A 1 19  ? -2.475  9.663   -0.860  1.00 11.56 ? 97   GLN A CG  1 
ATOM   155  C CD  . GLN A 1 19  ? -3.270  10.959  -0.973  1.00 13.36 ? 97   GLN A CD  1 
ATOM   156  O OE1 . GLN A 1 19  ? -3.960  11.194  -1.966  1.00 14.09 ? 97   GLN A OE1 1 
ATOM   157  N NE2 . GLN A 1 19  ? -3.162  11.811  0.041   1.00 13.35 ? 97   GLN A NE2 1 
ATOM   158  N N   . ALA A 1 20  ? -0.266  7.907   -3.306  1.00 7.19  ? 98   ALA A N   1 
ATOM   159  C CA  . ALA A 1 20  ? 1.104   8.279   -3.627  1.00 7.41  ? 98   ALA A CA  1 
ATOM   160  C C   . ALA A 1 20  ? 1.058   9.695   -4.192  1.00 7.88  ? 98   ALA A C   1 
ATOM   161  O O   . ALA A 1 20  ? 0.365   9.955   -5.178  1.00 7.94  ? 98   ALA A O   1 
ATOM   162  C CB  . ALA A 1 20  ? 1.680   7.311   -4.649  1.00 6.51  ? 98   ALA A CB  1 
ATOM   163  N N   . LEU A 1 21  ? 1.788   10.610  -3.564  1.00 8.72  ? 99   LEU A N   1 
ATOM   164  C CA  . LEU A 1 21  ? 1.803   12.001  -4.000  1.00 9.77  ? 99   LEU A CA  1 
ATOM   165  C C   . LEU A 1 21  ? 2.861   12.288  -5.061  1.00 9.49  ? 99   LEU A C   1 
ATOM   166  O O   . LEU A 1 21  ? 3.833   11.546  -5.200  1.00 10.13 ? 99   LEU A O   1 
ATOM   167  C CB  . LEU A 1 21  ? 2.006   12.913  -2.789  1.00 10.44 ? 99   LEU A CB  1 
ATOM   168  C CG  . LEU A 1 21  ? 0.930   12.796  -1.701  1.00 11.58 ? 99   LEU A CG  1 
ATOM   169  C CD1 . LEU A 1 21  ? 1.205   13.815  -0.613  1.00 13.27 ? 99   LEU A CD1 1 
ATOM   170  C CD2 . LEU A 1 21  ? -0.445  13.035  -2.298  1.00 11.97 ? 99   LEU A CD2 1 
ATOM   171  N N   . PRO A 1 22  ? 2.683   13.379  -5.822  1.00 9.88  ? 100  PRO A N   1 
ATOM   172  C CA  . PRO A 1 22  ? 3.613   13.778  -6.883  1.00 10.16 ? 100  PRO A CA  1 
ATOM   173  C C   . PRO A 1 22  ? 5.020   14.159  -6.435  1.00 9.96  ? 100  PRO A C   1 
ATOM   174  O O   . PRO A 1 22  ? 5.923   14.267  -7.269  1.00 9.98  ? 100  PRO A O   1 
ATOM   175  C CB  . PRO A 1 22  ? 2.883   14.935  -7.568  1.00 10.38 ? 100  PRO A CB  1 
ATOM   176  C CG  . PRO A 1 22  ? 2.085   15.533  -6.451  1.00 11.95 ? 100  PRO A CG  1 
ATOM   177  C CD  . PRO A 1 22  ? 1.537   14.305  -5.758  1.00 10.62 ? 100  PRO A CD  1 
ATOM   178  N N   . ASP A 1 23  ? 5.220   14.365  -5.134  1.00 9.35  ? 101  ASP A N   1 
ATOM   179  C CA  . ASP A 1 23  ? 6.552   14.710  -4.651  1.00 8.93  ? 101  ASP A CA  1 
ATOM   180  C C   . ASP A 1 23  ? 7.290   13.492  -4.103  1.00 8.49  ? 101  ASP A C   1 
ATOM   181  O O   . ASP A 1 23  ? 8.421   13.603  -3.619  1.00 7.97  ? 101  ASP A O   1 
ATOM   182  C CB  . ASP A 1 23  ? 6.488   15.824  -3.592  1.00 8.94  ? 101  ASP A CB  1 
ATOM   183  C CG  . ASP A 1 23  ? 5.664   15.452  -2.370  1.00 9.32  ? 101  ASP A CG  1 
ATOM   184  O OD1 . ASP A 1 23  ? 5.152   14.315  -2.287  1.00 7.56  ? 101  ASP A OD1 1 
ATOM   185  O OD2 . ASP A 1 23  ? 5.531   16.320  -1.478  1.00 9.79  ? 101  ASP A OD2 1 
ATOM   186  N N   . GLY A 1 24  ? 6.649   12.329  -4.194  1.00 7.41  ? 102  GLY A N   1 
ATOM   187  C CA  . GLY A 1 24  ? 7.268   11.102  -3.721  1.00 6.68  ? 102  GLY A CA  1 
ATOM   188  C C   . GLY A 1 24  ? 6.813   10.628  -2.354  1.00 6.54  ? 102  GLY A C   1 
ATOM   189  O O   . GLY A 1 24  ? 7.242   9.572   -1.890  1.00 6.36  ? 102  GLY A O   1 
ATOM   190  N N   . ARG A 1 25  ? 5.949   11.393  -1.697  1.00 5.93  ? 103  ARG A N   1 
ATOM   191  C CA  . ARG A 1 25  ? 5.463   10.993  -0.385  1.00 6.49  ? 103  ARG A CA  1 
ATOM   192  C C   . ARG A 1 25  ? 4.339   9.969   -0.510  1.00 6.57  ? 103  ARG A C   1 
ATOM   193  O O   . ARG A 1 25  ? 3.714   9.839   -1.562  1.00 7.34  ? 103  ARG A O   1 
ATOM   194  C CB  . ARG A 1 25  ? 4.975   12.217  0.403   1.00 7.14  ? 103  ARG A CB  1 
ATOM   195  C CG  . ARG A 1 25  ? 6.096   13.169  0.818   1.00 8.91  ? 103  ARG A CG  1 
ATOM   196  C CD  . ARG A 1 25  ? 5.588   14.316  1.693   1.00 11.34 ? 103  ARG A CD  1 
ATOM   197  N NE  . ARG A 1 25  ? 4.833   13.832  2.847   1.00 13.84 ? 103  ARG A NE  1 
ATOM   198  C CZ  . ARG A 1 25  ? 3.506   13.879  2.948   1.00 15.57 ? 103  ARG A CZ  1 
ATOM   199  N NH1 . ARG A 1 25  ? 2.906   13.408  4.033   1.00 16.83 ? 103  ARG A NH1 1 
ATOM   200  N NH2 . ARG A 1 25  ? 2.779   14.415  1.974   1.00 15.44 ? 103  ARG A NH2 1 
ATOM   201  N N   . ILE A 1 26  ? 4.108   9.237   0.572   1.00 5.76  ? 104  ILE A N   1 
ATOM   202  C CA  . ILE A 1 26  ? 3.062   8.223   0.635   1.00 6.17  ? 104  ILE A CA  1 
ATOM   203  C C   . ILE A 1 26  ? 2.188   8.599   1.834   1.00 6.60  ? 104  ILE A C   1 
ATOM   204  O O   . ILE A 1 26  ? 2.700   9.037   2.868   1.00 6.24  ? 104  ILE A O   1 
ATOM   205  C CB  . ILE A 1 26  ? 3.655   6.805   0.872   1.00 5.44  ? 104  ILE A CB  1 
ATOM   206  C CG1 . ILE A 1 26  ? 4.639   6.435   -0.246  1.00 5.60  ? 104  ILE A CG1 1 
ATOM   207  C CG2 . ILE A 1 26  ? 2.534   5.775   0.946   1.00 5.86  ? 104  ILE A CG2 1 
ATOM   208  C CD1 . ILE A 1 26  ? 4.004   6.289   -1.625  1.00 6.40  ? 104  ILE A CD1 1 
ATOM   209  N N   . GLY A 1 27  ? 0.876   8.444   1.697   1.00 6.98  ? 105  GLY A N   1 
ATOM   210  C CA  . GLY A 1 27  ? -0.006  8.781   2.800   1.00 8.04  ? 105  GLY A CA  1 
ATOM   211  C C   . GLY A 1 27  ? -1.413  8.249   2.619   1.00 8.60  ? 105  GLY A C   1 
ATOM   212  O O   . GLY A 1 27  ? -1.634  7.306   1.861   1.00 8.84  ? 105  GLY A O   1 
ATOM   213  N N   . GLY A 1 28  ? -2.364  8.857   3.323   1.00 8.72  ? 106  GLY A N   1 
ATOM   214  C CA  . GLY A 1 28  ? -3.747  8.430   3.226   1.00 9.01  ? 106  GLY A CA  1 
ATOM   215  C C   . GLY A 1 28  ? -4.669  9.595   2.920   1.00 8.89  ? 106  GLY A C   1 
ATOM   216  O O   . GLY A 1 28  ? -4.384  10.735  3.289   1.00 8.84  ? 106  GLY A O   1 
ATOM   217  N N   . ALA A 1 29  ? -5.768  9.312   2.230   1.00 8.61  ? 107  ALA A N   1 
ATOM   218  C CA  . ALA A 1 29  ? -6.745  10.339  1.882   1.00 9.67  ? 107  ALA A CA  1 
ATOM   219  C C   . ALA A 1 29  ? -8.145  9.767   2.068   1.00 10.28 ? 107  ALA A C   1 
ATOM   220  O O   . ALA A 1 29  ? -8.459  8.699   1.549   1.00 9.28  ? 107  ALA A O   1 
ATOM   221  C CB  . ALA A 1 29  ? -6.549  10.787  0.440   1.00 10.06 ? 107  ALA A CB  1 
ATOM   222  N N   . HIS A 1 30  ? -8.981  10.478  2.816   1.00 11.70 ? 108  HIS A N   1 
ATOM   223  C CA  . HIS A 1 30  ? -10.339 10.018  3.063   1.00 12.04 ? 108  HIS A CA  1 
ATOM   224  C C   . HIS A 1 30  ? -11.169 10.014  1.782   1.00 12.52 ? 108  HIS A C   1 
ATOM   225  O O   . HIS A 1 30  ? -11.945 9.090   1.542   1.00 12.77 ? 108  HIS A O   1 
ATOM   226  C CB  . HIS A 1 30  ? -11.009 10.905  4.118   1.00 13.11 ? 108  HIS A CB  1 
ATOM   227  C CG  . HIS A 1 30  ? -12.421 10.512  4.426   1.00 14.15 ? 108  HIS A CG  1 
ATOM   228  N ND1 . HIS A 1 30  ? -12.754 9.278   4.939   1.00 14.21 ? 108  HIS A ND1 1 
ATOM   229  C CD2 . HIS A 1 30  ? -13.584 11.187  4.277   1.00 14.78 ? 108  HIS A CD2 1 
ATOM   230  C CE1 . HIS A 1 30  ? -14.064 9.207   5.091   1.00 15.02 ? 108  HIS A CE1 1 
ATOM   231  N NE2 . HIS A 1 30  ? -14.592 10.354  4.697   1.00 16.19 ? 108  HIS A NE2 1 
ATOM   232  N N   . ALA A 1 31  ? -11.000 11.040  0.957   1.00 13.09 ? 109  ALA A N   1 
ATOM   233  C CA  . ALA A 1 31  ? -11.749 11.137  -0.293  1.00 13.18 ? 109  ALA A CA  1 
ATOM   234  C C   . ALA A 1 31  ? -11.141 10.259  -1.384  1.00 13.45 ? 109  ALA A C   1 
ATOM   235  O O   . ALA A 1 31  ? -10.031 9.747   -1.232  1.00 12.92 ? 109  ALA A O   1 
ATOM   236  C CB  . ALA A 1 31  ? -11.795 12.589  -0.759  1.00 14.30 ? 109  ALA A CB  1 
ATOM   237  N N   . ASP A 1 32  ? -11.877 10.078  -2.476  1.00 13.54 ? 110  ASP A N   1 
ATOM   238  C CA  . ASP A 1 32  ? -11.393 9.277   -3.595  1.00 14.78 ? 110  ASP A CA  1 
ATOM   239  C C   . ASP A 1 32  ? -10.519 10.158  -4.484  1.00 13.85 ? 110  ASP A C   1 
ATOM   240  O O   . ASP A 1 32  ? -10.884 10.472  -5.617  1.00 13.85 ? 110  ASP A O   1 
ATOM   241  C CB  . ASP A 1 32  ? -12.557 8.711   -4.417  1.00 16.93 ? 110  ASP A CB  1 
ATOM   242  C CG  . ASP A 1 32  ? -13.375 7.686   -3.650  1.00 19.56 ? 110  ASP A CG  1 
ATOM   243  O OD1 . ASP A 1 32  ? -12.780 6.797   -3.008  1.00 20.96 ? 110  ASP A OD1 1 
ATOM   244  O OD2 . ASP A 1 32  ? -14.621 7.761   -3.705  1.00 21.98 ? 110  ASP A OD2 1 
ATOM   245  N N   . THR A 1 33  ? -9.367  10.549  -3.952  1.00 12.59 ? 111  THR A N   1 
ATOM   246  C CA  . THR A 1 33  ? -8.415  11.404  -4.660  1.00 11.75 ? 111  THR A CA  1 
ATOM   247  C C   . THR A 1 33  ? -7.800  10.717  -5.872  1.00 11.02 ? 111  THR A C   1 
ATOM   248  O O   . THR A 1 33  ? -7.722  9.492   -5.928  1.00 10.14 ? 111  THR A O   1 
ATOM   249  C CB  . THR A 1 33  ? -7.255  11.820  -3.736  1.00 11.78 ? 111  THR A CB  1 
ATOM   250  O OG1 . THR A 1 33  ? -6.544  10.650  -3.308  1.00 11.42 ? 111  THR A OG1 1 
ATOM   251  C CG2 . THR A 1 33  ? -7.777  12.556  -2.516  1.00 11.72 ? 111  THR A CG2 1 
ATOM   252  N N   . ARG A 1 34  ? -7.358  11.514  -6.841  1.00 10.53 ? 112  ARG A N   1 
ATOM   253  C CA  . ARG A 1 34  ? -6.727  10.964  -8.032  1.00 10.82 ? 112  ARG A CA  1 
ATOM   254  C C   . ARG A 1 34  ? -5.482  10.186  -7.626  1.00 10.26 ? 112  ARG A C   1 
ATOM   255  O O   . ARG A 1 34  ? -5.210  9.116   -8.166  1.00 10.16 ? 112  ARG A O   1 
ATOM   256  C CB  . ARG A 1 34  ? -6.317  12.081  -8.996  1.00 12.11 ? 112  ARG A CB  1 
ATOM   257  C CG  . ARG A 1 34  ? -7.470  12.880  -9.568  1.00 14.73 ? 112  ARG A CG  1 
ATOM   258  C CD  . ARG A 1 34  ? -6.944  13.920  -10.541 1.00 17.34 ? 112  ARG A CD  1 
ATOM   259  N NE  . ARG A 1 34  ? -8.005  14.760  -11.085 1.00 19.56 ? 112  ARG A NE  1 
ATOM   260  C CZ  . ARG A 1 34  ? -7.826  15.634  -12.068 1.00 20.19 ? 112  ARG A CZ  1 
ATOM   261  N NH1 . ARG A 1 34  ? -6.625  15.778  -12.614 1.00 21.18 ? 112  ARG A NH1 1 
ATOM   262  N NH2 . ARG A 1 34  ? -8.843  16.364  -12.506 1.00 21.74 ? 112  ARG A NH2 1 
ATOM   263  N N   . ASP A 1 35  ? -4.735  10.729  -6.666  1.00 9.55  ? 113  ASP A N   1 
ATOM   264  C CA  . ASP A 1 35  ? -3.506  10.092  -6.202  1.00 9.39  ? 113  ASP A CA  1 
ATOM   265  C C   . ASP A 1 35  ? -3.712  8.795   -5.430  1.00 8.59  ? 113  ASP A C   1 
ATOM   266  O O   . ASP A 1 35  ? -2.740  8.125   -5.081  1.00 7.24  ? 113  ASP A O   1 
ATOM   267  C CB  . ASP A 1 35  ? -2.683  11.063  -5.346  1.00 9.84  ? 113  ASP A CB  1 
ATOM   268  C CG  . ASP A 1 35  ? -2.143  12.237  -6.144  1.00 11.80 ? 113  ASP A CG  1 
ATOM   269  O OD1 . ASP A 1 35  ? -2.128  12.159  -7.393  1.00 12.79 ? 113  ASP A OD1 1 
ATOM   270  O OD2 . ASP A 1 35  ? -1.719  13.236  -5.525  1.00 11.25 ? 113  ASP A OD2 1 
ATOM   271  N N   . SER A 1 36  ? -4.964  8.431   -5.161  1.00 8.92  ? 114  SER A N   1 
ATOM   272  C CA  . SER A 1 36  ? -5.226  7.190   -4.440  1.00 8.63  ? 114  SER A CA  1 
ATOM   273  C C   . SER A 1 36  ? -5.615  6.053   -5.386  1.00 8.56  ? 114  SER A C   1 
ATOM   274  O O   . SER A 1 36  ? -5.936  4.954   -4.937  1.00 8.23  ? 114  SER A O   1 
ATOM   275  C CB  . SER A 1 36  ? -6.315  7.394   -3.375  1.00 9.68  ? 114  SER A CB  1 
ATOM   276  O OG  . SER A 1 36  ? -7.552  7.778   -3.946  1.00 10.49 ? 114  SER A OG  1 
ATOM   277  N N   . LEU A 1 37  ? -5.596  6.315   -6.691  1.00 7.61  ? 115  LEU A N   1 
ATOM   278  C CA  . LEU A 1 37  ? -5.915  5.271   -7.662  1.00 7.24  ? 115  LEU A CA  1 
ATOM   279  C C   . LEU A 1 37  ? -4.622  4.498   -7.870  1.00 6.88  ? 115  LEU A C   1 
ATOM   280  O O   . LEU A 1 37  ? -3.621  5.061   -8.319  1.00 7.36  ? 115  LEU A O   1 
ATOM   281  C CB  . LEU A 1 37  ? -6.380  5.870   -8.990  1.00 8.19  ? 115  LEU A CB  1 
ATOM   282  C CG  . LEU A 1 37  ? -6.866  4.837   -10.013 1.00 8.61  ? 115  LEU A CG  1 
ATOM   283  C CD1 . LEU A 1 37  ? -8.143  4.162   -9.503  1.00 9.28  ? 115  LEU A CD1 1 
ATOM   284  C CD2 . LEU A 1 37  ? -7.127  5.520   -11.345 1.00 9.34  ? 115  LEU A CD2 1 
ATOM   285  N N   . LEU A 1 38  ? -4.641  3.212   -7.544  1.00 6.00  ? 116  LEU A N   1 
ATOM   286  C CA  . LEU A 1 38  ? -3.441  2.392   -7.650  1.00 6.40  ? 116  LEU A CA  1 
ATOM   287  C C   . LEU A 1 38  ? -3.566  1.219   -8.616  1.00 7.23  ? 116  LEU A C   1 
ATOM   288  O O   . LEU A 1 38  ? -4.557  0.493   -8.600  1.00 8.16  ? 116  LEU A O   1 
ATOM   289  C CB  . LEU A 1 38  ? -3.080  1.853   -6.261  1.00 6.05  ? 116  LEU A CB  1 
ATOM   290  C CG  . LEU A 1 38  ? -3.044  2.858   -5.105  1.00 5.86  ? 116  LEU A CG  1 
ATOM   291  C CD1 . LEU A 1 38  ? -2.876  2.108   -3.783  1.00 6.33  ? 116  LEU A CD1 1 
ATOM   292  C CD2 . LEU A 1 38  ? -1.902  3.835   -5.311  1.00 6.19  ? 116  LEU A CD2 1 
ATOM   293  N N   . GLU A 1 39  ? -2.558  1.037   -9.460  1.00 7.97  ? 117  GLU A N   1 
ATOM   294  C CA  . GLU A 1 39  ? -2.571  -0.086  -10.390 1.00 8.82  ? 117  GLU A CA  1 
ATOM   295  C C   . GLU A 1 39  ? -1.857  -1.251  -9.717  1.00 9.20  ? 117  GLU A C   1 
ATOM   296  O O   . GLU A 1 39  ? -0.679  -1.152  -9.372  1.00 8.75  ? 117  GLU A O   1 
ATOM   297  C CB  . GLU A 1 39  ? -1.861  0.271   -11.701 1.00 10.69 ? 117  GLU A CB  1 
ATOM   298  C CG  . GLU A 1 39  ? -1.744  -0.905  -12.664 1.00 12.86 ? 117  GLU A CG  1 
ATOM   299  C CD  . GLU A 1 39  ? -1.331  -0.492  -14.065 1.00 16.05 ? 117  GLU A CD  1 
ATOM   300  O OE1 . GLU A 1 39  ? -1.129  -1.388  -14.912 1.00 17.79 ? 117  GLU A OE1 1 
ATOM   301  O OE2 . GLU A 1 39  ? -1.215  0.722   -14.325 1.00 17.80 ? 117  GLU A OE2 1 
ATOM   302  N N   . LEU A 1 40  ? -2.580  -2.345  -9.507  1.00 8.92  ? 118  LEU A N   1 
ATOM   303  C CA  . LEU A 1 40  ? -2.001  -3.526  -8.882  1.00 9.72  ? 118  LEU A CA  1 
ATOM   304  C C   . LEU A 1 40  ? -1.557  -4.468  -9.993  1.00 10.39 ? 118  LEU A C   1 
ATOM   305  O O   . LEU A 1 40  ? -2.380  -4.964  -10.763 1.00 9.73  ? 118  LEU A O   1 
ATOM   306  C CB  . LEU A 1 40  ? -3.033  -4.217  -7.989  1.00 11.39 ? 118  LEU A CB  1 
ATOM   307  C CG  . LEU A 1 40  ? -3.648  -3.374  -6.869  1.00 12.95 ? 118  LEU A CG  1 
ATOM   308  C CD1 . LEU A 1 40  ? -4.543  -4.254  -6.004  1.00 14.11 ? 118  LEU A CD1 1 
ATOM   309  C CD2 . LEU A 1 40  ? -2.552  -2.751  -6.030  1.00 14.39 ? 118  LEU A CD2 1 
ATOM   310  N N   . SER A 1 41  ? -0.253  -4.704  -10.088 1.00 10.03 ? 119  SER A N   1 
ATOM   311  C CA  . SER A 1 41  ? 0.268   -5.575  -11.131 1.00 10.69 ? 119  SER A CA  1 
ATOM   312  C C   . SER A 1 41  ? 0.923   -6.808  -10.532 1.00 10.86 ? 119  SER A C   1 
ATOM   313  O O   . SER A 1 41  ? 1.795   -6.698  -9.675  1.00 10.01 ? 119  SER A O   1 
ATOM   314  C CB  . SER A 1 41  ? 1.294   -4.823  -11.979 1.00 11.30 ? 119  SER A CB  1 
ATOM   315  O OG  . SER A 1 41  ? 0.755   -3.612  -12.481 1.00 11.39 ? 119  SER A OG  1 
ATOM   316  N N   . PRO A 1 42  ? 0.506   -8.001  -10.972 1.00 11.88 ? 120  PRO A N   1 
ATOM   317  C CA  . PRO A 1 42  ? 1.111   -9.218  -10.430 1.00 12.25 ? 120  PRO A CA  1 
ATOM   318  C C   . PRO A 1 42  ? 2.562   -9.337  -10.889 1.00 12.69 ? 120  PRO A C   1 
ATOM   319  O O   . PRO A 1 42  ? 2.882   -9.081  -12.051 1.00 12.96 ? 120  PRO A O   1 
ATOM   320  C CB  . PRO A 1 42  ? 0.224   -10.328 -10.994 1.00 13.23 ? 120  PRO A CB  1 
ATOM   321  C CG  . PRO A 1 42  ? -0.218  -9.763  -12.313 1.00 14.45 ? 120  PRO A CG  1 
ATOM   322  C CD  . PRO A 1 42  ? -0.546  -8.326  -11.956 1.00 12.61 ? 120  PRO A CD  1 
ATOM   323  N N   . VAL A 1 43  ? 3.439   -9.706  -9.965  1.00 12.46 ? 121  VAL A N   1 
ATOM   324  C CA  . VAL A 1 43  ? 4.852   -9.872  -10.271 1.00 12.87 ? 121  VAL A CA  1 
ATOM   325  C C   . VAL A 1 43  ? 5.089   -11.367 -10.421 1.00 12.84 ? 121  VAL A C   1 
ATOM   326  O O   . VAL A 1 43  ? 5.739   -11.823 -11.361 1.00 13.81 ? 121  VAL A O   1 
ATOM   327  C CB  . VAL A 1 43  ? 5.722   -9.304  -9.134  1.00 12.58 ? 121  VAL A CB  1 
ATOM   328  C CG1 . VAL A 1 43  ? 7.191   -9.611  -9.384  1.00 11.86 ? 121  VAL A CG1 1 
ATOM   329  C CG2 . VAL A 1 43  ? 5.505   -7.803  -9.032  1.00 13.10 ? 121  VAL A CG2 1 
ATOM   330  N N   . GLU A 1 44  ? 4.534   -12.114 -9.477  1.00 12.83 ? 122  GLU A N   1 
ATOM   331  C CA  . GLU A 1 44  ? 4.603   -13.568 -9.444  1.00 12.89 ? 122  GLU A CA  1 
ATOM   332  C C   . GLU A 1 44  ? 3.446   -13.984 -8.552  1.00 12.49 ? 122  GLU A C   1 
ATOM   333  O O   . GLU A 1 44  ? 2.726   -13.127 -8.041  1.00 12.27 ? 122  GLU A O   1 
ATOM   334  C CB  . GLU A 1 44  ? 5.936   -14.050 -8.862  1.00 13.88 ? 122  GLU A CB  1 
ATOM   335  C CG  . GLU A 1 44  ? 6.400   -13.321 -7.614  1.00 15.79 ? 122  GLU A CG  1 
ATOM   336  C CD  . GLU A 1 44  ? 7.679   -13.914 -7.042  1.00 17.76 ? 122  GLU A CD  1 
ATOM   337  O OE1 . GLU A 1 44  ? 8.437   -13.178 -6.380  1.00 18.31 ? 122  GLU A OE1 1 
ATOM   338  O OE2 . GLU A 1 44  ? 7.920   -15.123 -7.244  1.00 19.25 ? 122  GLU A OE2 1 
ATOM   339  N N   . ARG A 1 45  ? 3.251   -15.281 -8.358  1.00 11.54 ? 123  ARG A N   1 
ATOM   340  C CA  . ARG A 1 45  ? 2.144   -15.714 -7.522  1.00 10.92 ? 123  ARG A CA  1 
ATOM   341  C C   . ARG A 1 45  ? 2.160   -15.101 -6.123  1.00 9.45  ? 123  ARG A C   1 
ATOM   342  O O   . ARG A 1 45  ? 3.141   -15.231 -5.390  1.00 9.21  ? 123  ARG A O   1 
ATOM   343  C CB  . ARG A 1 45  ? 2.110   -17.237 -7.395  1.00 11.82 ? 123  ARG A CB  1 
ATOM   344  C CG  . ARG A 1 45  ? 1.068   -17.683 -6.387  1.00 12.96 ? 123  ARG A CG  1 
ATOM   345  C CD  . ARG A 1 45  ? 0.765   -19.156 -6.468  1.00 14.90 ? 123  ARG A CD  1 
ATOM   346  N NE  . ARG A 1 45  ? -0.115  -19.540 -5.371  1.00 14.69 ? 123  ARG A NE  1 
ATOM   347  C CZ  . ARG A 1 45  ? -0.722  -20.715 -5.276  1.00 14.66 ? 123  ARG A CZ  1 
ATOM   348  N NH1 . ARG A 1 45  ? -0.547  -21.628 -6.223  1.00 15.83 ? 123  ARG A NH1 1 
ATOM   349  N NH2 . ARG A 1 45  ? -1.491  -20.980 -4.231  1.00 13.18 ? 123  ARG A NH2 1 
ATOM   350  N N   . GLY A 1 46  ? 1.061   -14.438 -5.770  1.00 8.93  ? 124  GLY A N   1 
ATOM   351  C CA  . GLY A 1 46  ? 0.925   -13.824 -4.457  1.00 8.60  ? 124  GLY A CA  1 
ATOM   352  C C   . GLY A 1 46  ? 1.685   -12.528 -4.234  1.00 7.77  ? 124  GLY A C   1 
ATOM   353  O O   . GLY A 1 46  ? 1.632   -11.960 -3.143  1.00 7.28  ? 124  GLY A O   1 
ATOM   354  N N   . VAL A 1 47  ? 2.379   -12.051 -5.261  1.00 7.41  ? 125  VAL A N   1 
ATOM   355  C CA  . VAL A 1 47  ? 3.172   -10.829 -5.153  1.00 7.25  ? 125  VAL A CA  1 
ATOM   356  C C   . VAL A 1 47  ? 2.724   -9.778  -6.161  1.00 7.01  ? 125  VAL A C   1 
ATOM   357  O O   . VAL A 1 47  ? 2.482   -10.091 -7.328  1.00 7.46  ? 125  VAL A O   1 
ATOM   358  C CB  . VAL A 1 47  ? 4.665   -11.136 -5.390  1.00 6.87  ? 125  VAL A CB  1 
ATOM   359  C CG1 . VAL A 1 47  ? 5.495   -9.883  -5.204  1.00 7.15  ? 125  VAL A CG1 1 
ATOM   360  C CG2 . VAL A 1 47  ? 5.127   -12.236 -4.440  1.00 7.51  ? 125  VAL A CG2 1 
ATOM   361  N N   . VAL A 1 48  ? 2.636   -8.526  -5.715  1.00 6.88  ? 126  VAL A N   1 
ATOM   362  C CA  . VAL A 1 48  ? 2.207   -7.432  -6.583  1.00 6.56  ? 126  VAL A CA  1 
ATOM   363  C C   . VAL A 1 48  ? 3.043   -6.166  -6.435  1.00 6.87  ? 126  VAL A C   1 
ATOM   364  O O   . VAL A 1 48  ? 3.805   -6.015  -5.481  1.00 7.11  ? 126  VAL A O   1 
ATOM   365  C CB  . VAL A 1 48  ? 0.754   -7.011  -6.268  1.00 6.83  ? 126  VAL A CB  1 
ATOM   366  C CG1 . VAL A 1 48  ? -0.198  -8.171  -6.480  1.00 6.87  ? 126  VAL A CG1 1 
ATOM   367  C CG2 . VAL A 1 48  ? 0.672   -6.512  -4.828  1.00 7.21  ? 126  VAL A CG2 1 
ATOM   368  N N   . SER A 1 49  ? 2.905   -5.265  -7.404  1.00 5.95  ? 127  SER A N   1 
ATOM   369  C CA  . SER A 1 49  ? 3.556   -3.965  -7.330  1.00 6.02  ? 127  SER A CA  1 
ATOM   370  C C   . SER A 1 49  ? 2.348   -3.042  -7.202  1.00 6.01  ? 127  SER A C   1 
ATOM   371  O O   . SER A 1 49  ? 1.251   -3.380  -7.662  1.00 6.11  ? 127  SER A O   1 
ATOM   372  C CB  . SER A 1 49  ? 4.366   -3.639  -8.592  1.00 6.80  ? 127  SER A CB  1 
ATOM   373  O OG  . SER A 1 49  ? 3.551   -3.520  -9.741  1.00 7.48  ? 127  SER A OG  1 
ATOM   374  N N   . ILE A 1 50  ? 2.535   -1.900  -6.559  1.00 5.10  ? 128  ILE A N   1 
ATOM   375  C CA  . ILE A 1 50  ? 1.442   -0.960  -6.349  1.00 5.69  ? 128  ILE A CA  1 
ATOM   376  C C   . ILE A 1 50  ? 1.873   0.376   -6.936  1.00 5.76  ? 128  ILE A C   1 
ATOM   377  O O   . ILE A 1 50  ? 2.693   1.085   -6.356  1.00 6.10  ? 128  ILE A O   1 
ATOM   378  C CB  . ILE A 1 50  ? 1.147   -0.825  -4.845  1.00 5.40  ? 128  ILE A CB  1 
ATOM   379  C CG1 . ILE A 1 50  ? 0.917   -2.219  -4.239  1.00 5.86  ? 128  ILE A CG1 1 
ATOM   380  C CG2 . ILE A 1 50  ? -0.073  0.059   -4.631  1.00 6.23  ? 128  ILE A CG2 1 
ATOM   381  C CD1 . ILE A 1 50  ? 0.750   -2.236  -2.718  1.00 5.16  ? 128  ILE A CD1 1 
ATOM   382  N N   . PHE A 1 51  ? 1.306   0.712   -8.092  1.00 5.77  ? 129  PHE A N   1 
ATOM   383  C CA  . PHE A 1 51  ? 1.673   1.929   -8.808  1.00 6.64  ? 129  PHE A CA  1 
ATOM   384  C C   . PHE A 1 51  ? 0.658   3.067   -8.728  1.00 7.07  ? 129  PHE A C   1 
ATOM   385  O O   . PHE A 1 51  ? -0.520  2.888   -9.040  1.00 6.90  ? 129  PHE A O   1 
ATOM   386  C CB  . PHE A 1 51  ? 1.926   1.572   -10.276 1.00 7.28  ? 129  PHE A CB  1 
ATOM   387  C CG  . PHE A 1 51  ? 2.493   2.698   -11.092 1.00 7.76  ? 129  PHE A CG  1 
ATOM   388  C CD1 . PHE A 1 51  ? 3.799   3.129   -10.892 1.00 8.17  ? 129  PHE A CD1 1 
ATOM   389  C CD2 . PHE A 1 51  ? 1.723   3.315   -12.074 1.00 8.14  ? 129  PHE A CD2 1 
ATOM   390  C CE1 . PHE A 1 51  ? 4.334   4.157   -11.663 1.00 8.24  ? 129  PHE A CE1 1 
ATOM   391  C CE2 . PHE A 1 51  ? 2.247   4.344   -12.847 1.00 8.09  ? 129  PHE A CE2 1 
ATOM   392  C CZ  . PHE A 1 51  ? 3.555   4.765   -12.643 1.00 8.83  ? 129  PHE A CZ  1 
ATOM   393  N N   . GLY A 1 52  ? 1.131   4.239   -8.312  1.00 7.82  ? 130  GLY A N   1 
ATOM   394  C CA  . GLY A 1 52  ? 0.267   5.403   -8.223  1.00 7.44  ? 130  GLY A CA  1 
ATOM   395  C C   . GLY A 1 52  ? 0.099   5.962   -9.622  1.00 8.24  ? 130  GLY A C   1 
ATOM   396  O O   . GLY A 1 52  ? 0.994   6.618   -10.150 1.00 7.64  ? 130  GLY A O   1 
ATOM   397  N N   . VAL A 1 53  ? -1.056  5.694   -10.221 1.00 8.47  ? 131  VAL A N   1 
ATOM   398  C CA  . VAL A 1 53  ? -1.361  6.124   -11.580 1.00 8.95  ? 131  VAL A CA  1 
ATOM   399  C C   . VAL A 1 53  ? -1.094  7.597   -11.889 1.00 8.99  ? 131  VAL A C   1 
ATOM   400  O O   . VAL A 1 53  ? -0.429  7.921   -12.874 1.00 8.93  ? 131  VAL A O   1 
ATOM   401  C CB  . VAL A 1 53  ? -2.837  5.798   -11.920 1.00 10.08 ? 131  VAL A CB  1 
ATOM   402  C CG1 . VAL A 1 53  ? -3.150  6.211   -13.342 1.00 12.10 ? 131  VAL A CG1 1 
ATOM   403  C CG2 . VAL A 1 53  ? -3.088  4.301   -11.741 1.00 11.84 ? 131  VAL A CG2 1 
ATOM   404  N N   . ALA A 1 54  ? -1.605  8.486   -11.045 1.00 7.92  ? 132  ALA A N   1 
ATOM   405  C CA  . ALA A 1 54  ? -1.447  9.922   -11.255 1.00 8.44  ? 132  ALA A CA  1 
ATOM   406  C C   . ALA A 1 54  ? -0.066  10.487  -10.930 1.00 8.83  ? 132  ALA A C   1 
ATOM   407  O O   . ALA A 1 54  ? 0.481   11.282  -11.699 1.00 9.23  ? 132  ALA A O   1 
ATOM   408  C CB  . ALA A 1 54  ? -2.513  10.680  -10.453 1.00 8.07  ? 132  ALA A CB  1 
ATOM   409  N N   . SER A 1 55  ? 0.496   10.079  -9.795  1.00 8.54  ? 133  SER A N   1 
ATOM   410  C CA  . SER A 1 55  ? 1.802   10.575  -9.367  1.00 9.10  ? 133  SER A CA  1 
ATOM   411  C C   . SER A 1 55  ? 2.942   9.920   -10.138 1.00 9.35  ? 133  SER A C   1 
ATOM   412  O O   . SER A 1 55  ? 4.019   10.498  -10.274 1.00 8.28  ? 133  SER A O   1 
ATOM   413  C CB  . SER A 1 55  ? 2.004   10.314  -7.872  1.00 9.66  ? 133  SER A CB  1 
ATOM   414  O OG  . SER A 1 55  ? 2.212   8.931   -7.636  1.00 12.46 ? 133  SER A OG  1 
ATOM   415  N N   . ARG A 1 56  ? 2.697   8.707   -10.628 1.00 9.32  ? 134  ARG A N   1 
ATOM   416  C CA  . ARG A 1 56  ? 3.690   7.937   -11.368 1.00 10.27 ? 134  ARG A CA  1 
ATOM   417  C C   . ARG A 1 56  ? 4.794   7.402   -10.453 1.00 9.51  ? 134  ARG A C   1 
ATOM   418  O O   . ARG A 1 56  ? 5.938   7.247   -10.877 1.00 10.33 ? 134  ARG A O   1 
ATOM   419  C CB  . ARG A 1 56  ? 4.300   8.781   -12.492 1.00 12.72 ? 134  ARG A CB  1 
ATOM   420  C CG  . ARG A 1 56  ? 3.283   9.308   -13.496 1.00 16.89 ? 134  ARG A CG  1 
ATOM   421  C CD  . ARG A 1 56  ? 2.539   8.169   -14.175 1.00 19.81 ? 134  ARG A CD  1 
ATOM   422  N NE  . ARG A 1 56  ? 1.582   8.631   -15.180 1.00 23.62 ? 134  ARG A NE  1 
ATOM   423  C CZ  . ARG A 1 56  ? 1.917   9.336   -16.255 1.00 24.68 ? 134  ARG A CZ  1 
ATOM   424  N NH1 . ARG A 1 56  ? 3.185   9.661   -16.464 1.00 25.92 ? 134  ARG A NH1 1 
ATOM   425  N NH2 . ARG A 1 56  ? 0.989   9.703   -17.131 1.00 25.37 ? 134  ARG A NH2 1 
ATOM   426  N N   . PHE A 1 57  ? 4.449   7.127   -9.198  1.00 8.65  ? 135  PHE A N   1 
ATOM   427  C CA  . PHE A 1 57  ? 5.407   6.569   -8.243  1.00 8.38  ? 135  PHE A CA  1 
ATOM   428  C C   . PHE A 1 57  ? 4.917   5.207   -7.771  1.00 7.92  ? 135  PHE A C   1 
ATOM   429  O O   . PHE A 1 57  ? 3.720   5.016   -7.564  1.00 7.39  ? 135  PHE A O   1 
ATOM   430  C CB  . PHE A 1 57  ? 5.553   7.444   -6.994  1.00 8.83  ? 135  PHE A CB  1 
ATOM   431  C CG  . PHE A 1 57  ? 6.409   8.662   -7.175  1.00 8.66  ? 135  PHE A CG  1 
ATOM   432  C CD1 . PHE A 1 57  ? 5.868   9.846   -7.665  1.00 10.75 ? 135  PHE A CD1 1 
ATOM   433  C CD2 . PHE A 1 57  ? 7.756   8.636   -6.819  1.00 8.52  ? 135  PHE A CD2 1 
ATOM   434  C CE1 . PHE A 1 57  ? 6.656   10.990  -7.795  1.00 10.30 ? 135  PHE A CE1 1 
ATOM   435  C CE2 . PHE A 1 57  ? 8.555   9.772   -6.946  1.00 8.67  ? 135  PHE A CE2 1 
ATOM   436  C CZ  . PHE A 1 57  ? 8.003   10.951  -7.435  1.00 10.46 ? 135  PHE A CZ  1 
ATOM   437  N N   . PHE A 1 58  ? 5.841   4.265   -7.605  1.00 7.93  ? 136  PHE A N   1 
ATOM   438  C CA  . PHE A 1 58  ? 5.499   2.950   -7.083  1.00 7.08  ? 136  PHE A CA  1 
ATOM   439  C C   . PHE A 1 58  ? 5.573   3.111   -5.575  1.00 7.61  ? 136  PHE A C   1 
ATOM   440  O O   . PHE A 1 58  ? 6.373   3.904   -5.076  1.00 7.88  ? 136  PHE A O   1 
ATOM   441  C CB  . PHE A 1 58  ? 6.543   1.890   -7.453  1.00 7.49  ? 136  PHE A CB  1 
ATOM   442  C CG  . PHE A 1 58  ? 6.440   1.387   -8.853  1.00 6.98  ? 136  PHE A CG  1 
ATOM   443  C CD1 . PHE A 1 58  ? 7.198   1.956   -9.865  1.00 7.11  ? 136  PHE A CD1 1 
ATOM   444  C CD2 . PHE A 1 58  ? 5.595   0.324   -9.155  1.00 7.49  ? 136  PHE A CD2 1 
ATOM   445  C CE1 . PHE A 1 58  ? 7.121   1.474   -11.164 1.00 8.41  ? 136  PHE A CE1 1 
ATOM   446  C CE2 . PHE A 1 58  ? 5.508   -0.167  -10.450 1.00 8.09  ? 136  PHE A CE2 1 
ATOM   447  C CZ  . PHE A 1 58  ? 6.275   0.411   -11.459 1.00 7.87  ? 136  PHE A CZ  1 
ATOM   448  N N   . VAL A 1 59  ? 4.741   2.380   -4.849  1.00 6.58  ? 137  VAL A N   1 
ATOM   449  C CA  . VAL A 1 59  ? 4.807   2.425   -3.397  1.00 6.26  ? 137  VAL A CA  1 
ATOM   450  C C   . VAL A 1 59  ? 5.969   1.489   -3.080  1.00 6.37  ? 137  VAL A C   1 
ATOM   451  O O   . VAL A 1 59  ? 6.041   0.386   -3.624  1.00 6.96  ? 137  VAL A O   1 
ATOM   452  C CB  . VAL A 1 59  ? 3.530   1.872   -2.747  1.00 6.19  ? 137  VAL A CB  1 
ATOM   453  C CG1 . VAL A 1 59  ? 3.731   1.747   -1.237  1.00 6.00  ? 137  VAL A CG1 1 
ATOM   454  C CG2 . VAL A 1 59  ? 2.354   2.795   -3.043  1.00 6.61  ? 137  VAL A CG2 1 
ATOM   455  N N   . ALA A 1 60  ? 6.885   1.930   -2.225  1.00 6.10  ? 138  ALA A N   1 
ATOM   456  C CA  . ALA A 1 60  ? 8.041   1.113   -1.862  1.00 6.34  ? 138  ALA A CA  1 
ATOM   457  C C   . ALA A 1 60  ? 8.291   1.180   -0.362  1.00 6.19  ? 138  ALA A C   1 
ATOM   458  O O   . ALA A 1 60  ? 7.774   2.060   0.322   1.00 5.65  ? 138  ALA A O   1 
ATOM   459  C CB  . ALA A 1 60  ? 9.285   1.595   -2.619  1.00 6.40  ? 138  ALA A CB  1 
ATOM   460  N N   . MET A 1 61  ? 9.076   0.240   0.154   1.00 6.77  ? 139  MET A N   1 
ATOM   461  C CA  . MET A 1 61  ? 9.393   0.237   1.579   1.00 6.76  ? 139  MET A CA  1 
ATOM   462  C C   . MET A 1 61  ? 10.879  -0.023  1.779   1.00 7.49  ? 139  MET A C   1 
ATOM   463  O O   . MET A 1 61  ? 11.438  -0.945  1.182   1.00 6.81  ? 139  MET A O   1 
ATOM   464  C CB  . MET A 1 61  ? 8.579   -0.826  2.321   1.00 7.13  ? 139  MET A CB  1 
ATOM   465  C CG  . MET A 1 61  ? 8.807   -0.803  3.826   1.00 8.40  ? 139  MET A CG  1 
ATOM   466  S SD  . MET A 1 61  ? 7.837   -2.029  4.717   1.00 9.30  ? 139  MET A SD  1 
ATOM   467  C CE  . MET A 1 61  ? 6.185   -1.335  4.556   1.00 8.92  ? 139  MET A CE  1 
ATOM   468  N N   . SER A 1 62  ? 11.511  0.798   2.616   1.00 7.52  ? 140  SER A N   1 
ATOM   469  C CA  . SER A 1 62  ? 12.939  0.673   2.903   1.00 8.67  ? 140  SER A CA  1 
ATOM   470  C C   . SER A 1 62  ? 13.199  -0.414  3.943   1.00 9.77  ? 140  SER A C   1 
ATOM   471  O O   . SER A 1 62  ? 12.266  -0.965  4.528   1.00 9.80  ? 140  SER A O   1 
ATOM   472  C CB  . SER A 1 62  ? 13.487  2.001   3.431   1.00 8.60  ? 140  SER A CB  1 
ATOM   473  O OG  . SER A 1 62  ? 13.025  2.238   4.753   1.00 7.74  ? 140  SER A OG  1 
ATOM   474  N N   . SER A 1 63  ? 14.474  -0.705  4.182   1.00 9.71  ? 141  SER A N   1 
ATOM   475  C CA  . SER A 1 63  ? 14.855  -1.725  5.155   1.00 11.35 ? 141  SER A CA  1 
ATOM   476  C C   . SER A 1 63  ? 14.513  -1.284  6.576   1.00 11.94 ? 141  SER A C   1 
ATOM   477  O O   . SER A 1 63  ? 14.568  -2.083  7.515   1.00 12.36 ? 141  SER A O   1 
ATOM   478  C CB  . SER A 1 63  ? 16.355  -2.018  5.053   1.00 11.04 ? 141  SER A CB  1 
ATOM   479  O OG  . SER A 1 63  ? 17.122  -0.883  5.421   1.00 12.07 ? 141  SER A OG  1 
ATOM   480  N N   . LYS A 1 64  ? 14.167  -0.009  6.731   1.00 12.31 ? 142  LYS A N   1 
ATOM   481  C CA  . LYS A 1 64  ? 13.804  0.529   8.038   1.00 13.17 ? 142  LYS A CA  1 
ATOM   482  C C   . LYS A 1 64  ? 12.290  0.560   8.191   1.00 12.17 ? 142  LYS A C   1 
ATOM   483  O O   . LYS A 1 64  ? 11.774  1.050   9.190   1.00 12.32 ? 142  LYS A O   1 
ATOM   484  C CB  . LYS A 1 64  ? 14.361  1.943   8.214   1.00 15.47 ? 142  LYS A CB  1 
ATOM   485  C CG  . LYS A 1 64  ? 15.876  2.017   8.238   1.00 18.63 ? 142  LYS A CG  1 
ATOM   486  C CD  . LYS A 1 64  ? 16.342  3.456   8.348   1.00 21.02 ? 142  LYS A CD  1 
ATOM   487  C CE  . LYS A 1 64  ? 17.855  3.557   8.289   1.00 23.01 ? 142  LYS A CE  1 
ATOM   488  N NZ  . LYS A 1 64  ? 18.298  4.979   8.327   1.00 24.37 ? 142  LYS A NZ  1 
ATOM   489  N N   . GLY A 1 65  ? 11.588  0.043   7.185   1.00 10.43 ? 143  GLY A N   1 
ATOM   490  C CA  . GLY A 1 65  ? 10.136  -0.002  7.229   1.00 9.42  ? 143  GLY A CA  1 
ATOM   491  C C   . GLY A 1 65  ? 9.427   1.262   6.784   1.00 8.75  ? 143  GLY A C   1 
ATOM   492  O O   . GLY A 1 65  ? 8.209   1.373   6.926   1.00 8.31  ? 143  GLY A O   1 
ATOM   493  N N   . LYS A 1 66  ? 10.175  2.213   6.235   1.00 7.56  ? 144  LYS A N   1 
ATOM   494  C CA  . LYS A 1 66  ? 9.588   3.469   5.789   1.00 6.96  ? 144  LYS A CA  1 
ATOM   495  C C   . LYS A 1 66  ? 9.002   3.385   4.385   1.00 6.78  ? 144  LYS A C   1 
ATOM   496  O O   . LYS A 1 66  ? 9.698   3.037   3.428   1.00 6.18  ? 144  LYS A O   1 
ATOM   497  C CB  . LYS A 1 66  ? 10.637  4.583   5.825   1.00 7.62  ? 144  LYS A CB  1 
ATOM   498  C CG  . LYS A 1 66  ? 10.114  5.955   5.413   1.00 8.80  ? 144  LYS A CG  1 
ATOM   499  C CD  . LYS A 1 66  ? 9.095   6.492   6.409   1.00 8.64  ? 144  LYS A CD  1 
ATOM   500  C CE  . LYS A 1 66  ? 8.610   7.880   6.012   1.00 9.66  ? 144  LYS A CE  1 
ATOM   501  N NZ  . LYS A 1 66  ? 7.619   8.432   6.983   1.00 11.27 ? 144  LYS A NZ  1 
ATOM   502  N N   . LEU A 1 67  ? 7.717   3.701   4.265   1.00 6.40  ? 145  LEU A N   1 
ATOM   503  C CA  . LEU A 1 67  ? 7.057   3.701   2.963   1.00 6.12  ? 145  LEU A CA  1 
ATOM   504  C C   . LEU A 1 67  ? 7.499   4.952   2.211   1.00 6.17  ? 145  LEU A C   1 
ATOM   505  O O   . LEU A 1 67  ? 7.551   6.041   2.784   1.00 6.13  ? 145  LEU A O   1 
ATOM   506  C CB  . LEU A 1 67  ? 5.536   3.723   3.131   1.00 5.82  ? 145  LEU A CB  1 
ATOM   507  C CG  . LEU A 1 67  ? 4.869   2.412   3.548   1.00 6.37  ? 145  LEU A CG  1 
ATOM   508  C CD1 . LEU A 1 67  ? 3.397   2.659   3.864   1.00 7.01  ? 145  LEU A CD1 1 
ATOM   509  C CD2 . LEU A 1 67  ? 5.015   1.395   2.424   1.00 7.23  ? 145  LEU A CD2 1 
ATOM   510  N N   . TYR A 1 68  ? 7.825   4.796   0.933   1.00 5.68  ? 146  TYR A N   1 
ATOM   511  C CA  . TYR A 1 68  ? 8.250   5.933   0.128   1.00 6.42  ? 146  TYR A CA  1 
ATOM   512  C C   . TYR A 1 68  ? 7.917   5.693   -1.343  1.00 6.69  ? 146  TYR A C   1 
ATOM   513  O O   . TYR A 1 68  ? 7.677   4.557   -1.763  1.00 6.62  ? 146  TYR A O   1 
ATOM   514  C CB  . TYR A 1 68  ? 9.756   6.186   0.319   1.00 6.42  ? 146  TYR A CB  1 
ATOM   515  C CG  . TYR A 1 68  ? 10.674  5.186   -0.359  1.00 6.55  ? 146  TYR A CG  1 
ATOM   516  C CD1 . TYR A 1 68  ? 11.157  5.420   -1.647  1.00 6.78  ? 146  TYR A CD1 1 
ATOM   517  C CD2 . TYR A 1 68  ? 11.044  4.004   0.279   1.00 7.13  ? 146  TYR A CD2 1 
ATOM   518  C CE1 . TYR A 1 68  ? 11.986  4.497   -2.285  1.00 7.64  ? 146  TYR A CE1 1 
ATOM   519  C CE2 . TYR A 1 68  ? 11.874  3.072   -0.352  1.00 7.09  ? 146  TYR A CE2 1 
ATOM   520  C CZ  . TYR A 1 68  ? 12.339  3.326   -1.632  1.00 7.80  ? 146  TYR A CZ  1 
ATOM   521  O OH  . TYR A 1 68  ? 13.149  2.412   -2.269  1.00 7.00  ? 146  TYR A OH  1 
ATOM   522  N N   . GLY A 1 69  ? 7.878   6.769   -2.120  1.00 5.95  ? 147  GLY A N   1 
ATOM   523  C CA  . GLY A 1 69  ? 7.571   6.635   -3.530  1.00 5.63  ? 147  GLY A CA  1 
ATOM   524  C C   . GLY A 1 69  ? 8.818   6.414   -4.361  1.00 5.37  ? 147  GLY A C   1 
ATOM   525  O O   . GLY A 1 69  ? 9.809   7.134   -4.201  1.00 5.41  ? 147  GLY A O   1 
ATOM   526  N N   . SER A 1 70  ? 8.776   5.419   -5.242  1.00 5.18  ? 148  SER A N   1 
ATOM   527  C CA  . SER A 1 70  ? 9.908   5.112   -6.114  1.00 5.87  ? 148  SER A CA  1 
ATOM   528  C C   . SER A 1 70  ? 9.486   5.371   -7.557  1.00 6.42  ? 148  SER A C   1 
ATOM   529  O O   . SER A 1 70  ? 8.579   4.719   -8.073  1.00 7.70  ? 148  SER A O   1 
ATOM   530  C CB  . SER A 1 70  ? 10.334  3.649   -5.946  1.00 6.82  ? 148  SER A CB  1 
ATOM   531  O OG  . SER A 1 70  ? 11.520  3.382   -6.679  1.00 5.87  ? 148  SER A OG  1 
ATOM   532  N N   . PRO A 1 71  ? 10.142  6.333   -8.227  1.00 7.74  ? 149  PRO A N   1 
ATOM   533  C CA  . PRO A 1 71  ? 9.832   6.688   -9.615  1.00 8.21  ? 149  PRO A CA  1 
ATOM   534  C C   . PRO A 1 71  ? 10.163  5.604   -10.641 1.00 8.51  ? 149  PRO A C   1 
ATOM   535  O O   . PRO A 1 71  ? 9.729   5.681   -11.793 1.00 8.97  ? 149  PRO A O   1 
ATOM   536  C CB  . PRO A 1 71  ? 10.624  7.979   -9.822  1.00 8.68  ? 149  PRO A CB  1 
ATOM   537  C CG  . PRO A 1 71  ? 11.822  7.777   -8.961  1.00 9.11  ? 149  PRO A CG  1 
ATOM   538  C CD  . PRO A 1 71  ? 11.241  7.163   -7.701  1.00 7.72  ? 149  PRO A CD  1 
ATOM   539  N N   . PHE A 1 72  ? 10.941  4.608   -10.223 1.00 8.22  ? 150  PHE A N   1 
ATOM   540  C CA  . PHE A 1 72  ? 11.285  3.486   -11.093 1.00 8.18  ? 150  PHE A CA  1 
ATOM   541  C C   . PHE A 1 72  ? 11.113  2.186   -10.306 1.00 7.43  ? 150  PHE A C   1 
ATOM   542  O O   . PHE A 1 72  ? 11.170  2.181   -9.075  1.00 6.84  ? 150  PHE A O   1 
ATOM   543  C CB  . PHE A 1 72  ? 12.710  3.628   -11.667 1.00 9.01  ? 150  PHE A CB  1 
ATOM   544  C CG  . PHE A 1 72  ? 13.772  3.903   -10.641 1.00 10.81 ? 150  PHE A CG  1 
ATOM   545  C CD1 . PHE A 1 72  ? 14.410  2.858   -9.980  1.00 11.41 ? 150  PHE A CD1 1 
ATOM   546  C CD2 . PHE A 1 72  ? 14.155  5.209   -10.355 1.00 11.41 ? 150  PHE A CD2 1 
ATOM   547  C CE1 . PHE A 1 72  ? 15.420  3.111   -9.047  1.00 12.19 ? 150  PHE A CE1 1 
ATOM   548  C CE2 . PHE A 1 72  ? 15.161  5.475   -9.425  1.00 12.69 ? 150  PHE A CE2 1 
ATOM   549  C CZ  . PHE A 1 72  ? 15.796  4.422   -8.770  1.00 12.71 ? 150  PHE A CZ  1 
ATOM   550  N N   . PHE A 1 73  ? 10.886  1.089   -11.022 1.00 6.95  ? 151  PHE A N   1 
ATOM   551  C CA  . PHE A 1 73  ? 10.639  -0.212  -10.403 1.00 7.33  ? 151  PHE A CA  1 
ATOM   552  C C   . PHE A 1 73  ? 11.880  -0.886  -9.826  1.00 7.03  ? 151  PHE A C   1 
ATOM   553  O O   . PHE A 1 73  ? 12.875  -1.066  -10.525 1.00 6.91  ? 151  PHE A O   1 
ATOM   554  C CB  . PHE A 1 73  ? 9.960   -1.119  -11.435 1.00 8.43  ? 151  PHE A CB  1 
ATOM   555  C CG  . PHE A 1 73  ? 9.217   -2.279  -10.840 1.00 8.59  ? 151  PHE A CG  1 
ATOM   556  C CD1 . PHE A 1 73  ? 8.547   -2.151  -9.624  1.00 8.15  ? 151  PHE A CD1 1 
ATOM   557  C CD2 . PHE A 1 73  ? 9.140   -3.490  -11.522 1.00 10.06 ? 151  PHE A CD2 1 
ATOM   558  C CE1 . PHE A 1 73  ? 7.813   -3.211  -9.099  1.00 8.82  ? 151  PHE A CE1 1 
ATOM   559  C CE2 . PHE A 1 73  ? 8.404   -4.558  -11.005 1.00 9.79  ? 151  PHE A CE2 1 
ATOM   560  C CZ  . PHE A 1 73  ? 7.740   -4.418  -9.792  1.00 10.29 ? 151  PHE A CZ  1 
ATOM   561  N N   . THR A 1 74  ? 11.811  -1.257  -8.546  1.00 7.20  ? 152  THR A N   1 
ATOM   562  C CA  . THR A 1 74  ? 12.930  -1.911  -7.860  1.00 6.32  ? 152  THR A CA  1 
ATOM   563  C C   . THR A 1 74  ? 12.460  -3.050  -6.966  1.00 6.73  ? 152  THR A C   1 
ATOM   564  O O   . THR A 1 74  ? 11.260  -3.283  -6.817  1.00 6.29  ? 152  THR A O   1 
ATOM   565  C CB  . THR A 1 74  ? 13.689  -0.940  -6.946  1.00 6.44  ? 152  THR A CB  1 
ATOM   566  O OG1 . THR A 1 74  ? 12.868  -0.626  -5.815  1.00 5.93  ? 152  THR A OG1 1 
ATOM   567  C CG2 . THR A 1 74  ? 14.049  0.336   -7.691  1.00 7.16  ? 152  THR A CG2 1 
ATOM   568  N N   . ASP A 1 75  ? 13.417  -3.733  -6.342  1.00 7.13  ? 153  ASP A N   1 
ATOM   569  C CA  . ASP A 1 75  ? 13.103  -4.843  -5.456  1.00 7.68  ? 153  ASP A CA  1 
ATOM   570  C C   . ASP A 1 75  ? 12.462  -4.416  -4.128  1.00 7.99  ? 153  ASP A C   1 
ATOM   571  O O   . ASP A 1 75  ? 12.084  -5.265  -3.322  1.00 8.34  ? 153  ASP A O   1 
ATOM   572  C CB  . ASP A 1 75  ? 14.353  -5.710  -5.219  1.00 8.99  ? 153  ASP A CB  1 
ATOM   573  C CG  . ASP A 1 75  ? 15.501  -4.953  -4.572  1.00 9.77  ? 153  ASP A CG  1 
ATOM   574  O OD1 . ASP A 1 75  ? 15.531  -3.707  -4.629  1.00 9.30  ? 153  ASP A OD1 1 
ATOM   575  O OD2 . ASP A 1 75  ? 16.400  -5.623  -4.016  1.00 10.99 ? 153  ASP A OD2 1 
ATOM   576  N N   . GLU A 1 76  ? 12.332  -3.109  -3.902  1.00 7.55  ? 154  GLU A N   1 
ATOM   577  C CA  . GLU A 1 76  ? 11.679  -2.623  -2.684  1.00 6.93  ? 154  GLU A CA  1 
ATOM   578  C C   . GLU A 1 76  ? 10.245  -2.195  -3.016  1.00 6.91  ? 154  GLU A C   1 
ATOM   579  O O   . GLU A 1 76  ? 9.544   -1.638  -2.169  1.00 6.34  ? 154  GLU A O   1 
ATOM   580  C CB  . GLU A 1 76  ? 12.445  -1.440  -2.065  1.00 7.67  ? 154  GLU A CB  1 
ATOM   581  C CG  . GLU A 1 76  ? 13.824  -1.804  -1.511  1.00 7.08  ? 154  GLU A CG  1 
ATOM   582  C CD  . GLU A 1 76  ? 14.415  -0.728  -0.608  1.00 7.82  ? 154  GLU A CD  1 
ATOM   583  O OE1 . GLU A 1 76  ? 14.106  0.465   -0.804  1.00 6.93  ? 154  GLU A OE1 1 
ATOM   584  O OE2 . GLU A 1 76  ? 15.207  -1.077  0.297   1.00 7.76  ? 154  GLU A OE2 1 
ATOM   585  N N   . CYS A 1 77  ? 9.814   -2.474  -4.246  1.00 6.29  ? 155  CYS A N   1 
ATOM   586  C CA  . CYS A 1 77  ? 8.469   -2.123  -4.708  1.00 6.66  ? 155  CYS A CA  1 
ATOM   587  C C   . CYS A 1 77  ? 7.547   -3.339  -4.809  1.00 7.01  ? 155  CYS A C   1 
ATOM   588  O O   . CYS A 1 77  ? 6.435   -3.238  -5.330  1.00 8.21  ? 155  CYS A O   1 
ATOM   589  C CB  . CYS A 1 77  ? 8.534   -1.472  -6.092  1.00 6.30  ? 155  CYS A CB  1 
ATOM   590  S SG  . CYS A 1 77  ? 9.489   0.039   -6.201  1.00 7.00  ? 155  CYS A SG  1 
ATOM   591  N N   . THR A 1 78  ? 8.009   -4.483  -4.326  1.00 6.69  ? 156  THR A N   1 
ATOM   592  C CA  . THR A 1 78  ? 7.217   -5.707  -4.392  1.00 5.87  ? 156  THR A CA  1 
ATOM   593  C C   . THR A 1 78  ? 6.648   -6.079  -3.031  1.00 5.83  ? 156  THR A C   1 
ATOM   594  O O   . THR A 1 78  ? 7.339   -6.007  -2.016  1.00 5.54  ? 156  THR A O   1 
ATOM   595  C CB  . THR A 1 78  ? 8.066   -6.865  -4.931  1.00 5.85  ? 156  THR A CB  1 
ATOM   596  O OG1 . THR A 1 78  ? 9.321   -6.893  -4.247  1.00 6.18  ? 156  THR A OG1 1 
ATOM   597  C CG2 . THR A 1 78  ? 8.314   -6.685  -6.421  1.00 6.61  ? 156  THR A CG2 1 
ATOM   598  N N   . PHE A 1 79  ? 5.382   -6.489  -3.025  1.00 5.70  ? 157  PHE A N   1 
ATOM   599  C CA  . PHE A 1 79  ? 4.693   -6.840  -1.791  1.00 5.65  ? 157  PHE A CA  1 
ATOM   600  C C   . PHE A 1 79  ? 3.858   -8.104  -1.918  1.00 6.10  ? 157  PHE A C   1 
ATOM   601  O O   . PHE A 1 79  ? 3.225   -8.338  -2.946  1.00 5.75  ? 157  PHE A O   1 
ATOM   602  C CB  . PHE A 1 79  ? 3.755   -5.696  -1.383  1.00 6.27  ? 157  PHE A CB  1 
ATOM   603  C CG  . PHE A 1 79  ? 4.463   -4.416  -1.057  1.00 5.92  ? 157  PHE A CG  1 
ATOM   604  C CD1 . PHE A 1 79  ? 4.951   -4.183  0.225   1.00 6.03  ? 157  PHE A CD1 1 
ATOM   605  C CD2 . PHE A 1 79  ? 4.669   -3.453  -2.038  1.00 5.50  ? 157  PHE A CD2 1 
ATOM   606  C CE1 . PHE A 1 79  ? 5.638   -3.006  0.524   1.00 6.23  ? 157  PHE A CE1 1 
ATOM   607  C CE2 . PHE A 1 79  ? 5.353   -2.279  -1.749  1.00 5.35  ? 157  PHE A CE2 1 
ATOM   608  C CZ  . PHE A 1 79  ? 5.838   -2.057  -0.463  1.00 5.57  ? 157  PHE A CZ  1 
ATOM   609  N N   . LYS A 1 80  ? 3.852   -8.911  -0.864  1.00 6.36  ? 158  LYS A N   1 
ATOM   610  C CA  . LYS A 1 80  ? 3.040   -10.117 -0.849  1.00 6.76  ? 158  LYS A CA  1 
ATOM   611  C C   . LYS A 1 80  ? 1.629   -9.676  -0.471  1.00 6.88  ? 158  LYS A C   1 
ATOM   612  O O   . LYS A 1 80  ? 1.433   -9.029  0.558   1.00 7.51  ? 158  LYS A O   1 
ATOM   613  C CB  . LYS A 1 80  ? 3.564   -11.108 0.191   1.00 7.54  ? 158  LYS A CB  1 
ATOM   614  C CG  . LYS A 1 80  ? 4.931   -11.671 -0.134  1.00 8.41  ? 158  LYS A CG  1 
ATOM   615  C CD  . LYS A 1 80  ? 5.315   -12.785 0.824   1.00 10.05 ? 158  LYS A CD  1 
ATOM   616  C CE  . LYS A 1 80  ? 6.641   -13.402 0.419   1.00 11.40 ? 158  LYS A CE  1 
ATOM   617  N NZ  . LYS A 1 80  ? 6.961   -14.607 1.233   1.00 12.48 ? 158  LYS A NZ  1 
ATOM   618  N N   . GLU A 1 81  ? 0.656   -10.012 -1.311  1.00 6.50  ? 159  GLU A N   1 
ATOM   619  C CA  . GLU A 1 81  ? -0.739  -9.662  -1.063  1.00 7.08  ? 159  GLU A CA  1 
ATOM   620  C C   . GLU A 1 81  ? -1.367  -10.835 -0.319  1.00 7.00  ? 159  GLU A C   1 
ATOM   621  O O   . GLU A 1 81  ? -1.653  -11.881 -0.909  1.00 6.45  ? 159  GLU A O   1 
ATOM   622  C CB  . GLU A 1 81  ? -1.451  -9.421  -2.392  1.00 8.45  ? 159  GLU A CB  1 
ATOM   623  C CG  . GLU A 1 81  ? -2.874  -8.905  -2.265  1.00 10.72 ? 159  GLU A CG  1 
ATOM   624  C CD  . GLU A 1 81  ? -3.440  -8.494  -3.607  1.00 12.99 ? 159  GLU A CD  1 
ATOM   625  O OE1 . GLU A 1 81  ? -3.493  -9.353  -4.511  1.00 14.61 ? 159  GLU A OE1 1 
ATOM   626  O OE2 . GLU A 1 81  ? -3.824  -7.315  -3.762  1.00 14.45 ? 159  GLU A OE2 1 
ATOM   627  N N   . ILE A 1 82  ? -1.585  -10.644 0.979   1.00 6.44  ? 160  ILE A N   1 
ATOM   628  C CA  . ILE A 1 82  ? -2.114  -11.684 1.853   1.00 6.73  ? 160  ILE A CA  1 
ATOM   629  C C   . ILE A 1 82  ? -3.565  -11.476 2.261   1.00 7.21  ? 160  ILE A C   1 
ATOM   630  O O   . ILE A 1 82  ? -3.904  -10.476 2.896   1.00 6.33  ? 160  ILE A O   1 
ATOM   631  C CB  . ILE A 1 82  ? -1.239  -11.778 3.124   1.00 7.25  ? 160  ILE A CB  1 
ATOM   632  C CG1 . ILE A 1 82  ? 0.221   -12.000 2.715   1.00 7.90  ? 160  ILE A CG1 1 
ATOM   633  C CG2 . ILE A 1 82  ? -1.727  -12.910 4.023   1.00 8.05  ? 160  ILE A CG2 1 
ATOM   634  C CD1 . ILE A 1 82  ? 1.229   -11.790 3.836   1.00 8.51  ? 160  ILE A CD1 1 
ATOM   635  N N   . LEU A 1 83  ? -4.408  -12.445 1.910   1.00 6.48  ? 161  LEU A N   1 
ATOM   636  C CA  . LEU A 1 83  ? -5.830  -12.382 2.226   1.00 6.42  ? 161  LEU A CA  1 
ATOM   637  C C   . LEU A 1 83  ? -6.095  -12.459 3.722   1.00 7.01  ? 161  LEU A C   1 
ATOM   638  O O   . LEU A 1 83  ? -5.454  -13.231 4.443   1.00 5.88  ? 161  LEU A O   1 
ATOM   639  C CB  . LEU A 1 83  ? -6.588  -13.514 1.524   1.00 6.84  ? 161  LEU A CB  1 
ATOM   640  C CG  . LEU A 1 83  ? -8.108  -13.500 1.738   1.00 6.63  ? 161  LEU A CG  1 
ATOM   641  C CD1 . LEU A 1 83  ? -8.691  -12.232 1.129   1.00 7.13  ? 161  LEU A CD1 1 
ATOM   642  C CD2 . LEU A 1 83  ? -8.742  -14.732 1.106   1.00 7.21  ? 161  LEU A CD2 1 
ATOM   643  N N   . LEU A 1 84  ? -7.057  -11.654 4.165   1.00 6.67  ? 162  LEU A N   1 
ATOM   644  C CA  . LEU A 1 84  ? -7.473  -11.579 5.562   1.00 7.48  ? 162  LEU A CA  1 
ATOM   645  C C   . LEU A 1 84  ? -8.975  -11.840 5.612   1.00 7.49  ? 162  LEU A C   1 
ATOM   646  O O   . LEU A 1 84  ? -9.620  -11.968 4.574   1.00 7.10  ? 162  LEU A O   1 
ATOM   647  C CB  . LEU A 1 84  ? -7.199  -10.175 6.109   1.00 7.02  ? 162  LEU A CB  1 
ATOM   648  C CG  . LEU A 1 84  ? -5.760  -9.664  6.027   1.00 7.49  ? 162  LEU A CG  1 
ATOM   649  C CD1 . LEU A 1 84  ? -5.731  -8.163  6.291   1.00 7.87  ? 162  LEU A CD1 1 
ATOM   650  C CD2 . LEU A 1 84  ? -4.902  -10.419 7.028   1.00 8.37  ? 162  LEU A CD2 1 
ATOM   651  N N   . PRO A 1 85  ? -9.551  -11.937 6.822   1.00 8.02  ? 163  PRO A N   1 
ATOM   652  C CA  . PRO A 1 85  ? -10.996 -12.174 6.905   1.00 8.81  ? 163  PRO A CA  1 
ATOM   653  C C   . PRO A 1 85  ? -11.740 -11.001 6.264   1.00 9.09  ? 163  PRO A C   1 
ATOM   654  O O   . PRO A 1 85  ? -11.216 -9.889  6.200   1.00 8.86  ? 163  PRO A O   1 
ATOM   655  C CB  . PRO A 1 85  ? -11.246 -12.244 8.410   1.00 9.08  ? 163  PRO A CB  1 
ATOM   656  C CG  . PRO A 1 85  ? -9.966  -12.824 8.934   1.00 8.96  ? 163  PRO A CG  1 
ATOM   657  C CD  . PRO A 1 85  ? -8.920  -12.066 8.147   1.00 8.20  ? 163  PRO A CD  1 
ATOM   658  N N   . ASN A 1 86  ? -12.952 -11.259 5.785   1.00 9.58  ? 164  ASN A N   1 
ATOM   659  C CA  . ASN A 1 86  ? -13.791 -10.229 5.175   1.00 10.43 ? 164  ASN A CA  1 
ATOM   660  C C   . ASN A 1 86  ? -13.213 -9.497  3.958   1.00 10.78 ? 164  ASN A C   1 
ATOM   661  O O   . ASN A 1 86  ? -13.453 -8.303  3.763   1.00 11.04 ? 164  ASN A O   1 
ATOM   662  C CB  . ASN A 1 86  ? -14.218 -9.216  6.241   1.00 11.05 ? 164  ASN A CB  1 
ATOM   663  C CG  . ASN A 1 86  ? -15.149 -9.822  7.280   1.00 12.27 ? 164  ASN A CG  1 
ATOM   664  O OD1 . ASN A 1 86  ? -15.388 -9.234  8.338   1.00 13.69 ? 164  ASN A OD1 1 
ATOM   665  N ND2 . ASN A 1 86  ? -15.686 -10.999 6.979   1.00 10.90 ? 164  ASN A ND2 1 
ATOM   666  N N   . ASN A 1 87  ? -12.458 -10.233 3.150   1.00 10.80 ? 165  ASN A N   1 
ATOM   667  C CA  . ASN A 1 87  ? -11.862 -9.734  1.914   1.00 11.74 ? 165  ASN A CA  1 
ATOM   668  C C   . ASN A 1 87  ? -10.811 -8.631  2.023   1.00 10.73 ? 165  ASN A C   1 
ATOM   669  O O   . ASN A 1 87  ? -10.451 -8.017  1.021   1.00 11.09 ? 165  ASN A O   1 
ATOM   670  C CB  . ASN A 1 87  ? -12.966 -9.295  0.946   1.00 14.07 ? 165  ASN A CB  1 
ATOM   671  C CG  . ASN A 1 87  ? -12.587 -9.514  -0.510  1.00 17.00 ? 165  ASN A CG  1 
ATOM   672  O OD1 . ASN A 1 87  ? -12.300 -10.643 -0.926  1.00 17.76 ? 165  ASN A OD1 1 
ATOM   673  N ND2 . ASN A 1 87  ? -12.581 -8.438  -1.292  1.00 18.46 ? 165  ASN A ND2 1 
ATOM   674  N N   . TYR A 1 88  ? -10.324 -8.362  3.229   1.00 9.88  ? 166  TYR A N   1 
ATOM   675  C CA  . TYR A 1 88  ? -9.276  -7.357  3.391   1.00 9.07  ? 166  TYR A CA  1 
ATOM   676  C C   . TYR A 1 88  ? -7.965  -8.043  3.033   1.00 8.86  ? 166  TYR A C   1 
ATOM   677  O O   . TYR A 1 88  ? -7.886  -9.271  3.046   1.00 9.39  ? 166  TYR A O   1 
ATOM   678  C CB  . TYR A 1 88  ? -9.189  -6.877  4.841   1.00 9.58  ? 166  TYR A CB  1 
ATOM   679  C CG  . TYR A 1 88  ? -10.189 -5.813  5.215   1.00 11.15 ? 166  TYR A CG  1 
ATOM   680  C CD1 . TYR A 1 88  ? -9.827  -4.465  5.230   1.00 11.97 ? 166  TYR A CD1 1 
ATOM   681  C CD2 . TYR A 1 88  ? -11.501 -6.147  5.545   1.00 13.15 ? 166  TYR A CD2 1 
ATOM   682  C CE1 . TYR A 1 88  ? -10.745 -3.474  5.571   1.00 13.55 ? 166  TYR A CE1 1 
ATOM   683  C CE2 . TYR A 1 88  ? -12.429 -5.164  5.885   1.00 14.56 ? 166  TYR A CE2 1 
ATOM   684  C CZ  . TYR A 1 88  ? -12.043 -3.831  5.895   1.00 14.88 ? 166  TYR A CZ  1 
ATOM   685  O OH  . TYR A 1 88  ? -12.953 -2.852  6.238   1.00 16.64 ? 166  TYR A OH  1 
ATOM   686  N N   . ASN A 1 89  ? -6.943  -7.252  2.716   1.00 7.93  ? 167  ASN A N   1 
ATOM   687  C CA  . ASN A 1 89  ? -5.627  -7.788  2.394   1.00 8.47  ? 167  ASN A CA  1 
ATOM   688  C C   . ASN A 1 89  ? -4.561  -7.051  3.185   1.00 7.74  ? 167  ASN A C   1 
ATOM   689  O O   . ASN A 1 89  ? -4.718  -5.872  3.518   1.00 8.53  ? 167  ASN A O   1 
ATOM   690  C CB  . ASN A 1 89  ? -5.296  -7.612  0.907   1.00 9.78  ? 167  ASN A CB  1 
ATOM   691  C CG  . ASN A 1 89  ? -6.148  -8.471  0.004   1.00 11.84 ? 167  ASN A CG  1 
ATOM   692  O OD1 . ASN A 1 89  ? -6.215  -9.688  0.167   1.00 13.23 ? 167  ASN A OD1 1 
ATOM   693  N ND2 . ASN A 1 89  ? -6.794  -7.841  -0.968  1.00 13.91 ? 167  ASN A ND2 1 
ATOM   694  N N   . ALA A 1 90  ? -3.482  -7.760  3.498   1.00 7.42  ? 168  ALA A N   1 
ATOM   695  C CA  . ALA A 1 90  ? -2.343  -7.162  4.174   1.00 5.36  ? 168  ALA A CA  1 
ATOM   696  C C   . ALA A 1 90  ? -1.282  -7.175  3.085   1.00 5.33  ? 168  ALA A C   1 
ATOM   697  O O   . ALA A 1 90  ? -1.318  -8.025  2.188   1.00 5.24  ? 168  ALA A O   1 
ATOM   698  C CB  . ALA A 1 90  ? -1.896  -8.014  5.347   1.00 5.62  ? 168  ALA A CB  1 
ATOM   699  N N   . TYR A 1 91  ? -0.352  -6.233  3.147   1.00 4.83  ? 169  TYR A N   1 
ATOM   700  C CA  . TYR A 1 91  ? 0.712   -6.159  2.155   1.00 5.05  ? 169  TYR A CA  1 
ATOM   701  C C   . TYR A 1 91  ? 2.051   -6.200  2.869   1.00 5.40  ? 169  TYR A C   1 
ATOM   702  O O   . TYR A 1 91  ? 2.428   -5.258  3.565   1.00 5.61  ? 169  TYR A O   1 
ATOM   703  C CB  . TYR A 1 91  ? 0.559   -4.882  1.326   1.00 5.13  ? 169  TYR A CB  1 
ATOM   704  C CG  . TYR A 1 91  ? -0.667  -4.933  0.439   1.00 5.77  ? 169  TYR A CG  1 
ATOM   705  C CD1 . TYR A 1 91  ? -0.618  -5.533  -0.818  1.00 6.00  ? 169  TYR A CD1 1 
ATOM   706  C CD2 . TYR A 1 91  ? -1.898  -4.470  0.900   1.00 5.97  ? 169  TYR A CD2 1 
ATOM   707  C CE1 . TYR A 1 91  ? -1.769  -5.681  -1.593  1.00 6.57  ? 169  TYR A CE1 1 
ATOM   708  C CE2 . TYR A 1 91  ? -3.053  -4.612  0.135   1.00 6.85  ? 169  TYR A CE2 1 
ATOM   709  C CZ  . TYR A 1 91  ? -2.985  -5.219  -1.106  1.00 7.84  ? 169  TYR A CZ  1 
ATOM   710  O OH  . TYR A 1 91  ? -4.141  -5.383  -1.843  1.00 8.35  ? 169  TYR A OH  1 
ATOM   711  N N   . GLU A 1 92  ? 2.764   -7.305  2.695   1.00 5.44  ? 170  GLU A N   1 
ATOM   712  C CA  . GLU A 1 92  ? 4.053   -7.495  3.346   1.00 6.45  ? 170  GLU A CA  1 
ATOM   713  C C   . GLU A 1 92  ? 5.221   -7.277  2.396   1.00 6.80  ? 170  GLU A C   1 
ATOM   714  O O   . GLU A 1 92  ? 5.200   -7.734  1.250   1.00 6.00  ? 170  GLU A O   1 
ATOM   715  C CB  . GLU A 1 92  ? 4.119   -8.909  3.934   1.00 7.61  ? 170  GLU A CB  1 
ATOM   716  C CG  . GLU A 1 92  ? 5.474   -9.309  4.510   1.00 7.81  ? 170  GLU A CG  1 
ATOM   717  C CD  . GLU A 1 92  ? 5.493   -10.756 4.974   1.00 8.83  ? 170  GLU A CD  1 
ATOM   718  O OE1 . GLU A 1 92  ? 4.708   -11.564 4.432   1.00 9.65  ? 170  GLU A OE1 1 
ATOM   719  O OE2 . GLU A 1 92  ? 6.299   -11.090 5.868   1.00 9.00  ? 170  GLU A OE2 1 
ATOM   720  N N   . SER A 1 93  ? 6.237   -6.568  2.871   1.00 6.67  ? 171  SER A N   1 
ATOM   721  C CA  . SER A 1 93  ? 7.418   -6.318  2.056   1.00 7.04  ? 171  SER A CA  1 
ATOM   722  C C   . SER A 1 93  ? 8.009   -7.645  1.610   1.00 7.11  ? 171  SER A C   1 
ATOM   723  O O   . SER A 1 93  ? 8.258   -8.530  2.431   1.00 7.84  ? 171  SER A O   1 
ATOM   724  C CB  . SER A 1 93  ? 8.476   -5.556  2.856   1.00 6.44  ? 171  SER A CB  1 
ATOM   725  O OG  . SER A 1 93  ? 9.704   -5.523  2.142   1.00 8.08  ? 171  SER A OG  1 
ATOM   726  N N   . TYR A 1 94  ? 8.240   -7.783  0.310   1.00 7.12  ? 172  TYR A N   1 
ATOM   727  C CA  . TYR A 1 94  ? 8.816   -9.011  -0.205  1.00 8.72  ? 172  TYR A CA  1 
ATOM   728  C C   . TYR A 1 94  ? 10.298  -9.080  0.168   1.00 8.33  ? 172  TYR A C   1 
ATOM   729  O O   . TYR A 1 94  ? 10.808  -10.136 0.537   1.00 8.14  ? 172  TYR A O   1 
ATOM   730  C CB  . TYR A 1 94  ? 8.667   -9.076  -1.724  1.00 9.00  ? 172  TYR A CB  1 
ATOM   731  C CG  . TYR A 1 94  ? 9.176   -10.369 -2.305  1.00 11.05 ? 172  TYR A CG  1 
ATOM   732  C CD1 . TYR A 1 94  ? 8.370   -11.505 -2.340  1.00 11.87 ? 172  TYR A CD1 1 
ATOM   733  C CD2 . TYR A 1 94  ? 10.485  -10.472 -2.770  1.00 12.30 ? 172  TYR A CD2 1 
ATOM   734  C CE1 . TYR A 1 94  ? 8.855   -12.716 -2.826  1.00 13.42 ? 172  TYR A CE1 1 
ATOM   735  C CE2 . TYR A 1 94  ? 10.980  -11.675 -3.255  1.00 14.29 ? 172  TYR A CE2 1 
ATOM   736  C CZ  . TYR A 1 94  ? 10.163  -12.791 -3.281  1.00 14.57 ? 172  TYR A CZ  1 
ATOM   737  O OH  . TYR A 1 94  ? 10.659  -13.981 -3.763  1.00 17.42 ? 172  TYR A OH  1 
ATOM   738  N N   . LYS A 1 95  ? 10.988  -7.949  0.075   1.00 8.55  ? 173  LYS A N   1 
ATOM   739  C CA  . LYS A 1 95  ? 12.410  -7.908  0.399   1.00 8.99  ? 173  LYS A CA  1 
ATOM   740  C C   . LYS A 1 95  ? 12.697  -7.978  1.897   1.00 8.99  ? 173  LYS A C   1 
ATOM   741  O O   . LYS A 1 95  ? 13.731  -8.511  2.310   1.00 7.88  ? 173  LYS A O   1 
ATOM   742  C CB  . LYS A 1 95  ? 13.057  -6.645  -0.184  1.00 9.71  ? 173  LYS A CB  1 
ATOM   743  C CG  . LYS A 1 95  ? 14.573  -6.608  -0.024  1.00 10.52 ? 173  LYS A CG  1 
ATOM   744  C CD  . LYS A 1 95  ? 15.217  -5.541  -0.907  1.00 10.91 ? 173  LYS A CD  1 
ATOM   745  C CE  . LYS A 1 95  ? 16.738  -5.661  -0.879  1.00 11.42 ? 173  LYS A CE  1 
ATOM   746  N NZ  . LYS A 1 95  ? 17.416  -4.662  -1.750  1.00 11.20 ? 173  LYS A NZ  1 
ATOM   747  N N   . TYR A 1 96  ? 11.786  -7.440  2.707   1.00 8.58  ? 174  TYR A N   1 
ATOM   748  C CA  . TYR A 1 96  ? 11.950  -7.426  4.162   1.00 9.01  ? 174  TYR A CA  1 
ATOM   749  C C   . TYR A 1 96  ? 10.775  -8.106  4.865   1.00 9.15  ? 174  TYR A C   1 
ATOM   750  O O   . TYR A 1 96  ? 9.826   -7.447  5.299   1.00 8.77  ? 174  TYR A O   1 
ATOM   751  C CB  . TYR A 1 96  ? 12.078  -5.981  4.656   1.00 8.57  ? 174  TYR A CB  1 
ATOM   752  C CG  . TYR A 1 96  ? 13.115  -5.191  3.897   1.00 8.58  ? 174  TYR A CG  1 
ATOM   753  C CD1 . TYR A 1 96  ? 14.466  -5.532  3.965   1.00 7.77  ? 174  TYR A CD1 1 
ATOM   754  C CD2 . TYR A 1 96  ? 12.742  -4.135  3.066   1.00 7.31  ? 174  TYR A CD2 1 
ATOM   755  C CE1 . TYR A 1 96  ? 15.420  -4.847  3.216   1.00 7.99  ? 174  TYR A CE1 1 
ATOM   756  C CE2 . TYR A 1 96  ? 13.687  -3.442  2.314   1.00 7.84  ? 174  TYR A CE2 1 
ATOM   757  C CZ  . TYR A 1 96  ? 15.023  -3.804  2.391   1.00 7.62  ? 174  TYR A CZ  1 
ATOM   758  O OH  . TYR A 1 96  ? 15.954  -3.135  1.635   1.00 7.92  ? 174  TYR A OH  1 
ATOM   759  N N   . PRO A 1 97  ? 10.831  -9.441  4.990   1.00 9.16  ? 175  PRO A N   1 
ATOM   760  C CA  . PRO A 1 97  ? 9.774   -10.220 5.638   1.00 9.10  ? 175  PRO A CA  1 
ATOM   761  C C   . PRO A 1 97  ? 9.419   -9.690  7.021   1.00 9.23  ? 175  PRO A C   1 
ATOM   762  O O   . PRO A 1 97  ? 10.291  -9.253  7.773   1.00 9.54  ? 175  PRO A O   1 
ATOM   763  C CB  . PRO A 1 97  ? 10.375  -11.623 5.698   1.00 10.40 ? 175  PRO A CB  1 
ATOM   764  C CG  . PRO A 1 97  ? 11.235  -11.668 4.483   1.00 10.31 ? 175  PRO A CG  1 
ATOM   765  C CD  . PRO A 1 97  ? 11.919  -10.323 4.537   1.00 9.90  ? 175  PRO A CD  1 
ATOM   766  N N   . GLY A 1 98  ? 8.132   -9.718  7.344   1.00 9.48  ? 176  GLY A N   1 
ATOM   767  C CA  . GLY A 1 98  ? 7.691   -9.258  8.647   1.00 9.58  ? 176  GLY A CA  1 
ATOM   768  C C   . GLY A 1 98  ? 7.324   -7.791  8.722   1.00 9.81  ? 176  GLY A C   1 
ATOM   769  O O   . GLY A 1 98  ? 6.890   -7.323  9.773   1.00 10.30 ? 176  GLY A O   1 
ATOM   770  N N   . MET A 1 99  ? 7.508   -7.059  7.628   1.00 8.82  ? 177  MET A N   1 
ATOM   771  C CA  . MET A 1 99  ? 7.161   -5.641  7.600   1.00 8.52  ? 177  MET A CA  1 
ATOM   772  C C   . MET A 1 99  ? 5.951   -5.444  6.695   1.00 7.98  ? 177  MET A C   1 
ATOM   773  O O   . MET A 1 99  ? 5.914   -5.962  5.580   1.00 7.40  ? 177  MET A O   1 
ATOM   774  C CB  . MET A 1 99  ? 8.347   -4.809  7.113   1.00 10.08 ? 177  MET A CB  1 
ATOM   775  C CG  . MET A 1 99  ? 9.489   -4.784  8.111   1.00 11.46 ? 177  MET A CG  1 
ATOM   776  S SD  . MET A 1 99  ? 10.758  -3.569  7.725   1.00 12.85 ? 177  MET A SD  1 
ATOM   777  C CE  . MET A 1 99  ? 12.192  -4.358  8.439   1.00 13.23 ? 177  MET A CE  1 
ATOM   778  N N   . PHE A 1 100 ? 4.965   -4.693  7.182   1.00 7.68  ? 178  PHE A N   1 
ATOM   779  C CA  . PHE A 1 100 ? 3.728   -4.479  6.441   1.00 7.09  ? 178  PHE A CA  1 
ATOM   780  C C   . PHE A 1 100 ? 3.336   -3.026  6.212   1.00 7.00  ? 178  PHE A C   1 
ATOM   781  O O   . PHE A 1 100 ? 3.655   -2.144  7.013   1.00 6.97  ? 178  PHE A O   1 
ATOM   782  C CB  . PHE A 1 100 ? 2.568   -5.184  7.161   1.00 8.40  ? 178  PHE A CB  1 
ATOM   783  C CG  . PHE A 1 100 ? 2.790   -6.655  7.384   1.00 9.38  ? 178  PHE A CG  1 
ATOM   784  C CD1 . PHE A 1 100 ? 3.700   -7.100  8.342   1.00 9.55  ? 178  PHE A CD1 1 
ATOM   785  C CD2 . PHE A 1 100 ? 2.103   -7.597  6.625   1.00 9.47  ? 178  PHE A CD2 1 
ATOM   786  C CE1 . PHE A 1 100 ? 3.924   -8.463  8.539   1.00 9.89  ? 178  PHE A CE1 1 
ATOM   787  C CE2 . PHE A 1 100 ? 2.320   -8.960  6.814   1.00 10.43 ? 178  PHE A CE2 1 
ATOM   788  C CZ  . PHE A 1 100 ? 3.233   -9.393  7.773   1.00 9.58  ? 178  PHE A CZ  1 
ATOM   789  N N   . ILE A 1 101 ? 2.628   -2.793  5.110   1.00 6.62  ? 179  ILE A N   1 
ATOM   790  C CA  . ILE A 1 101 ? 2.143   -1.462  4.760   1.00 6.43  ? 179  ILE A CA  1 
ATOM   791  C C   . ILE A 1 101 ? 1.068   -1.113  5.779   1.00 6.58  ? 179  ILE A C   1 
ATOM   792  O O   . ILE A 1 101 ? 0.256   -1.962  6.134   1.00 6.50  ? 179  ILE A O   1 
ATOM   793  C CB  . ILE A 1 101 ? 1.498   -1.450  3.353   1.00 6.72  ? 179  ILE A CB  1 
ATOM   794  C CG1 . ILE A 1 101 ? 2.554   -1.759  2.291   1.00 6.16  ? 179  ILE A CG1 1 
ATOM   795  C CG2 . ILE A 1 101 ? 0.836   -0.103  3.088   1.00 7.70  ? 179  ILE A CG2 1 
ATOM   796  C CD1 . ILE A 1 101 ? 2.024   -1.707  0.858   1.00 6.64  ? 179  ILE A CD1 1 
ATOM   797  N N   . ALA A 1 102 ? 1.052   0.131   6.243   1.00 6.56  ? 180  ALA A N   1 
ATOM   798  C CA  . ALA A 1 102 ? 0.050   0.522   7.221   1.00 6.46  ? 180  ALA A CA  1 
ATOM   799  C C   . ALA A 1 102 ? -0.195  2.020   7.280   1.00 6.85  ? 180  ALA A C   1 
ATOM   800  O O   . ALA A 1 102 ? 0.701   2.823   7.019   1.00 6.24  ? 180  ALA A O   1 
ATOM   801  C CB  . ALA A 1 102 ? 0.452   0.013   8.606   1.00 6.63  ? 180  ALA A CB  1 
ATOM   802  N N   . LEU A 1 103 ? -1.431  2.377   7.621   1.00 6.67  ? 181  LEU A N   1 
ATOM   803  C CA  . LEU A 1 103 ? -1.849  3.767   7.782   1.00 7.47  ? 181  LEU A CA  1 
ATOM   804  C C   . LEU A 1 103 ? -2.434  3.879   9.187   1.00 8.19  ? 181  LEU A C   1 
ATOM   805  O O   . LEU A 1 103 ? -3.115  2.965   9.657   1.00 8.34  ? 181  LEU A O   1 
ATOM   806  C CB  . LEU A 1 103 ? -2.928  4.143   6.761   1.00 7.48  ? 181  LEU A CB  1 
ATOM   807  C CG  . LEU A 1 103 ? -2.529  4.287   5.293   1.00 7.58  ? 181  LEU A CG  1 
ATOM   808  C CD1 . LEU A 1 103 ? -3.770  4.606   4.482   1.00 7.44  ? 181  LEU A CD1 1 
ATOM   809  C CD2 . LEU A 1 103 ? -1.490  5.390   5.129   1.00 8.28  ? 181  LEU A CD2 1 
ATOM   810  N N   . GLY A 1 104 ? -2.171  4.995   9.853   1.00 9.76  ? 182  GLY A N   1 
ATOM   811  C CA  . GLY A 1 104 ? -2.680  5.205   11.200  1.00 9.78  ? 182  GLY A CA  1 
ATOM   812  C C   . GLY A 1 104 ? -3.995  5.964   11.151  1.00 10.87 ? 182  GLY A C   1 
ATOM   813  O O   . GLY A 1 104 ? -4.404  6.437   10.091  1.00 8.94  ? 182  GLY A O   1 
ATOM   814  N N   . LYS A 1 105 ? -4.650  6.090   12.303  1.00 11.33 ? 183  LYS A N   1 
ATOM   815  C CA  . LYS A 1 105 ? -5.925  6.789   12.365  1.00 12.77 ? 183  LYS A CA  1 
ATOM   816  C C   . LYS A 1 105 ? -5.815  8.262   11.981  1.00 13.15 ? 183  LYS A C   1 
ATOM   817  O O   . LYS A 1 105 ? -6.822  8.894   11.656  1.00 14.24 ? 183  LYS A O   1 
ATOM   818  C CB  . LYS A 1 105 ? -6.552  6.636   13.759  1.00 13.33 ? 183  LYS A CB  1 
ATOM   819  C CG  . LYS A 1 105 ? -5.760  7.243   14.899  1.00 14.58 ? 183  LYS A CG  1 
ATOM   820  C CD  . LYS A 1 105 ? -6.469  6.995   16.229  1.00 15.82 ? 183  LYS A CD  1 
ATOM   821  C CE  . LYS A 1 105 ? -5.839  7.784   17.364  1.00 17.00 ? 183  LYS A CE  1 
ATOM   822  N NZ  . LYS A 1 105 ? -4.411  7.425   17.578  1.00 18.11 ? 183  LYS A NZ  1 
ATOM   823  N N   . ASN A 1 106 ? -4.603  8.814   12.010  1.00 13.74 ? 184  ASN A N   1 
ATOM   824  C CA  . ASN A 1 106 ? -4.414  10.212  11.634  1.00 14.34 ? 184  ASN A CA  1 
ATOM   825  C C   . ASN A 1 106 ? -4.261  10.344  10.119  1.00 14.45 ? 184  ASN A C   1 
ATOM   826  O O   . ASN A 1 106 ? -4.044  11.438  9.597   1.00 14.60 ? 184  ASN A O   1 
ATOM   827  C CB  . ASN A 1 106 ? -3.195  10.822  12.345  1.00 15.53 ? 184  ASN A CB  1 
ATOM   828  C CG  . ASN A 1 106 ? -1.896  10.113  12.015  1.00 16.25 ? 184  ASN A CG  1 
ATOM   829  O OD1 . ASN A 1 106 ? -1.847  9.249   11.142  1.00 16.76 ? 184  ASN A OD1 1 
ATOM   830  N ND2 . ASN A 1 106 ? -0.830  10.483  12.714  1.00 17.81 ? 184  ASN A ND2 1 
ATOM   831  N N   . GLY A 1 107 ? -4.381  9.216   9.421   1.00 13.68 ? 185  GLY A N   1 
ATOM   832  C CA  . GLY A 1 107 ? -4.279  9.214   7.972   1.00 13.05 ? 185  GLY A CA  1 
ATOM   833  C C   . GLY A 1 107 ? -2.869  9.202   7.414   1.00 12.79 ? 185  GLY A C   1 
ATOM   834  O O   . GLY A 1 107 ? -2.686  9.305   6.202   1.00 13.80 ? 185  GLY A O   1 
ATOM   835  N N   . LYS A 1 108 ? -1.874  9.082   8.285   1.00 10.99 ? 186  LYS A N   1 
ATOM   836  C CA  . LYS A 1 108 ? -0.485  9.058   7.844   1.00 10.27 ? 186  LYS A CA  1 
ATOM   837  C C   . LYS A 1 108 ? 0.068   7.641   7.915   1.00 8.96  ? 186  LYS A C   1 
ATOM   838  O O   . LYS A 1 108 ? -0.474  6.782   8.608   1.00 8.77  ? 186  LYS A O   1 
ATOM   839  C CB  . LYS A 1 108 ? 0.358   10.003  8.702   1.00 10.89 ? 186  LYS A CB  1 
ATOM   840  N N   . THR A 1 109 ? 1.150   7.392   7.190   1.00 8.86  ? 187  THR A N   1 
ATOM   841  C CA  . THR A 1 109 ? 1.749   6.066   7.192   1.00 7.58  ? 187  THR A CA  1 
ATOM   842  C C   . THR A 1 109 ? 2.401   5.735   8.527   1.00 8.41  ? 187  THR A C   1 
ATOM   843  O O   . THR A 1 109 ? 2.792   6.625   9.284   1.00 8.64  ? 187  THR A O   1 
ATOM   844  C CB  . THR A 1 109 ? 2.831   5.941   6.110   1.00 7.14  ? 187  THR A CB  1 
ATOM   845  O OG1 . THR A 1 109 ? 3.840   6.934   6.334   1.00 7.19  ? 187  THR A OG1 1 
ATOM   846  C CG2 . THR A 1 109 ? 2.229   6.129   4.724   1.00 6.53  ? 187  THR A CG2 1 
ATOM   847  N N   . LYS A 1 110 ? 2.498   4.442   8.813   1.00 8.14  ? 188  LYS A N   1 
ATOM   848  C CA  . LYS A 1 110 ? 3.154   3.957   10.015  1.00 9.20  ? 188  LYS A CA  1 
ATOM   849  C C   . LYS A 1 110 ? 4.361   3.182   9.506   1.00 9.15  ? 188  LYS A C   1 
ATOM   850  O O   . LYS A 1 110 ? 4.381   2.766   8.347   1.00 8.81  ? 188  LYS A O   1 
ATOM   851  C CB  . LYS A 1 110 ? 2.241   3.014   10.801  1.00 10.91 ? 188  LYS A CB  1 
ATOM   852  C CG  . LYS A 1 110 ? 1.162   3.710   11.609  1.00 12.37 ? 188  LYS A CG  1 
ATOM   853  C CD  . LYS A 1 110 ? 0.426   2.696   12.470  1.00 14.48 ? 188  LYS A CD  1 
ATOM   854  C CE  . LYS A 1 110 ? -0.367  3.373   13.561  1.00 16.86 ? 188  LYS A CE  1 
ATOM   855  N NZ  . LYS A 1 110 ? 0.500   4.131   14.514  1.00 15.93 ? 188  LYS A NZ  1 
ATOM   856  N N   . LYS A 1 111 ? 5.365   2.997   10.356  1.00 8.51  ? 189  LYS A N   1 
ATOM   857  C CA  . LYS A 1 111 ? 6.561   2.255   9.966   1.00 9.55  ? 189  LYS A CA  1 
ATOM   858  C C   . LYS A 1 111 ? 6.212   0.773   9.833   1.00 8.74  ? 189  LYS A C   1 
ATOM   859  O O   . LYS A 1 111 ? 5.544   0.209   10.698  1.00 8.90  ? 189  LYS A O   1 
ATOM   860  C CB  . LYS A 1 111 ? 7.663   2.447   11.014  1.00 11.24 ? 189  LYS A CB  1 
ATOM   861  C CG  . LYS A 1 111 ? 8.057   3.905   11.222  1.00 13.77 ? 189  LYS A CG  1 
ATOM   862  C CD  . LYS A 1 111 ? 8.824   4.454   10.025  1.00 15.40 ? 189  LYS A CD  1 
ATOM   863  C CE  . LYS A 1 111 ? 10.324  4.238   10.176  1.00 18.07 ? 189  LYS A CE  1 
ATOM   864  N NZ  . LYS A 1 111 ? 10.670  2.818   10.433  1.00 20.82 ? 189  LYS A NZ  1 
ATOM   865  N N   . GLY A 1 112 ? 6.668   0.151   8.749   1.00 7.88  ? 190  GLY A N   1 
ATOM   866  C CA  . GLY A 1 112 ? 6.376   -1.252  8.515   1.00 8.10  ? 190  GLY A CA  1 
ATOM   867  C C   . GLY A 1 112 ? 6.897   -2.227  9.557   1.00 8.54  ? 190  GLY A C   1 
ATOM   868  O O   . GLY A 1 112 ? 6.381   -3.344  9.677   1.00 7.39  ? 190  GLY A O   1 
ATOM   869  N N   . ASN A 1 113 ? 7.915   -1.823  10.309  1.00 8.98  ? 191  ASN A N   1 
ATOM   870  C CA  . ASN A 1 113 ? 8.482   -2.697  11.330  1.00 10.89 ? 191  ASN A CA  1 
ATOM   871  C C   . ASN A 1 113 ? 7.944   -2.386  12.725  1.00 11.62 ? 191  ASN A C   1 
ATOM   872  O O   . ASN A 1 113 ? 8.536   -2.780  13.731  1.00 10.96 ? 191  ASN A O   1 
ATOM   873  C CB  . ASN A 1 113 ? 10.011  -2.607  11.314  1.00 12.28 ? 191  ASN A CB  1 
ATOM   874  C CG  . ASN A 1 113 ? 10.519  -1.221  11.636  1.00 13.78 ? 191  ASN A CG  1 
ATOM   875  O OD1 . ASN A 1 113 ? 9.784   -0.239  11.542  1.00 13.27 ? 191  ASN A OD1 1 
ATOM   876  N ND2 . ASN A 1 113 ? 11.792  -1.130  12.006  1.00 15.88 ? 191  ASN A ND2 1 
ATOM   877  N N   . ARG A 1 114 ? 6.817   -1.683  12.777  1.00 12.11 ? 192  ARG A N   1 
ATOM   878  C CA  . ARG A 1 114 ? 6.181   -1.343  14.047  1.00 13.33 ? 192  ARG A CA  1 
ATOM   879  C C   . ARG A 1 114 ? 4.724   -1.804  14.059  1.00 13.36 ? 192  ARG A C   1 
ATOM   880  O O   . ARG A 1 114 ? 3.952   -1.433  14.941  1.00 13.48 ? 192  ARG A O   1 
ATOM   881  C CB  . ARG A 1 114 ? 6.255   0.167   14.299  1.00 14.44 ? 192  ARG A CB  1 
ATOM   882  C CG  . ARG A 1 114 ? 7.673   0.693   14.466  1.00 16.19 ? 192  ARG A CG  1 
ATOM   883  C CD  . ARG A 1 114 ? 7.670   2.192   14.713  1.00 19.13 ? 192  ARG A CD  1 
ATOM   884  N NE  . ARG A 1 114 ? 7.064   2.530   15.996  1.00 22.54 ? 192  ARG A NE  1 
ATOM   885  C CZ  . ARG A 1 114 ? 7.689   2.433   17.167  1.00 24.09 ? 192  ARG A CZ  1 
ATOM   886  N NH1 . ARG A 1 114 ? 8.943   2.008   17.218  1.00 24.60 ? 192  ARG A NH1 1 
ATOM   887  N NH2 . ARG A 1 114 ? 7.059   2.762   18.285  1.00 25.22 ? 192  ARG A NH2 1 
ATOM   888  N N   . VAL A 1 115 ? 4.362   -2.619  13.072  1.00 13.03 ? 193  VAL A N   1 
ATOM   889  C CA  . VAL A 1 115 ? 3.004   -3.145  12.953  1.00 12.85 ? 193  VAL A CA  1 
ATOM   890  C C   . VAL A 1 115 ? 3.029   -4.637  12.612  1.00 13.63 ? 193  VAL A C   1 
ATOM   891  O O   . VAL A 1 115 ? 4.019   -5.146  12.079  1.00 14.01 ? 193  VAL A O   1 
ATOM   892  C CB  . VAL A 1 115 ? 2.211   -2.410  11.844  1.00 11.28 ? 193  VAL A CB  1 
ATOM   893  C CG1 . VAL A 1 115 ? 2.065   -0.938  12.192  1.00 11.22 ? 193  VAL A CG1 1 
ATOM   894  C CG2 . VAL A 1 115 ? 2.923   -2.563  10.509  1.00 11.65 ? 193  VAL A CG2 1 
ATOM   895  N N   . SER A 1 116 ? 1.937   -5.328  12.927  1.00 14.34 ? 194  SER A N   1 
ATOM   896  C CA  . SER A 1 116 ? 1.803   -6.757  12.644  1.00 15.34 ? 194  SER A CA  1 
ATOM   897  C C   . SER A 1 116 ? 0.509   -6.952  11.863  1.00 14.47 ? 194  SER A C   1 
ATOM   898  O O   . SER A 1 116 ? -0.418  -6.155  11.987  1.00 13.57 ? 194  SER A O   1 
ATOM   899  C CB  . SER A 1 116 ? 1.745   -7.564  13.941  1.00 16.67 ? 194  SER A CB  1 
ATOM   900  O OG  . SER A 1 116 ? 0.565   -7.276  14.665  1.00 19.38 ? 194  SER A OG  1 
ATOM   901  N N   . PRO A 1 117 ? 0.420   -8.028  11.064  1.00 14.17 ? 195  PRO A N   1 
ATOM   902  C CA  . PRO A 1 117 ? -0.787  -8.283  10.273  1.00 13.64 ? 195  PRO A CA  1 
ATOM   903  C C   . PRO A 1 117 ? -2.079  -8.479  11.059  1.00 13.10 ? 195  PRO A C   1 
ATOM   904  O O   . PRO A 1 117 ? -3.154  -8.492  10.471  1.00 12.82 ? 195  PRO A O   1 
ATOM   905  C CB  . PRO A 1 117 ? -0.406  -9.511  9.449   1.00 14.45 ? 195  PRO A CB  1 
ATOM   906  C CG  . PRO A 1 117 ? 0.532   -10.238 10.355  1.00 14.65 ? 195  PRO A CG  1 
ATOM   907  C CD  . PRO A 1 117 ? 1.392   -9.123  10.909  1.00 14.38 ? 195  PRO A CD  1 
ATOM   908  N N   . THR A 1 118 ? -1.988  -8.637  12.375  1.00 12.72 ? 196  THR A N   1 
ATOM   909  C CA  . THR A 1 118 ? -3.198  -8.810  13.179  1.00 12.30 ? 196  THR A CA  1 
ATOM   910  C C   . THR A 1 118 ? -3.823  -7.459  13.505  1.00 12.27 ? 196  THR A C   1 
ATOM   911  O O   . THR A 1 118 ? -4.973  -7.387  13.935  1.00 12.60 ? 196  THR A O   1 
ATOM   912  C CB  . THR A 1 118 ? -2.906  -9.534  14.505  1.00 12.60 ? 196  THR A CB  1 
ATOM   913  O OG1 . THR A 1 118 ? -1.933  -8.792  15.251  1.00 12.75 ? 196  THR A OG1 1 
ATOM   914  C CG2 . THR A 1 118 ? -2.390  -10.938 14.243  1.00 13.99 ? 196  THR A CG2 1 
ATOM   915  N N   . MET A 1 119 ? -3.057  -6.395  13.285  1.00 11.81 ? 197  MET A N   1 
ATOM   916  C CA  . MET A 1 119 ? -3.501  -5.032  13.566  1.00 11.06 ? 197  MET A CA  1 
ATOM   917  C C   . MET A 1 119 ? -4.306  -4.431  12.420  1.00 10.53 ? 197  MET A C   1 
ATOM   918  O O   . MET A 1 119 ? -3.952  -4.585  11.254  1.00 9.30  ? 197  MET A O   1 
ATOM   919  C CB  . MET A 1 119 ? -2.286  -4.155  13.867  1.00 11.47 ? 197  MET A CB  1 
ATOM   920  C CG  . MET A 1 119 ? -1.506  -4.600  15.095  1.00 13.03 ? 197  MET A CG  1 
ATOM   921  S SD  . MET A 1 119 ? 0.086   -3.768  15.234  1.00 13.94 ? 197  MET A SD  1 
ATOM   922  C CE  . MET A 1 119 ? -0.437  -2.143  15.731  1.00 14.56 ? 197  MET A CE  1 
ATOM   923  N N   . LYS A 1 120 ? -5.387  -3.736  12.766  1.00 9.44  ? 198  LYS A N   1 
ATOM   924  C CA  . LYS A 1 120 ? -6.261  -3.115  11.782  1.00 8.58  ? 198  LYS A CA  1 
ATOM   925  C C   . LYS A 1 120 ? -5.555  -2.109  10.877  1.00 8.75  ? 198  LYS A C   1 
ATOM   926  O O   . LYS A 1 120 ? -5.978  -1.901  9.737   1.00 8.37  ? 198  LYS A O   1 
ATOM   927  C CB  . LYS A 1 120 ? -7.441  -2.442  12.486  1.00 9.44  ? 198  LYS A CB  1 
ATOM   928  N N   . VAL A 1 121 ? -4.492  -1.483  11.373  1.00 7.63  ? 199  VAL A N   1 
ATOM   929  C CA  . VAL A 1 121 ? -3.761  -0.502  10.575  1.00 6.86  ? 199  VAL A CA  1 
ATOM   930  C C   . VAL A 1 121 ? -3.087  -1.117  9.341   1.00 6.93  ? 199  VAL A C   1 
ATOM   931  O O   . VAL A 1 121 ? -2.658  -0.393  8.441   1.00 5.85  ? 199  VAL A O   1 
ATOM   932  C CB  . VAL A 1 121 ? -2.696  0.243   11.427  1.00 7.52  ? 199  VAL A CB  1 
ATOM   933  C CG1 . VAL A 1 121 ? -3.385  1.101   12.475  1.00 8.00  ? 199  VAL A CG1 1 
ATOM   934  C CG2 . VAL A 1 121 ? -1.758  -0.754  12.094  1.00 7.54  ? 199  VAL A CG2 1 
ATOM   935  N N   . THR A 1 122 ? -3.010  -2.445  9.290   1.00 6.77  ? 200  THR A N   1 
ATOM   936  C CA  . THR A 1 122 ? -2.396  -3.131  8.148   1.00 7.57  ? 200  THR A CA  1 
ATOM   937  C C   . THR A 1 122 ? -3.449  -3.766  7.238   1.00 7.78  ? 200  THR A C   1 
ATOM   938  O O   . THR A 1 122 ? -3.108  -4.398  6.233   1.00 7.71  ? 200  THR A O   1 
ATOM   939  C CB  . THR A 1 122 ? -1.446  -4.267  8.598   1.00 8.45  ? 200  THR A CB  1 
ATOM   940  O OG1 . THR A 1 122 ? -2.212  -5.318  9.202   1.00 8.56  ? 200  THR A OG1 1 
ATOM   941  C CG2 . THR A 1 122 ? -0.425  -3.755  9.600   1.00 8.63  ? 200  THR A CG2 1 
ATOM   942  N N   . HIS A 1 123 ? -4.721  -3.596  7.585   1.00 7.34  ? 201  HIS A N   1 
ATOM   943  C CA  . HIS A 1 123 ? -5.815  -4.185  6.808   1.00 7.59  ? 201  HIS A CA  1 
ATOM   944  C C   . HIS A 1 123 ? -6.359  -3.248  5.736   1.00 7.38  ? 201  HIS A C   1 
ATOM   945  O O   . HIS A 1 123 ? -6.895  -2.184  6.052   1.00 7.78  ? 201  HIS A O   1 
ATOM   946  C CB  . HIS A 1 123 ? -6.965  -4.576  7.739   1.00 8.17  ? 201  HIS A CB  1 
ATOM   947  C CG  . HIS A 1 123 ? -6.612  -5.636  8.736   1.00 9.32  ? 201  HIS A CG  1 
ATOM   948  N ND1 . HIS A 1 123 ? -5.322  -6.068  8.948   1.00 10.97 ? 201  HIS A ND1 1 
ATOM   949  C CD2 . HIS A 1 123 ? -7.390  -6.345  9.590   1.00 9.55  ? 201  HIS A CD2 1 
ATOM   950  C CE1 . HIS A 1 123 ? -5.318  -6.998  9.886   1.00 9.67  ? 201  HIS A CE1 1 
ATOM   951  N NE2 . HIS A 1 123 ? -6.563  -7.184  10.292  1.00 11.80 ? 201  HIS A NE2 1 
ATOM   952  N N   . PHE A 1 124 ? -6.243  -3.652  4.473   1.00 7.48  ? 202  PHE A N   1 
ATOM   953  C CA  . PHE A 1 124 ? -6.734  -2.831  3.371   1.00 7.69  ? 202  PHE A CA  1 
ATOM   954  C C   . PHE A 1 124 ? -7.796  -3.537  2.538   1.00 8.95  ? 202  PHE A C   1 
ATOM   955  O O   . PHE A 1 124 ? -7.600  -4.670  2.087   1.00 9.11  ? 202  PHE A O   1 
ATOM   956  C CB  . PHE A 1 124 ? -5.580  -2.413  2.452   1.00 7.39  ? 202  PHE A CB  1 
ATOM   957  C CG  . PHE A 1 124 ? -4.600  -1.479  3.096   1.00 7.17  ? 202  PHE A CG  1 
ATOM   958  C CD1 . PHE A 1 124 ? -3.563  -1.968  3.879   1.00 7.73  ? 202  PHE A CD1 1 
ATOM   959  C CD2 . PHE A 1 124 ? -4.726  -0.104  2.934   1.00 6.55  ? 202  PHE A CD2 1 
ATOM   960  C CE1 . PHE A 1 124 ? -2.662  -1.103  4.495   1.00 6.46  ? 202  PHE A CE1 1 
ATOM   961  C CE2 . PHE A 1 124 ? -3.829  0.776   3.547   1.00 6.72  ? 202  PHE A CE2 1 
ATOM   962  C CZ  . PHE A 1 124 ? -2.793  0.272   4.330   1.00 6.52  ? 202  PHE A CZ  1 
ATOM   963  N N   . LEU A 1 125 ? -8.918  -2.854  2.332   1.00 9.21  ? 203  LEU A N   1 
ATOM   964  C CA  . LEU A 1 125 ? -10.017 -3.396  1.539   1.00 10.82 ? 203  LEU A CA  1 
ATOM   965  C C   . LEU A 1 125 ? -9.970  -2.825  0.127   1.00 12.02 ? 203  LEU A C   1 
ATOM   966  O O   . LEU A 1 125 ? -10.037 -1.611  -0.061  1.00 11.12 ? 203  LEU A O   1 
ATOM   967  C CB  . LEU A 1 125 ? -11.365 -3.040  2.176   1.00 10.86 ? 203  LEU A CB  1 
ATOM   968  C CG  . LEU A 1 125 ? -12.609 -3.583  1.460   1.00 11.00 ? 203  LEU A CG  1 
ATOM   969  C CD1 . LEU A 1 125 ? -12.601 -5.103  1.527   1.00 12.23 ? 203  LEU A CD1 1 
ATOM   970  C CD2 . LEU A 1 125 ? -13.872 -3.037  2.106   1.00 11.91 ? 203  LEU A CD2 1 
ATOM   971  N N   . PRO A 1 126 ? -9.831  -3.693  -0.887  1.00 13.88 ? 204  PRO A N   1 
ATOM   972  C CA  . PRO A 1 126 ? -9.784  -3.224  -2.274  1.00 16.16 ? 204  PRO A CA  1 
ATOM   973  C C   . PRO A 1 126 ? -11.138 -2.640  -2.669  1.00 18.73 ? 204  PRO A C   1 
ATOM   974  O O   . PRO A 1 126 ? -12.170 -3.292  -2.495  1.00 18.38 ? 204  PRO A O   1 
ATOM   975  C CB  . PRO A 1 126 ? -9.464  -4.493  -3.057  1.00 16.31 ? 204  PRO A CB  1 
ATOM   976  C CG  . PRO A 1 126 ? -8.696  -5.323  -2.065  1.00 15.39 ? 204  PRO A CG  1 
ATOM   977  C CD  . PRO A 1 126 ? -9.506  -5.127  -0.811  1.00 14.72 ? 204  PRO A CD  1 
ATOM   978  N N   . ARG A 1 127 ? -11.131 -1.416  -3.189  1.00 21.09 ? 205  ARG A N   1 
ATOM   979  C CA  . ARG A 1 127 ? -12.366 -0.756  -3.607  1.00 24.19 ? 205  ARG A CA  1 
ATOM   980  C C   . ARG A 1 127 ? -12.198 0.001   -4.919  1.00 25.09 ? 205  ARG A C   1 
ATOM   981  O O   . ARG A 1 127 ? -11.078 0.192   -5.393  1.00 24.94 ? 205  ARG A O   1 
ATOM   982  C CB  . ARG A 1 127 ? -12.849 0.209   -2.522  1.00 25.55 ? 205  ARG A CB  1 
ATOM   983  C CG  . ARG A 1 127 ? -13.206 -0.467  -1.210  1.00 28.06 ? 205  ARG A CG  1 
ATOM   984  C CD  . ARG A 1 127 ? -14.573 -0.033  -0.693  1.00 30.17 ? 205  ARG A CD  1 
ATOM   985  N NE  . ARG A 1 127 ? -15.644 -0.312  -1.648  1.00 31.85 ? 205  ARG A NE  1 
ATOM   986  C CZ  . ARG A 1 127 ? -16.066 0.542   -2.577  1.00 33.10 ? 205  ARG A CZ  1 
ATOM   987  N NH1 . ARG A 1 127 ? -15.510 1.744   -2.684  1.00 33.73 ? 205  ARG A NH1 1 
ATOM   988  N NH2 . ARG A 1 127 ? -17.042 0.193   -3.407  1.00 33.12 ? 205  ARG A NH2 1 
ATOM   989  N N   . LEU A 1 128 ? -13.325 0.417   -5.495  1.00 26.79 ? 206  LEU A N   1 
ATOM   990  C CA  . LEU A 1 128 ? -13.369 1.163   -6.756  1.00 28.01 ? 206  LEU A CA  1 
ATOM   991  C C   . LEU A 1 128 ? -12.027 1.257   -7.476  1.00 28.96 ? 206  LEU A C   1 
ATOM   992  O O   . LEU A 1 128 ? -11.725 2.359   -7.984  1.00 29.66 ? 206  LEU A O   1 
ATOM   993  C CB  . LEU A 1 128 ? -13.925 2.561   -6.505  1.00 28.80 ? 206  LEU A CB  1 
HETATM 994  S S   . SO4 B 2 .   ? -3.083  4.490   15.395  1.00 23.76 ? 300  SO4 A S   1 
HETATM 995  O O1  . SO4 B 2 .   ? -3.639  4.988   16.665  1.00 25.07 ? 300  SO4 A O1  1 
HETATM 996  O O2  . SO4 B 2 .   ? -2.099  5.456   14.883  1.00 24.21 ? 300  SO4 A O2  1 
HETATM 997  O O3  . SO4 B 2 .   ? -2.425  3.194   15.639  1.00 24.52 ? 300  SO4 A O3  1 
HETATM 998  O O4  . SO4 B 2 .   ? -4.171  4.319   14.414  1.00 23.52 ? 300  SO4 A O4  1 
HETATM 999  S S   . SO4 C 2 .   ? 5.232   11.504  6.134   1.00 19.81 ? 301  SO4 A S   1 
HETATM 1000 O O1  . SO4 C 2 .   ? 6.018   12.331  7.065   1.00 21.58 ? 301  SO4 A O1  1 
HETATM 1001 O O2  . SO4 C 2 .   ? 5.646   11.778  4.749   1.00 19.29 ? 301  SO4 A O2  1 
HETATM 1002 O O3  . SO4 C 2 .   ? 5.422   10.077  6.445   1.00 20.41 ? 301  SO4 A O3  1 
HETATM 1003 O O4  . SO4 C 2 .   ? 3.803   11.842  6.288   1.00 22.09 ? 301  SO4 A O4  1 
HETATM 1004 S S   . SO4 D 2 .   ? 0.083   -6.587  -21.012 1.00 76.58 ? 302  SO4 A S   1 
HETATM 1005 O O1  . SO4 D 2 .   ? -0.225  -5.422  -20.164 1.00 76.66 ? 302  SO4 A O1  1 
HETATM 1006 O O2  . SO4 D 2 .   ? 0.547   -7.706  -20.171 1.00 76.74 ? 302  SO4 A O2  1 
HETATM 1007 O O3  . SO4 D 2 .   ? -1.132  -6.994  -21.741 1.00 76.89 ? 302  SO4 A O3  1 
HETATM 1008 O O4  . SO4 D 2 .   ? 1.143   -6.234  -21.977 1.00 76.61 ? 302  SO4 A O4  1 
HETATM 1009 O O   . HOH E 3 .   ? 5.882   9.780   2.820   1.00 7.18  ? 1000 HOH A O   1 
HETATM 1010 O O   . HOH E 3 .   ? -3.014  7.606   -8.587  1.00 7.57  ? 1001 HOH A O   1 
HETATM 1011 O O   . HOH E 3 .   ? 1.733   -1.876  -10.495 1.00 10.08 ? 1002 HOH A O   1 
HETATM 1012 O O   . HOH E 3 .   ? -5.964  3.773   -2.520  1.00 6.83  ? 1003 HOH A O   1 
HETATM 1013 O O   . HOH E 3 .   ? 10.030  -5.444  -1.457  1.00 7.52  ? 1004 HOH A O   1 
HETATM 1014 O O   . HOH E 3 .   ? 8.402   8.723   2.566   1.00 7.61  ? 1005 HOH A O   1 
HETATM 1015 O O   . HOH E 3 .   ? 5.596   7.367   4.376   1.00 5.26  ? 1006 HOH A O   1 
HETATM 1016 O O   . HOH E 3 .   ? 5.016   -1.014  -5.721  1.00 7.03  ? 1007 HOH A O   1 
HETATM 1017 O O   . HOH E 3 .   ? 3.894   0.726   6.465   1.00 7.00  ? 1008 HOH A O   1 
HETATM 1018 O O   . HOH E 3 .   ? -3.597  -14.542 0.012   1.00 6.81  ? 1009 HOH A O   1 
HETATM 1019 O O   . HOH E 3 .   ? 1.543   -13.700 -0.992  1.00 8.95  ? 1010 HOH A O   1 
HETATM 1020 O O   . HOH E 3 .   ? -0.530  -4.431  5.243   1.00 8.27  ? 1011 HOH A O   1 
HETATM 1021 O O   . HOH E 3 .   ? 6.831   -10.433 -13.234 1.00 12.05 ? 1012 HOH A O   1 
HETATM 1022 O O   . HOH E 3 .   ? 9.109   9.473   0.137   1.00 8.23  ? 1013 HOH A O   1 
HETATM 1023 O O   . HOH E 3 .   ? 16.176  2.192   -0.323  1.00 10.23 ? 1014 HOH A O   1 
HETATM 1024 O O   . HOH E 3 .   ? -11.634 -12.956 3.135   1.00 8.81  ? 1015 HOH A O   1 
HETATM 1025 O O   . HOH E 3 .   ? 13.150  1.813   -4.958  1.00 5.67  ? 1016 HOH A O   1 
HETATM 1026 O O   . HOH E 3 .   ? -8.335  -1.522  8.141   1.00 10.33 ? 1017 HOH A O   1 
HETATM 1027 O O   . HOH E 3 .   ? 10.126  -3.386  0.633   1.00 10.74 ? 1018 HOH A O   1 
HETATM 1028 O O   . HOH E 3 .   ? -12.361 -13.106 0.495   1.00 11.57 ? 1019 HOH A O   1 
HETATM 1029 O O   . HOH E 3 .   ? 6.115   4.246   6.654   1.00 9.48  ? 1020 HOH A O   1 
HETATM 1030 O O   . HOH E 3 .   ? 10.544  9.523   -3.058  1.00 9.74  ? 1021 HOH A O   1 
HETATM 1031 O O   . HOH E 3 .   ? -0.524  8.476   -7.465  1.00 7.35  ? 1022 HOH A O   1 
HETATM 1032 O O   . HOH E 3 .   ? -3.831  -11.264 10.270  1.00 14.67 ? 1023 HOH A O   1 
HETATM 1033 O O   . HOH E 3 .   ? 5.941   6.447   8.215   1.00 9.99  ? 1024 HOH A O   1 
HETATM 1034 O O   . HOH E 3 .   ? 16.528  0.339   2.431   1.00 11.72 ? 1025 HOH A O   1 
HETATM 1035 O O   . HOH E 3 .   ? 17.507  -2.064  -0.880  1.00 16.42 ? 1026 HOH A O   1 
HETATM 1036 O O   . HOH E 3 .   ? -1.045  -1.049  -17.465 1.00 19.76 ? 1027 HOH A O   1 
HETATM 1037 O O   . HOH E 3 .   ? -10.006 -8.253  8.159   1.00 14.77 ? 1028 HOH A O   1 
HETATM 1038 O O   . HOH E 3 .   ? -2.451  7.940   14.038  1.00 15.78 ? 1029 HOH A O   1 
HETATM 1039 O O   . HOH E 3 .   ? 10.694  11.781  -4.491  1.00 13.08 ? 1030 HOH A O   1 
HETATM 1040 O O   . HOH E 3 .   ? 8.486   -11.303 2.575   1.00 17.19 ? 1031 HOH A O   1 
HETATM 1041 O O   . HOH E 3 .   ? 14.370  4.255   5.752   1.00 16.48 ? 1032 HOH A O   1 
HETATM 1042 O O   . HOH E 3 .   ? 2.091   9.707   5.483   1.00 10.14 ? 1033 HOH A O   1 
HETATM 1043 O O   . HOH E 3 .   ? -5.367  -10.025 -16.079 1.00 20.04 ? 1034 HOH A O   1 
HETATM 1044 O O   . HOH E 3 .   ? -0.843  -14.849 -0.108  1.00 12.99 ? 1035 HOH A O   1 
HETATM 1045 O O   . HOH E 3 .   ? -4.561  -6.433  -11.136 1.00 16.54 ? 1036 HOH A O   1 
HETATM 1046 O O   . HOH E 3 .   ? -7.834  14.611  -6.310  1.00 20.92 ? 1037 HOH A O   1 
HETATM 1047 O O   . HOH E 3 .   ? -6.666  -9.563  13.723  1.00 17.19 ? 1038 HOH A O   1 
HETATM 1048 O O   . HOH E 3 .   ? 10.797  1.435   -13.819 1.00 14.88 ? 1039 HOH A O   1 
HETATM 1049 O O   . HOH E 3 .   ? 10.408  -1.962  15.397  1.00 11.64 ? 1040 HOH A O   1 
HETATM 1050 O O   . HOH E 3 .   ? -2.353  -13.137 -3.160  1.00 17.64 ? 1041 HOH A O   1 
HETATM 1051 O O   . HOH E 3 .   ? 1.822   -3.276  -14.954 1.00 17.91 ? 1042 HOH A O   1 
HETATM 1052 O O   . HOH E 3 .   ? -4.457  -1.297  14.569  1.00 14.81 ? 1043 HOH A O   1 
HETATM 1053 O O   . HOH E 3 .   ? 2.930   16.312  -3.429  1.00 21.70 ? 1044 HOH A O   1 
HETATM 1054 O O   . HOH E 3 .   ? -0.219  -11.403 -7.722  1.00 16.17 ? 1045 HOH A O   1 
HETATM 1055 O O   . HOH E 3 .   ? 2.575   0.415   16.066  1.00 18.92 ? 1046 HOH A O   1 
HETATM 1056 O O   . HOH E 3 .   ? 4.731   8.873   -4.286  1.00 14.25 ? 1047 HOH A O   1 
HETATM 1057 O O   . HOH E 3 .   ? 6.889   -13.291 7.451   1.00 20.26 ? 1048 HOH A O   1 
HETATM 1058 O O   . HOH E 3 .   ? 8.498   11.609  7.887   1.00 24.75 ? 1049 HOH A O   1 
HETATM 1059 O O   . HOH E 3 .   ? 7.554   6.857   -12.682 1.00 19.59 ? 1050 HOH A O   1 
HETATM 1060 O O   . HOH E 3 .   ? -3.870  -8.395  -7.029  1.00 19.75 ? 1051 HOH A O   1 
HETATM 1061 O O   . HOH E 3 .   ? -10.154 -5.725  9.523   1.00 20.20 ? 1052 HOH A O   1 
HETATM 1062 O O   . HOH E 3 .   ? 5.835   6.875   10.907  1.00 15.68 ? 1053 HOH A O   1 
HETATM 1063 O O   . HOH E 3 .   ? 15.669  -4.752  7.570   1.00 26.55 ? 1054 HOH A O   1 
HETATM 1064 O O   . HOH E 3 .   ? 13.218  -3.973  12.048  1.00 18.89 ? 1055 HOH A O   1 
HETATM 1065 O O   . HOH E 3 .   ? 12.552  -7.918  -3.368  1.00 23.19 ? 1056 HOH A O   1 
HETATM 1066 O O   . HOH E 3 .   ? -9.224  10.165  11.365  1.00 14.80 ? 1057 HOH A O   1 
HETATM 1067 O O   . HOH E 3 .   ? -5.741  -7.152  -8.483  1.00 17.89 ? 1058 HOH A O   1 
HETATM 1068 O O   . HOH E 3 .   ? 13.827  0.177   -12.805 1.00 13.94 ? 1059 HOH A O   1 
HETATM 1069 O O   . HOH E 3 .   ? -4.899  13.500  -5.767  1.00 15.86 ? 1060 HOH A O   1 
HETATM 1070 O O   . HOH E 3 .   ? 3.199   16.281  0.007   1.00 22.38 ? 1061 HOH A O   1 
HETATM 1071 O O   . HOH E 3 .   ? 0.594   7.518   11.412  1.00 20.09 ? 1062 HOH A O   1 
HETATM 1072 O O   . HOH E 3 .   ? -6.898  -10.491 11.051  1.00 17.78 ? 1063 HOH A O   1 
HETATM 1073 O O   . HOH E 3 .   ? 18.509  0.756   -0.163  1.00 18.56 ? 1064 HOH A O   1 
HETATM 1074 O O   . HOH E 3 .   ? -2.710  0.536   15.926  1.00 20.78 ? 1065 HOH A O   1 
HETATM 1075 O O   . HOH E 3 .   ? 12.909  -3.300  15.194  1.00 19.85 ? 1066 HOH A O   1 
HETATM 1076 O O   . HOH E 3 .   ? -15.573 -6.695  3.632   1.00 20.99 ? 1067 HOH A O   1 
HETATM 1077 O O   . HOH E 3 .   ? -6.403  -11.413 -1.927  1.00 23.31 ? 1068 HOH A O   1 
HETATM 1078 O O   . HOH E 3 .   ? -9.390  -9.123  -1.221  1.00 20.39 ? 1069 HOH A O   1 
HETATM 1079 O O   . HOH E 3 .   ? -5.301  -13.937 -2.094  1.00 23.36 ? 1070 HOH A O   1 
HETATM 1080 O O   . HOH E 3 .   ? -10.479 -3.064  9.230   1.00 22.36 ? 1071 HOH A O   1 
HETATM 1081 O O   . HOH E 3 .   ? 15.519  -8.956  4.289   1.00 31.08 ? 1072 HOH A O   1 
HETATM 1082 O O   . HOH E 3 .   ? 12.551  3.050   -15.035 1.00 26.85 ? 1073 HOH A O   1 
HETATM 1083 O O   . HOH E 3 .   ? -3.055  -8.771  -13.858 1.00 26.89 ? 1074 HOH A O   1 
HETATM 1084 O O   . HOH E 3 .   ? -8.043  12.913  4.112   1.00 19.77 ? 1075 HOH A O   1 
HETATM 1085 O O   . HOH E 3 .   ? 5.591   -16.395 -5.707  1.00 22.58 ? 1076 HOH A O   1 
HETATM 1086 O O   . HOH E 3 .   ? -9.336  13.480  1.500   1.00 17.57 ? 1077 HOH A O   1 
HETATM 1087 O O   . HOH E 3 .   ? -8.722  12.708  10.336  1.00 24.57 ? 1078 HOH A O   1 
HETATM 1088 O O   . HOH E 3 .   ? -8.986  9.607   14.268  1.00 24.91 ? 1079 HOH A O   1 
HETATM 1089 O O   . HOH E 3 .   ? -6.382  -10.945 16.069  1.00 24.33 ? 1080 HOH A O   1 
HETATM 1090 O O   . HOH E 3 .   ? -4.368  14.004  -3.111  1.00 24.61 ? 1081 HOH A O   1 
HETATM 1091 O O   . HOH E 3 .   ? 6.841   -5.487  12.291  1.00 24.44 ? 1082 HOH A O   1 
HETATM 1092 O O   . HOH E 3 .   ? 10.596  1.972   12.910  1.00 22.21 ? 1083 HOH A O   1 
HETATM 1093 O O   . HOH E 3 .   ? -9.876  -11.547 -2.559  1.00 25.14 ? 1084 HOH A O   1 
HETATM 1094 O O   . HOH E 3 .   ? 13.618  1.042   11.971  1.00 27.39 ? 1085 HOH A O   1 
HETATM 1095 O O   . HOH E 3 .   ? 5.065   -3.647  -12.201 1.00 22.60 ? 1086 HOH A O   1 
HETATM 1096 O O   . HOH E 3 .   ? -1.492  11.470  4.892   1.00 29.60 ? 1087 HOH A O   1 
HETATM 1097 O O   . HOH E 3 .   ? 13.613  6.475   6.982   1.00 21.65 ? 1088 HOH A O   1 
HETATM 1098 O O   . HOH E 3 .   ? -9.336  8.537   -9.738  1.00 24.37 ? 1089 HOH A O   1 
HETATM 1099 O O   . HOH E 3 .   ? 4.435   13.088  -10.812 1.00 27.26 ? 1090 HOH A O   1 
HETATM 1100 O O   . HOH E 3 .   ? -1.565  12.075  2.205   1.00 22.99 ? 1091 HOH A O   1 
HETATM 1101 O O   . HOH E 3 .   ? -13.521 -5.885  -1.806  1.00 28.88 ? 1092 HOH A O   1 
HETATM 1102 O O   . HOH E 3 .   ? 12.873  -8.467  7.427   1.00 27.39 ? 1093 HOH A O   1 
HETATM 1103 O O   . HOH E 3 .   ? -3.148  -7.242  17.185  1.00 32.81 ? 1094 HOH A O   1 
HETATM 1104 O O   . HOH E 3 .   ? 0.043   12.024  -14.329 1.00 29.46 ? 1095 HOH A O   1 
# 
loop_
_pdbx_poly_seq_scheme.asym_id 
_pdbx_poly_seq_scheme.entity_id 
_pdbx_poly_seq_scheme.seq_id 
_pdbx_poly_seq_scheme.mon_id 
_pdbx_poly_seq_scheme.ndb_seq_num 
_pdbx_poly_seq_scheme.pdb_seq_num 
_pdbx_poly_seq_scheme.auth_seq_num 
_pdbx_poly_seq_scheme.pdb_mon_id 
_pdbx_poly_seq_scheme.auth_mon_id 
_pdbx_poly_seq_scheme.pdb_strand_id 
_pdbx_poly_seq_scheme.pdb_ins_code 
_pdbx_poly_seq_scheme.hetero 
A 1 1   GLY 1   79  79  GLY GLY A . n 
A 1 2   ILE 2   80  80  ILE ILE A . n 
A 1 3   LYS 3   81  81  LYS LYS A . n 
A 1 4   ARG 4   82  82  ARG ARG A . n 
A 1 5   LEU 5   83  83  LEU LEU A . n 
A 1 6   ARG 6   84  84  ARG ARG A . n 
A 1 7   ARG 7   85  85  ARG ARG A . n 
A 1 8   LEU 8   86  86  LEU LEU A . n 
A 1 9   TYR 9   87  87  TYR TYR A . n 
A 1 10  CYS 10  88  88  CYS CYS A . n 
A 1 11  ASN 11  89  89  ASN ASN A . n 
A 1 12  VAL 12  90  90  VAL VAL A . n 
A 1 13  GLY 13  91  91  GLY GLY A . n 
A 1 14  ILE 14  92  92  ILE ILE A . n 
A 1 15  GLY 15  93  93  GLY GLY A . n 
A 1 16  PHE 16  94  94  PHE PHE A . n 
A 1 17  HIS 17  95  95  HIS HIS A . n 
A 1 18  LEU 18  96  96  LEU LEU A . n 
A 1 19  GLN 19  97  97  GLN GLN A . n 
A 1 20  ALA 20  98  98  ALA ALA A . n 
A 1 21  LEU 21  99  99  LEU LEU A . n 
A 1 22  PRO 22  100 100 PRO PRO A . n 
A 1 23  ASP 23  101 101 ASP ASP A . n 
A 1 24  GLY 24  102 102 GLY GLY A . n 
A 1 25  ARG 25  103 103 ARG ARG A . n 
A 1 26  ILE 26  104 104 ILE ILE A . n 
A 1 27  GLY 27  105 105 GLY GLY A . n 
A 1 28  GLY 28  106 106 GLY GLY A . n 
A 1 29  ALA 29  107 107 ALA ALA A . n 
A 1 30  HIS 30  108 108 HIS HIS A . n 
A 1 31  ALA 31  109 109 ALA ALA A . n 
A 1 32  ASP 32  110 110 ASP ASP A . n 
A 1 33  THR 33  111 111 THR THR A . n 
A 1 34  ARG 34  112 112 ARG ARG A . n 
A 1 35  ASP 35  113 113 ASP ASP A . n 
A 1 36  SER 36  114 114 SER SER A . n 
A 1 37  LEU 37  115 115 LEU LEU A . n 
A 1 38  LEU 38  116 116 LEU LEU A . n 
A 1 39  GLU 39  117 117 GLU GLU A . n 
A 1 40  LEU 40  118 118 LEU LEU A . n 
A 1 41  SER 41  119 119 SER SER A . n 
A 1 42  PRO 42  120 120 PRO PRO A . n 
A 1 43  VAL 43  121 121 VAL VAL A . n 
A 1 44  GLU 44  122 122 GLU GLU A . n 
A 1 45  ARG 45  123 123 ARG ARG A . n 
A 1 46  GLY 46  124 124 GLY GLY A . n 
A 1 47  VAL 47  125 125 VAL VAL A . n 
A 1 48  VAL 48  126 126 VAL VAL A . n 
A 1 49  SER 49  127 127 SER SER A . n 
A 1 50  ILE 50  128 128 ILE ILE A . n 
A 1 51  PHE 51  129 129 PHE PHE A . n 
A 1 52  GLY 52  130 130 GLY GLY A . n 
A 1 53  VAL 53  131 131 VAL VAL A . n 
A 1 54  ALA 54  132 132 ALA ALA A . n 
A 1 55  SER 55  133 133 SER SER A . n 
A 1 56  ARG 56  134 134 ARG ARG A . n 
A 1 57  PHE 57  135 135 PHE PHE A . n 
A 1 58  PHE 58  136 136 PHE PHE A . n 
A 1 59  VAL 59  137 137 VAL VAL A . n 
A 1 60  ALA 60  138 138 ALA ALA A . n 
A 1 61  MET 61  139 139 MET MET A . n 
A 1 62  SER 62  140 140 SER SER A . n 
A 1 63  SER 63  141 141 SER SER A . n 
A 1 64  LYS 64  142 142 LYS LYS A . n 
A 1 65  GLY 65  143 143 GLY GLY A . n 
A 1 66  LYS 66  144 144 LYS LYS A . n 
A 1 67  LEU 67  145 145 LEU LEU A . n 
A 1 68  TYR 68  146 146 TYR TYR A . n 
A 1 69  GLY 69  147 147 GLY GLY A . n 
A 1 70  SER 70  148 148 SER SER A . n 
A 1 71  PRO 71  149 149 PRO PRO A . n 
A 1 72  PHE 72  150 150 PHE PHE A . n 
A 1 73  PHE 73  151 151 PHE PHE A . n 
A 1 74  THR 74  152 152 THR THR A . n 
A 1 75  ASP 75  153 153 ASP ASP A . n 
A 1 76  GLU 76  154 154 GLU GLU A . n 
A 1 77  CYS 77  155 155 CYS CYS A . n 
A 1 78  THR 78  156 156 THR THR A . n 
A 1 79  PHE 79  157 157 PHE PHE A . n 
A 1 80  LYS 80  158 158 LYS LYS A . n 
A 1 81  GLU 81  159 159 GLU GLU A . n 
A 1 82  ILE 82  160 160 ILE ILE A . n 
A 1 83  LEU 83  161 161 LEU LEU A . n 
A 1 84  LEU 84  162 162 LEU LEU A . n 
A 1 85  PRO 85  163 163 PRO PRO A . n 
A 1 86  ASN 86  164 164 ASN ASN A . n 
A 1 87  ASN 87  165 165 ASN ASN A . n 
A 1 88  TYR 88  166 166 TYR TYR A . n 
A 1 89  ASN 89  167 167 ASN ASN A . n 
A 1 90  ALA 90  168 168 ALA ALA A . n 
A 1 91  TYR 91  169 169 TYR TYR A . n 
A 1 92  GLU 92  170 170 GLU GLU A . n 
A 1 93  SER 93  171 171 SER SER A . n 
A 1 94  TYR 94  172 172 TYR TYR A . n 
A 1 95  LYS 95  173 173 LYS LYS A . n 
A 1 96  TYR 96  174 174 TYR TYR A . n 
A 1 97  PRO 97  175 175 PRO PRO A . n 
A 1 98  GLY 98  176 176 GLY GLY A . n 
A 1 99  MET 99  177 177 MET MET A . n 
A 1 100 PHE 100 178 178 PHE PHE A . n 
A 1 101 ILE 101 179 179 ILE ILE A . n 
A 1 102 ALA 102 180 180 ALA ALA A . n 
A 1 103 LEU 103 181 181 LEU LEU A . n 
A 1 104 GLY 104 182 182 GLY GLY A . n 
A 1 105 LYS 105 183 183 LYS LYS A . n 
A 1 106 ASN 106 184 184 ASN ASN A . n 
A 1 107 GLY 107 185 185 GLY GLY A . n 
A 1 108 LYS 108 186 186 LYS LYS A . n 
A 1 109 THR 109 187 187 THR THR A . n 
A 1 110 LYS 110 188 188 LYS LYS A . n 
A 1 111 LYS 111 189 189 LYS LYS A . n 
A 1 112 GLY 112 190 190 GLY GLY A . n 
A 1 113 ASN 113 191 191 ASN ASN A . n 
A 1 114 ARG 114 192 192 ARG ARG A . n 
A 1 115 VAL 115 193 193 VAL VAL A . n 
A 1 116 SER 116 194 194 SER SER A . n 
A 1 117 PRO 117 195 195 PRO PRO A . n 
A 1 118 THR 118 196 196 THR THR A . n 
A 1 119 MET 119 197 197 MET MET A . n 
A 1 120 LYS 120 198 198 LYS LYS A . n 
A 1 121 VAL 121 199 199 VAL VAL A . n 
A 1 122 THR 122 200 200 THR THR A . n 
A 1 123 HIS 123 201 201 HIS HIS A . n 
A 1 124 PHE 124 202 202 PHE PHE A . n 
A 1 125 LEU 125 203 203 LEU LEU A . n 
A 1 126 PRO 126 204 204 PRO PRO A . n 
A 1 127 ARG 127 205 205 ARG ARG A . n 
A 1 128 LEU 128 206 206 LEU LEU A . n 
# 
loop_
_pdbx_nonpoly_scheme.asym_id 
_pdbx_nonpoly_scheme.entity_id 
_pdbx_nonpoly_scheme.mon_id 
_pdbx_nonpoly_scheme.ndb_seq_num 
_pdbx_nonpoly_scheme.pdb_seq_num 
_pdbx_nonpoly_scheme.auth_seq_num 
_pdbx_nonpoly_scheme.pdb_mon_id 
_pdbx_nonpoly_scheme.auth_mon_id 
_pdbx_nonpoly_scheme.pdb_strand_id 
_pdbx_nonpoly_scheme.pdb_ins_code 
B 2 SO4 1  300  300  SO4 SO4 A . 
C 2 SO4 1  301  301  SO4 SO4 A . 
D 2 SO4 1  302  302  SO4 SO4 A . 
E 3 HOH 1  1000 1000 HOH HOH A . 
E 3 HOH 2  1001 1001 HOH HOH A . 
E 3 HOH 3  1002 1002 HOH HOH A . 
E 3 HOH 4  1003 1003 HOH HOH A . 
E 3 HOH 5  1004 1004 HOH HOH A . 
E 3 HOH 6  1005 1005 HOH HOH A . 
E 3 HOH 7  1006 1006 HOH HOH A . 
E 3 HOH 8  1007 1007 HOH HOH A . 
E 3 HOH 9  1008 1008 HOH HOH A . 
E 3 HOH 10 1009 1009 HOH HOH A . 
E 3 HOH 11 1010 1010 HOH HOH A . 
E 3 HOH 12 1011 1011 HOH HOH A . 
E 3 HOH 13 1012 1012 HOH HOH A . 
E 3 HOH 14 1013 1013 HOH HOH A . 
E 3 HOH 15 1014 1014 HOH HOH A . 
E 3 HOH 16 1015 1015 HOH HOH A . 
E 3 HOH 17 1016 1016 HOH HOH A . 
E 3 HOH 18 1017 1017 HOH HOH A . 
E 3 HOH 19 1018 1018 HOH HOH A . 
E 3 HOH 20 1019 1019 HOH HOH A . 
E 3 HOH 21 1020 1020 HOH HOH A . 
E 3 HOH 22 1021 1021 HOH HOH A . 
E 3 HOH 23 1022 1022 HOH HOH A . 
E 3 HOH 24 1023 1023 HOH HOH A . 
E 3 HOH 25 1024 1024 HOH HOH A . 
E 3 HOH 26 1025 1025 HOH HOH A . 
E 3 HOH 27 1026 1026 HOH HOH A . 
E 3 HOH 28 1027 1027 HOH HOH A . 
E 3 HOH 29 1028 1028 HOH HOH A . 
E 3 HOH 30 1029 1029 HOH HOH A . 
E 3 HOH 31 1030 1030 HOH HOH A . 
E 3 HOH 32 1031 1031 HOH HOH A . 
E 3 HOH 33 1032 1032 HOH HOH A . 
E 3 HOH 34 1033 1033 HOH HOH A . 
E 3 HOH 35 1034 1034 HOH HOH A . 
E 3 HOH 36 1035 1035 HOH HOH A . 
E 3 HOH 37 1036 1036 HOH HOH A . 
E 3 HOH 38 1037 1037 HOH HOH A . 
E 3 HOH 39 1038 1038 HOH HOH A . 
E 3 HOH 40 1039 1039 HOH HOH A . 
E 3 HOH 41 1040 1040 HOH HOH A . 
E 3 HOH 42 1041 1041 HOH HOH A . 
E 3 HOH 43 1042 1042 HOH HOH A . 
E 3 HOH 44 1043 1043 HOH HOH A . 
E 3 HOH 45 1044 1044 HOH HOH A . 
E 3 HOH 46 1045 1045 HOH HOH A . 
E 3 HOH 47 1046 1046 HOH HOH A . 
E 3 HOH 48 1047 1047 HOH HOH A . 
E 3 HOH 49 1048 1048 HOH HOH A . 
E 3 HOH 50 1049 1049 HOH HOH A . 
E 3 HOH 51 1050 1050 HOH HOH A . 
E 3 HOH 52 1051 1051 HOH HOH A . 
E 3 HOH 53 1052 1052 HOH HOH A . 
E 3 HOH 54 1053 1053 HOH HOH A . 
E 3 HOH 55 1054 1054 HOH HOH A . 
E 3 HOH 56 1055 1055 HOH HOH A . 
E 3 HOH 57 1056 1056 HOH HOH A . 
E 3 HOH 58 1057 1057 HOH HOH A . 
E 3 HOH 59 1058 1058 HOH HOH A . 
E 3 HOH 60 1059 1059 HOH HOH A . 
E 3 HOH 61 1060 1060 HOH HOH A . 
E 3 HOH 62 1061 1061 HOH HOH A . 
E 3 HOH 63 1062 1062 HOH HOH A . 
E 3 HOH 64 1063 1063 HOH HOH A . 
E 3 HOH 65 1064 1064 HOH HOH A . 
E 3 HOH 66 1065 1065 HOH HOH A . 
E 3 HOH 67 1066 1066 HOH HOH A . 
E 3 HOH 68 1067 1067 HOH HOH A . 
E 3 HOH 69 1068 1068 HOH HOH A . 
E 3 HOH 70 1069 1069 HOH HOH A . 
E 3 HOH 71 1070 1070 HOH HOH A . 
E 3 HOH 72 1071 1071 HOH HOH A . 
E 3 HOH 73 1072 1072 HOH HOH A . 
E 3 HOH 74 1073 1073 HOH HOH A . 
E 3 HOH 75 1074 1074 HOH HOH A . 
E 3 HOH 76 1075 1075 HOH HOH A . 
E 3 HOH 77 1076 1076 HOH HOH A . 
E 3 HOH 78 1077 1077 HOH HOH A . 
E 3 HOH 79 1078 1078 HOH HOH A . 
E 3 HOH 80 1079 1079 HOH HOH A . 
E 3 HOH 81 1080 1080 HOH HOH A . 
E 3 HOH 82 1081 1081 HOH HOH A . 
E 3 HOH 83 1082 1082 HOH HOH A . 
E 3 HOH 84 1083 1083 HOH HOH A . 
E 3 HOH 85 1084 1084 HOH HOH A . 
E 3 HOH 86 1085 1085 HOH HOH A . 
E 3 HOH 87 1086 1086 HOH HOH A . 
E 3 HOH 88 1087 1087 HOH HOH A . 
E 3 HOH 89 1088 1088 HOH HOH A . 
E 3 HOH 90 1089 1089 HOH HOH A . 
E 3 HOH 91 1090 1090 HOH HOH A . 
E 3 HOH 92 1091 1091 HOH HOH A . 
E 3 HOH 93 1092 1092 HOH HOH A . 
E 3 HOH 94 1093 1093 HOH HOH A . 
E 3 HOH 95 1094 1094 HOH HOH A . 
E 3 HOH 96 1095 1095 HOH HOH A . 
# 
_pdbx_struct_assembly.id                   1 
_pdbx_struct_assembly.details              author_defined_assembly 
_pdbx_struct_assembly.method_details       ? 
_pdbx_struct_assembly.oligomeric_details   monomeric 
_pdbx_struct_assembly.oligomeric_count     1 
# 
_pdbx_struct_assembly_gen.assembly_id       1 
_pdbx_struct_assembly_gen.oper_expression   1 
_pdbx_struct_assembly_gen.asym_id_list      A,B,C,D,E 
# 
_pdbx_struct_oper_list.id                   1 
_pdbx_struct_oper_list.type                 'identity operation' 
_pdbx_struct_oper_list.name                 1_555 
_pdbx_struct_oper_list.symmetry_operation   x,y,z 
_pdbx_struct_oper_list.matrix[1][1]         1.0000000000 
_pdbx_struct_oper_list.matrix[1][2]         0.0000000000 
_pdbx_struct_oper_list.matrix[1][3]         0.0000000000 
_pdbx_struct_oper_list.vector[1]            0.0000000000 
_pdbx_struct_oper_list.matrix[2][1]         0.0000000000 
_pdbx_struct_oper_list.matrix[2][2]         1.0000000000 
_pdbx_struct_oper_list.matrix[2][3]         0.0000000000 
_pdbx_struct_oper_list.vector[2]            0.0000000000 
_pdbx_struct_oper_list.matrix[3][1]         0.0000000000 
_pdbx_struct_oper_list.matrix[3][2]         0.0000000000 
_pdbx_struct_oper_list.matrix[3][3]         1.0000000000 
_pdbx_struct_oper_list.vector[3]            0.0000000000 
# 
loop_
_pdbx_audit_revision_history.ordinal 
_pdbx_audit_revision_history.data_content_type 
_pdbx_audit_revision_history.major_revision 
_pdbx_audit_revision_history.minor_revision 
_pdbx_audit_revision_history.revision_date 
1 'Structure model' 1 0 2001-08-15 
2 'Structure model' 1 1 2008-04-27 
3 'Structure model' 1 2 2011-07-13 
4 'Structure model' 1 3 2021-10-27 
5 'Structure model' 1 4 2023-08-16 
# 
_pdbx_audit_revision_details.ordinal             1 
_pdbx_audit_revision_details.revision_ordinal    1 
_pdbx_audit_revision_details.data_content_type   'Structure model' 
_pdbx_audit_revision_details.provider            repository 
_pdbx_audit_revision_details.type                'Initial release' 
_pdbx_audit_revision_details.description         ? 
_pdbx_audit_revision_details.details             ? 
# 
loop_
_pdbx_audit_revision_group.ordinal 
_pdbx_audit_revision_group.revision_ordinal 
_pdbx_audit_revision_group.data_content_type 
_pdbx_audit_revision_group.group 
1 2 'Structure model' 'Version format compliance' 
2 3 'Structure model' 'Version format compliance' 
3 4 'Structure model' 'Database references'       
4 4 'Structure model' 'Derived calculations'      
5 5 'Structure model' 'Data collection'           
6 5 'Structure model' 'Refinement description'    
# 
loop_
_pdbx_audit_revision_category.ordinal 
_pdbx_audit_revision_category.revision_ordinal 
_pdbx_audit_revision_category.data_content_type 
_pdbx_audit_revision_category.category 
1 4 'Structure model' database_2                    
2 4 'Structure model' struct_ref_seq_dif            
3 4 'Structure model' struct_site                   
4 5 'Structure model' chem_comp_atom                
5 5 'Structure model' chem_comp_bond                
6 5 'Structure model' pdbx_initial_refinement_model 
# 
loop_
_pdbx_audit_revision_item.ordinal 
_pdbx_audit_revision_item.revision_ordinal 
_pdbx_audit_revision_item.data_content_type 
_pdbx_audit_revision_item.item 
1 4 'Structure model' '_database_2.pdbx_DOI'                
2 4 'Structure model' '_database_2.pdbx_database_accession' 
3 4 'Structure model' '_struct_ref_seq_dif.details'         
4 4 'Structure model' '_struct_site.pdbx_auth_asym_id'      
5 4 'Structure model' '_struct_site.pdbx_auth_comp_id'      
6 4 'Structure model' '_struct_site.pdbx_auth_seq_id'       
# 
loop_
_software.name 
_software.classification 
_software.version 
_software.citation_id 
_software.pdbx_ordinal 
AMoRE     phasing          . ? 1 
CNS       refinement       . ? 2 
DENZO     'data reduction' . ? 3 
SCALEPACK 'data scaling'   . ? 4 
# 
_pdbx_validate_torsion.id              1 
_pdbx_validate_torsion.PDB_model_num   1 
_pdbx_validate_torsion.auth_comp_id    ARG 
_pdbx_validate_torsion.auth_asym_id    A 
_pdbx_validate_torsion.auth_seq_id     134 
_pdbx_validate_torsion.PDB_ins_code    ? 
_pdbx_validate_torsion.label_alt_id    ? 
_pdbx_validate_torsion.phi             72.34 
_pdbx_validate_torsion.psi             30.63 
# 
loop_
_pdbx_unobs_or_zero_occ_atoms.id 
_pdbx_unobs_or_zero_occ_atoms.PDB_model_num 
_pdbx_unobs_or_zero_occ_atoms.polymer_flag 
_pdbx_unobs_or_zero_occ_atoms.occupancy_flag 
_pdbx_unobs_or_zero_occ_atoms.auth_asym_id 
_pdbx_unobs_or_zero_occ_atoms.auth_comp_id 
_pdbx_unobs_or_zero_occ_atoms.auth_seq_id 
_pdbx_unobs_or_zero_occ_atoms.PDB_ins_code 
_pdbx_unobs_or_zero_occ_atoms.auth_atom_id 
_pdbx_unobs_or_zero_occ_atoms.label_alt_id 
_pdbx_unobs_or_zero_occ_atoms.label_asym_id 
_pdbx_unobs_or_zero_occ_atoms.label_comp_id 
_pdbx_unobs_or_zero_occ_atoms.label_seq_id 
_pdbx_unobs_or_zero_occ_atoms.label_atom_id 
1  1 Y 1 A LYS 186 ? CG  ? A LYS 108 CG  
2  1 Y 1 A LYS 186 ? CD  ? A LYS 108 CD  
3  1 Y 1 A LYS 186 ? CE  ? A LYS 108 CE  
4  1 Y 1 A LYS 186 ? NZ  ? A LYS 108 NZ  
5  1 Y 1 A LYS 198 ? CG  ? A LYS 120 CG  
6  1 Y 1 A LYS 198 ? CD  ? A LYS 120 CD  
7  1 Y 1 A LYS 198 ? CE  ? A LYS 120 CE  
8  1 Y 1 A LYS 198 ? NZ  ? A LYS 120 NZ  
9  1 Y 1 A LEU 206 ? CG  ? A LEU 128 CG  
10 1 Y 1 A LEU 206 ? CD1 ? A LEU 128 CD1 
11 1 Y 1 A LEU 206 ? CD2 ? A LEU 128 CD2 
# 
loop_
_chem_comp_atom.comp_id 
_chem_comp_atom.atom_id 
_chem_comp_atom.type_symbol 
_chem_comp_atom.pdbx_aromatic_flag 
_chem_comp_atom.pdbx_stereo_config 
_chem_comp_atom.pdbx_ordinal 
ALA N    N N N 1   
ALA CA   C N S 2   
ALA C    C N N 3   
ALA O    O N N 4   
ALA CB   C N N 5   
ALA OXT  O N N 6   
ALA H    H N N 7   
ALA H2   H N N 8   
ALA HA   H N N 9   
ALA HB1  H N N 10  
ALA HB2  H N N 11  
ALA HB3  H N N 12  
ALA HXT  H N N 13  
ARG N    N N N 14  
ARG CA   C N S 15  
ARG C    C N N 16  
ARG O    O N N 17  
ARG CB   C N N 18  
ARG CG   C N N 19  
ARG CD   C N N 20  
ARG NE   N N N 21  
ARG CZ   C N N 22  
ARG NH1  N N N 23  
ARG NH2  N N N 24  
ARG OXT  O N N 25  
ARG H    H N N 26  
ARG H2   H N N 27  
ARG HA   H N N 28  
ARG HB2  H N N 29  
ARG HB3  H N N 30  
ARG HG2  H N N 31  
ARG HG3  H N N 32  
ARG HD2  H N N 33  
ARG HD3  H N N 34  
ARG HE   H N N 35  
ARG HH11 H N N 36  
ARG HH12 H N N 37  
ARG HH21 H N N 38  
ARG HH22 H N N 39  
ARG HXT  H N N 40  
ASN N    N N N 41  
ASN CA   C N S 42  
ASN C    C N N 43  
ASN O    O N N 44  
ASN CB   C N N 45  
ASN CG   C N N 46  
ASN OD1  O N N 47  
ASN ND2  N N N 48  
ASN OXT  O N N 49  
ASN H    H N N 50  
ASN H2   H N N 51  
ASN HA   H N N 52  
ASN HB2  H N N 53  
ASN HB3  H N N 54  
ASN HD21 H N N 55  
ASN HD22 H N N 56  
ASN HXT  H N N 57  
ASP N    N N N 58  
ASP CA   C N S 59  
ASP C    C N N 60  
ASP O    O N N 61  
ASP CB   C N N 62  
ASP CG   C N N 63  
ASP OD1  O N N 64  
ASP OD2  O N N 65  
ASP OXT  O N N 66  
ASP H    H N N 67  
ASP H2   H N N 68  
ASP HA   H N N 69  
ASP HB2  H N N 70  
ASP HB3  H N N 71  
ASP HD2  H N N 72  
ASP HXT  H N N 73  
CYS N    N N N 74  
CYS CA   C N R 75  
CYS C    C N N 76  
CYS O    O N N 77  
CYS CB   C N N 78  
CYS SG   S N N 79  
CYS OXT  O N N 80  
CYS H    H N N 81  
CYS H2   H N N 82  
CYS HA   H N N 83  
CYS HB2  H N N 84  
CYS HB3  H N N 85  
CYS HG   H N N 86  
CYS HXT  H N N 87  
GLN N    N N N 88  
GLN CA   C N S 89  
GLN C    C N N 90  
GLN O    O N N 91  
GLN CB   C N N 92  
GLN CG   C N N 93  
GLN CD   C N N 94  
GLN OE1  O N N 95  
GLN NE2  N N N 96  
GLN OXT  O N N 97  
GLN H    H N N 98  
GLN H2   H N N 99  
GLN HA   H N N 100 
GLN HB2  H N N 101 
GLN HB3  H N N 102 
GLN HG2  H N N 103 
GLN HG3  H N N 104 
GLN HE21 H N N 105 
GLN HE22 H N N 106 
GLN HXT  H N N 107 
GLU N    N N N 108 
GLU CA   C N S 109 
GLU C    C N N 110 
GLU O    O N N 111 
GLU CB   C N N 112 
GLU CG   C N N 113 
GLU CD   C N N 114 
GLU OE1  O N N 115 
GLU OE2  O N N 116 
GLU OXT  O N N 117 
GLU H    H N N 118 
GLU H2   H N N 119 
GLU HA   H N N 120 
GLU HB2  H N N 121 
GLU HB3  H N N 122 
GLU HG2  H N N 123 
GLU HG3  H N N 124 
GLU HE2  H N N 125 
GLU HXT  H N N 126 
GLY N    N N N 127 
GLY CA   C N N 128 
GLY C    C N N 129 
GLY O    O N N 130 
GLY OXT  O N N 131 
GLY H    H N N 132 
GLY H2   H N N 133 
GLY HA2  H N N 134 
GLY HA3  H N N 135 
GLY HXT  H N N 136 
HIS N    N N N 137 
HIS CA   C N S 138 
HIS C    C N N 139 
HIS O    O N N 140 
HIS CB   C N N 141 
HIS CG   C Y N 142 
HIS ND1  N Y N 143 
HIS CD2  C Y N 144 
HIS CE1  C Y N 145 
HIS NE2  N Y N 146 
HIS OXT  O N N 147 
HIS H    H N N 148 
HIS H2   H N N 149 
HIS HA   H N N 150 
HIS HB2  H N N 151 
HIS HB3  H N N 152 
HIS HD1  H N N 153 
HIS HD2  H N N 154 
HIS HE1  H N N 155 
HIS HE2  H N N 156 
HIS HXT  H N N 157 
HOH O    O N N 158 
HOH H1   H N N 159 
HOH H2   H N N 160 
ILE N    N N N 161 
ILE CA   C N S 162 
ILE C    C N N 163 
ILE O    O N N 164 
ILE CB   C N S 165 
ILE CG1  C N N 166 
ILE CG2  C N N 167 
ILE CD1  C N N 168 
ILE OXT  O N N 169 
ILE H    H N N 170 
ILE H2   H N N 171 
ILE HA   H N N 172 
ILE HB   H N N 173 
ILE HG12 H N N 174 
ILE HG13 H N N 175 
ILE HG21 H N N 176 
ILE HG22 H N N 177 
ILE HG23 H N N 178 
ILE HD11 H N N 179 
ILE HD12 H N N 180 
ILE HD13 H N N 181 
ILE HXT  H N N 182 
LEU N    N N N 183 
LEU CA   C N S 184 
LEU C    C N N 185 
LEU O    O N N 186 
LEU CB   C N N 187 
LEU CG   C N N 188 
LEU CD1  C N N 189 
LEU CD2  C N N 190 
LEU OXT  O N N 191 
LEU H    H N N 192 
LEU H2   H N N 193 
LEU HA   H N N 194 
LEU HB2  H N N 195 
LEU HB3  H N N 196 
LEU HG   H N N 197 
LEU HD11 H N N 198 
LEU HD12 H N N 199 
LEU HD13 H N N 200 
LEU HD21 H N N 201 
LEU HD22 H N N 202 
LEU HD23 H N N 203 
LEU HXT  H N N 204 
LYS N    N N N 205 
LYS CA   C N S 206 
LYS C    C N N 207 
LYS O    O N N 208 
LYS CB   C N N 209 
LYS CG   C N N 210 
LYS CD   C N N 211 
LYS CE   C N N 212 
LYS NZ   N N N 213 
LYS OXT  O N N 214 
LYS H    H N N 215 
LYS H2   H N N 216 
LYS HA   H N N 217 
LYS HB2  H N N 218 
LYS HB3  H N N 219 
LYS HG2  H N N 220 
LYS HG3  H N N 221 
LYS HD2  H N N 222 
LYS HD3  H N N 223 
LYS HE2  H N N 224 
LYS HE3  H N N 225 
LYS HZ1  H N N 226 
LYS HZ2  H N N 227 
LYS HZ3  H N N 228 
LYS HXT  H N N 229 
MET N    N N N 230 
MET CA   C N S 231 
MET C    C N N 232 
MET O    O N N 233 
MET CB   C N N 234 
MET CG   C N N 235 
MET SD   S N N 236 
MET CE   C N N 237 
MET OXT  O N N 238 
MET H    H N N 239 
MET H2   H N N 240 
MET HA   H N N 241 
MET HB2  H N N 242 
MET HB3  H N N 243 
MET HG2  H N N 244 
MET HG3  H N N 245 
MET HE1  H N N 246 
MET HE2  H N N 247 
MET HE3  H N N 248 
MET HXT  H N N 249 
PHE N    N N N 250 
PHE CA   C N S 251 
PHE C    C N N 252 
PHE O    O N N 253 
PHE CB   C N N 254 
PHE CG   C Y N 255 
PHE CD1  C Y N 256 
PHE CD2  C Y N 257 
PHE CE1  C Y N 258 
PHE CE2  C Y N 259 
PHE CZ   C Y N 260 
PHE OXT  O N N 261 
PHE H    H N N 262 
PHE H2   H N N 263 
PHE HA   H N N 264 
PHE HB2  H N N 265 
PHE HB3  H N N 266 
PHE HD1  H N N 267 
PHE HD2  H N N 268 
PHE HE1  H N N 269 
PHE HE2  H N N 270 
PHE HZ   H N N 271 
PHE HXT  H N N 272 
PRO N    N N N 273 
PRO CA   C N S 274 
PRO C    C N N 275 
PRO O    O N N 276 
PRO CB   C N N 277 
PRO CG   C N N 278 
PRO CD   C N N 279 
PRO OXT  O N N 280 
PRO H    H N N 281 
PRO HA   H N N 282 
PRO HB2  H N N 283 
PRO HB3  H N N 284 
PRO HG2  H N N 285 
PRO HG3  H N N 286 
PRO HD2  H N N 287 
PRO HD3  H N N 288 
PRO HXT  H N N 289 
SER N    N N N 290 
SER CA   C N S 291 
SER C    C N N 292 
SER O    O N N 293 
SER CB   C N N 294 
SER OG   O N N 295 
SER OXT  O N N 296 
SER H    H N N 297 
SER H2   H N N 298 
SER HA   H N N 299 
SER HB2  H N N 300 
SER HB3  H N N 301 
SER HG   H N N 302 
SER HXT  H N N 303 
SO4 S    S N N 304 
SO4 O1   O N N 305 
SO4 O2   O N N 306 
SO4 O3   O N N 307 
SO4 O4   O N N 308 
THR N    N N N 309 
THR CA   C N S 310 
THR C    C N N 311 
THR O    O N N 312 
THR CB   C N R 313 
THR OG1  O N N 314 
THR CG2  C N N 315 
THR OXT  O N N 316 
THR H    H N N 317 
THR H2   H N N 318 
THR HA   H N N 319 
THR HB   H N N 320 
THR HG1  H N N 321 
THR HG21 H N N 322 
THR HG22 H N N 323 
THR HG23 H N N 324 
THR HXT  H N N 325 
TYR N    N N N 326 
TYR CA   C N S 327 
TYR C    C N N 328 
TYR O    O N N 329 
TYR CB   C N N 330 
TYR CG   C Y N 331 
TYR CD1  C Y N 332 
TYR CD2  C Y N 333 
TYR CE1  C Y N 334 
TYR CE2  C Y N 335 
TYR CZ   C Y N 336 
TYR OH   O N N 337 
TYR OXT  O N N 338 
TYR H    H N N 339 
TYR H2   H N N 340 
TYR HA   H N N 341 
TYR HB2  H N N 342 
TYR HB3  H N N 343 
TYR HD1  H N N 344 
TYR HD2  H N N 345 
TYR HE1  H N N 346 
TYR HE2  H N N 347 
TYR HH   H N N 348 
TYR HXT  H N N 349 
VAL N    N N N 350 
VAL CA   C N S 351 
VAL C    C N N 352 
VAL O    O N N 353 
VAL CB   C N N 354 
VAL CG1  C N N 355 
VAL CG2  C N N 356 
VAL OXT  O N N 357 
VAL H    H N N 358 
VAL H2   H N N 359 
VAL HA   H N N 360 
VAL HB   H N N 361 
VAL HG11 H N N 362 
VAL HG12 H N N 363 
VAL HG13 H N N 364 
VAL HG21 H N N 365 
VAL HG22 H N N 366 
VAL HG23 H N N 367 
VAL HXT  H N N 368 
# 
loop_
_chem_comp_bond.comp_id 
_chem_comp_bond.atom_id_1 
_chem_comp_bond.atom_id_2 
_chem_comp_bond.value_order 
_chem_comp_bond.pdbx_aromatic_flag 
_chem_comp_bond.pdbx_stereo_config 
_chem_comp_bond.pdbx_ordinal 
ALA N   CA   sing N N 1   
ALA N   H    sing N N 2   
ALA N   H2   sing N N 3   
ALA CA  C    sing N N 4   
ALA CA  CB   sing N N 5   
ALA CA  HA   sing N N 6   
ALA C   O    doub N N 7   
ALA C   OXT  sing N N 8   
ALA CB  HB1  sing N N 9   
ALA CB  HB2  sing N N 10  
ALA CB  HB3  sing N N 11  
ALA OXT HXT  sing N N 12  
ARG N   CA   sing N N 13  
ARG N   H    sing N N 14  
ARG N   H2   sing N N 15  
ARG CA  C    sing N N 16  
ARG CA  CB   sing N N 17  
ARG CA  HA   sing N N 18  
ARG C   O    doub N N 19  
ARG C   OXT  sing N N 20  
ARG CB  CG   sing N N 21  
ARG CB  HB2  sing N N 22  
ARG CB  HB3  sing N N 23  
ARG CG  CD   sing N N 24  
ARG CG  HG2  sing N N 25  
ARG CG  HG3  sing N N 26  
ARG CD  NE   sing N N 27  
ARG CD  HD2  sing N N 28  
ARG CD  HD3  sing N N 29  
ARG NE  CZ   sing N N 30  
ARG NE  HE   sing N N 31  
ARG CZ  NH1  sing N N 32  
ARG CZ  NH2  doub N N 33  
ARG NH1 HH11 sing N N 34  
ARG NH1 HH12 sing N N 35  
ARG NH2 HH21 sing N N 36  
ARG NH2 HH22 sing N N 37  
ARG OXT HXT  sing N N 38  
ASN N   CA   sing N N 39  
ASN N   H    sing N N 40  
ASN N   H2   sing N N 41  
ASN CA  C    sing N N 42  
ASN CA  CB   sing N N 43  
ASN CA  HA   sing N N 44  
ASN C   O    doub N N 45  
ASN C   OXT  sing N N 46  
ASN CB  CG   sing N N 47  
ASN CB  HB2  sing N N 48  
ASN CB  HB3  sing N N 49  
ASN CG  OD1  doub N N 50  
ASN CG  ND2  sing N N 51  
ASN ND2 HD21 sing N N 52  
ASN ND2 HD22 sing N N 53  
ASN OXT HXT  sing N N 54  
ASP N   CA   sing N N 55  
ASP N   H    sing N N 56  
ASP N   H2   sing N N 57  
ASP CA  C    sing N N 58  
ASP CA  CB   sing N N 59  
ASP CA  HA   sing N N 60  
ASP C   O    doub N N 61  
ASP C   OXT  sing N N 62  
ASP CB  CG   sing N N 63  
ASP CB  HB2  sing N N 64  
ASP CB  HB3  sing N N 65  
ASP CG  OD1  doub N N 66  
ASP CG  OD2  sing N N 67  
ASP OD2 HD2  sing N N 68  
ASP OXT HXT  sing N N 69  
CYS N   CA   sing N N 70  
CYS N   H    sing N N 71  
CYS N   H2   sing N N 72  
CYS CA  C    sing N N 73  
CYS CA  CB   sing N N 74  
CYS CA  HA   sing N N 75  
CYS C   O    doub N N 76  
CYS C   OXT  sing N N 77  
CYS CB  SG   sing N N 78  
CYS CB  HB2  sing N N 79  
CYS CB  HB3  sing N N 80  
CYS SG  HG   sing N N 81  
CYS OXT HXT  sing N N 82  
GLN N   CA   sing N N 83  
GLN N   H    sing N N 84  
GLN N   H2   sing N N 85  
GLN CA  C    sing N N 86  
GLN CA  CB   sing N N 87  
GLN CA  HA   sing N N 88  
GLN C   O    doub N N 89  
GLN C   OXT  sing N N 90  
GLN CB  CG   sing N N 91  
GLN CB  HB2  sing N N 92  
GLN CB  HB3  sing N N 93  
GLN CG  CD   sing N N 94  
GLN CG  HG2  sing N N 95  
GLN CG  HG3  sing N N 96  
GLN CD  OE1  doub N N 97  
GLN CD  NE2  sing N N 98  
GLN NE2 HE21 sing N N 99  
GLN NE2 HE22 sing N N 100 
GLN OXT HXT  sing N N 101 
GLU N   CA   sing N N 102 
GLU N   H    sing N N 103 
GLU N   H2   sing N N 104 
GLU CA  C    sing N N 105 
GLU CA  CB   sing N N 106 
GLU CA  HA   sing N N 107 
GLU C   O    doub N N 108 
GLU C   OXT  sing N N 109 
GLU CB  CG   sing N N 110 
GLU CB  HB2  sing N N 111 
GLU CB  HB3  sing N N 112 
GLU CG  CD   sing N N 113 
GLU CG  HG2  sing N N 114 
GLU CG  HG3  sing N N 115 
GLU CD  OE1  doub N N 116 
GLU CD  OE2  sing N N 117 
GLU OE2 HE2  sing N N 118 
GLU OXT HXT  sing N N 119 
GLY N   CA   sing N N 120 
GLY N   H    sing N N 121 
GLY N   H2   sing N N 122 
GLY CA  C    sing N N 123 
GLY CA  HA2  sing N N 124 
GLY CA  HA3  sing N N 125 
GLY C   O    doub N N 126 
GLY C   OXT  sing N N 127 
GLY OXT HXT  sing N N 128 
HIS N   CA   sing N N 129 
HIS N   H    sing N N 130 
HIS N   H2   sing N N 131 
HIS CA  C    sing N N 132 
HIS CA  CB   sing N N 133 
HIS CA  HA   sing N N 134 
HIS C   O    doub N N 135 
HIS C   OXT  sing N N 136 
HIS CB  CG   sing N N 137 
HIS CB  HB2  sing N N 138 
HIS CB  HB3  sing N N 139 
HIS CG  ND1  sing Y N 140 
HIS CG  CD2  doub Y N 141 
HIS ND1 CE1  doub Y N 142 
HIS ND1 HD1  sing N N 143 
HIS CD2 NE2  sing Y N 144 
HIS CD2 HD2  sing N N 145 
HIS CE1 NE2  sing Y N 146 
HIS CE1 HE1  sing N N 147 
HIS NE2 HE2  sing N N 148 
HIS OXT HXT  sing N N 149 
HOH O   H1   sing N N 150 
HOH O   H2   sing N N 151 
ILE N   CA   sing N N 152 
ILE N   H    sing N N 153 
ILE N   H2   sing N N 154 
ILE CA  C    sing N N 155 
ILE CA  CB   sing N N 156 
ILE CA  HA   sing N N 157 
ILE C   O    doub N N 158 
ILE C   OXT  sing N N 159 
ILE CB  CG1  sing N N 160 
ILE CB  CG2  sing N N 161 
ILE CB  HB   sing N N 162 
ILE CG1 CD1  sing N N 163 
ILE CG1 HG12 sing N N 164 
ILE CG1 HG13 sing N N 165 
ILE CG2 HG21 sing N N 166 
ILE CG2 HG22 sing N N 167 
ILE CG2 HG23 sing N N 168 
ILE CD1 HD11 sing N N 169 
ILE CD1 HD12 sing N N 170 
ILE CD1 HD13 sing N N 171 
ILE OXT HXT  sing N N 172 
LEU N   CA   sing N N 173 
LEU N   H    sing N N 174 
LEU N   H2   sing N N 175 
LEU CA  C    sing N N 176 
LEU CA  CB   sing N N 177 
LEU CA  HA   sing N N 178 
LEU C   O    doub N N 179 
LEU C   OXT  sing N N 180 
LEU CB  CG   sing N N 181 
LEU CB  HB2  sing N N 182 
LEU CB  HB3  sing N N 183 
LEU CG  CD1  sing N N 184 
LEU CG  CD2  sing N N 185 
LEU CG  HG   sing N N 186 
LEU CD1 HD11 sing N N 187 
LEU CD1 HD12 sing N N 188 
LEU CD1 HD13 sing N N 189 
LEU CD2 HD21 sing N N 190 
LEU CD2 HD22 sing N N 191 
LEU CD2 HD23 sing N N 192 
LEU OXT HXT  sing N N 193 
LYS N   CA   sing N N 194 
LYS N   H    sing N N 195 
LYS N   H2   sing N N 196 
LYS CA  C    sing N N 197 
LYS CA  CB   sing N N 198 
LYS CA  HA   sing N N 199 
LYS C   O    doub N N 200 
LYS C   OXT  sing N N 201 
LYS CB  CG   sing N N 202 
LYS CB  HB2  sing N N 203 
LYS CB  HB3  sing N N 204 
LYS CG  CD   sing N N 205 
LYS CG  HG2  sing N N 206 
LYS CG  HG3  sing N N 207 
LYS CD  CE   sing N N 208 
LYS CD  HD2  sing N N 209 
LYS CD  HD3  sing N N 210 
LYS CE  NZ   sing N N 211 
LYS CE  HE2  sing N N 212 
LYS CE  HE3  sing N N 213 
LYS NZ  HZ1  sing N N 214 
LYS NZ  HZ2  sing N N 215 
LYS NZ  HZ3  sing N N 216 
LYS OXT HXT  sing N N 217 
MET N   CA   sing N N 218 
MET N   H    sing N N 219 
MET N   H2   sing N N 220 
MET CA  C    sing N N 221 
MET CA  CB   sing N N 222 
MET CA  HA   sing N N 223 
MET C   O    doub N N 224 
MET C   OXT  sing N N 225 
MET CB  CG   sing N N 226 
MET CB  HB2  sing N N 227 
MET CB  HB3  sing N N 228 
MET CG  SD   sing N N 229 
MET CG  HG2  sing N N 230 
MET CG  HG3  sing N N 231 
MET SD  CE   sing N N 232 
MET CE  HE1  sing N N 233 
MET CE  HE2  sing N N 234 
MET CE  HE3  sing N N 235 
MET OXT HXT  sing N N 236 
PHE N   CA   sing N N 237 
PHE N   H    sing N N 238 
PHE N   H2   sing N N 239 
PHE CA  C    sing N N 240 
PHE CA  CB   sing N N 241 
PHE CA  HA   sing N N 242 
PHE C   O    doub N N 243 
PHE C   OXT  sing N N 244 
PHE CB  CG   sing N N 245 
PHE CB  HB2  sing N N 246 
PHE CB  HB3  sing N N 247 
PHE CG  CD1  doub Y N 248 
PHE CG  CD2  sing Y N 249 
PHE CD1 CE1  sing Y N 250 
PHE CD1 HD1  sing N N 251 
PHE CD2 CE2  doub Y N 252 
PHE CD2 HD2  sing N N 253 
PHE CE1 CZ   doub Y N 254 
PHE CE1 HE1  sing N N 255 
PHE CE2 CZ   sing Y N 256 
PHE CE2 HE2  sing N N 257 
PHE CZ  HZ   sing N N 258 
PHE OXT HXT  sing N N 259 
PRO N   CA   sing N N 260 
PRO N   CD   sing N N 261 
PRO N   H    sing N N 262 
PRO CA  C    sing N N 263 
PRO CA  CB   sing N N 264 
PRO CA  HA   sing N N 265 
PRO C   O    doub N N 266 
PRO C   OXT  sing N N 267 
PRO CB  CG   sing N N 268 
PRO CB  HB2  sing N N 269 
PRO CB  HB3  sing N N 270 
PRO CG  CD   sing N N 271 
PRO CG  HG2  sing N N 272 
PRO CG  HG3  sing N N 273 
PRO CD  HD2  sing N N 274 
PRO CD  HD3  sing N N 275 
PRO OXT HXT  sing N N 276 
SER N   CA   sing N N 277 
SER N   H    sing N N 278 
SER N   H2   sing N N 279 
SER CA  C    sing N N 280 
SER CA  CB   sing N N 281 
SER CA  HA   sing N N 282 
SER C   O    doub N N 283 
SER C   OXT  sing N N 284 
SER CB  OG   sing N N 285 
SER CB  HB2  sing N N 286 
SER CB  HB3  sing N N 287 
SER OG  HG   sing N N 288 
SER OXT HXT  sing N N 289 
SO4 S   O1   doub N N 290 
SO4 S   O2   doub N N 291 
SO4 S   O3   sing N N 292 
SO4 S   O4   sing N N 293 
THR N   CA   sing N N 294 
THR N   H    sing N N 295 
THR N   H2   sing N N 296 
THR CA  C    sing N N 297 
THR CA  CB   sing N N 298 
THR CA  HA   sing N N 299 
THR C   O    doub N N 300 
THR C   OXT  sing N N 301 
THR CB  OG1  sing N N 302 
THR CB  CG2  sing N N 303 
THR CB  HB   sing N N 304 
THR OG1 HG1  sing N N 305 
THR CG2 HG21 sing N N 306 
THR CG2 HG22 sing N N 307 
THR CG2 HG23 sing N N 308 
THR OXT HXT  sing N N 309 
TYR N   CA   sing N N 310 
TYR N   H    sing N N 311 
TYR N   H2   sing N N 312 
TYR CA  C    sing N N 313 
TYR CA  CB   sing N N 314 
TYR CA  HA   sing N N 315 
TYR C   O    doub N N 316 
TYR C   OXT  sing N N 317 
TYR CB  CG   sing N N 318 
TYR CB  HB2  sing N N 319 
TYR CB  HB3  sing N N 320 
TYR CG  CD1  doub Y N 321 
TYR CG  CD2  sing Y N 322 
TYR CD1 CE1  sing Y N 323 
TYR CD1 HD1  sing N N 324 
TYR CD2 CE2  doub Y N 325 
TYR CD2 HD2  sing N N 326 
TYR CE1 CZ   doub Y N 327 
TYR CE1 HE1  sing N N 328 
TYR CE2 CZ   sing Y N 329 
TYR CE2 HE2  sing N N 330 
TYR CZ  OH   sing N N 331 
TYR OH  HH   sing N N 332 
TYR OXT HXT  sing N N 333 
VAL N   CA   sing N N 334 
VAL N   H    sing N N 335 
VAL N   H2   sing N N 336 
VAL CA  C    sing N N 337 
VAL CA  CB   sing N N 338 
VAL CA  HA   sing N N 339 
VAL C   O    doub N N 340 
VAL C   OXT  sing N N 341 
VAL CB  CG1  sing N N 342 
VAL CB  CG2  sing N N 343 
VAL CB  HB   sing N N 344 
VAL CG1 HG11 sing N N 345 
VAL CG1 HG12 sing N N 346 
VAL CG1 HG13 sing N N 347 
VAL CG2 HG21 sing N N 348 
VAL CG2 HG22 sing N N 349 
VAL CG2 HG23 sing N N 350 
VAL OXT HXT  sing N N 351 
# 
loop_
_pdbx_entity_nonpoly.entity_id 
_pdbx_entity_nonpoly.name 
_pdbx_entity_nonpoly.comp_id 
2 'SULFATE ION' SO4 
3 water         HOH 
# 
_pdbx_initial_refinement_model.id               1 
_pdbx_initial_refinement_model.entity_id_list   ? 
_pdbx_initial_refinement_model.type             'experimental model' 
_pdbx_initial_refinement_model.source_name      PDB 
_pdbx_initial_refinement_model.accession_code   2FGF 
_pdbx_initial_refinement_model.details          'PDB ENTRY 2FGF' 
# 
